data_8TP6
#
_entry.id   8TP6
#
_cell.length_a   1.00
_cell.length_b   1.00
_cell.length_c   1.00
_cell.angle_alpha   90.00
_cell.angle_beta   90.00
_cell.angle_gamma   90.00
#
_symmetry.space_group_name_H-M   'P 1'
#
loop_
_entity.id
_entity.type
_entity.pdbx_description
1 polymer Hemagglutinin
2 polymer 'Heavy chain of 4-1-1E02 Fab'
3 polymer 'Light chain of 4-1-1E02 Fab'
4 branched beta-D-mannopyranose-(1-4)-2-acetamido-2-deoxy-beta-D-glucopyranose-(1-4)-[alpha-L-fucopyranose-(1-6)]2-acetamido-2-deoxy-beta-D-glucopyranose
5 branched 2-acetamido-2-deoxy-beta-D-glucopyranose-(1-4)-2-acetamido-2-deoxy-beta-D-glucopyranose
6 non-polymer 2-acetamido-2-deoxy-beta-D-glucopyranose
#
loop_
_entity_poly.entity_id
_entity_poly.type
_entity_poly.pdbx_seq_one_letter_code
_entity_poly.pdbx_strand_id
1 'polypeptide(L)'
;MAIIYLILLFTAVRGDQICIGYHANNSTEKVDTILERNVTVTHAKDILEKTHNGKLCKLNGIPPLELGDCSIAGWLLGNP
ECDRLLSVPEWSYIMEKENPRDGLCYPGSFNDYEELKHLLSSVKHFEKVKILPKDRWTQHTTTGGSRACAVSGNPSFFRN
MVWLTKKGSNYPVAKGSYNNTSGEQMLIIWGVHHPNDETEQRTLYQNVGTYVSVGTSTLNKRSTPDIATRPKVNGQGGRM
EFSWTLLDMWDTINFESTGNLIAPEYGFKISKRGSSGIMKTEGTLENCETKCQTPLGAINTTLPFHNVHPLTIGECPKYV
KSEKLVLATGLRNVPQIESRGLFGAIAGFIEGGWQGMVDGWYGYHHSNDQGSGYAADKESTQKAFDGITNKVNSVIEKMN
TQFEAVGKEFSNLERRLENLNKKMEDGFLDVWTYNAELLVLMENERTLDFHDSNVKNLYDKVRMQLRDNVKELGNGCFEF
YHKCDDECMNSVKNGTYDYPKYEE
;
A,B,E
2 'polypeptide(L)'
;QVQLQESGPGLVKPSQTLSLTCTVSGGSISSGNYYWSWIRQPAGEELECLGRIYTTGSTNYSPSLKSRVTISLETSKNQF
SLRLNSVTAADTAVYYCARGMDFGPTDAFDIWGQGTMVTVSS
;
H,C,F
3 'polypeptide(L)'
;DIQMTQSPSSLSASVGDRVTITCRASQSVSSYLNWYQQRSGKAPRLLIYTVTNFQSGVPSRFSGSGSGTDFTLTISSLQP
EDFATYYCQESYTSRLTFGGGTKVEIK
;
L,D,G
#
# COMPACT_ATOMS: atom_id res chain seq x y z
N ASP A 16 -76.23 -4.77 -32.84
CA ASP A 16 -75.02 -5.49 -33.20
C ASP A 16 -73.94 -5.34 -32.09
N GLN A 17 -72.76 -5.99 -32.28
CA GLN A 17 -71.69 -6.06 -31.26
C GLN A 17 -70.75 -4.89 -31.05
N ILE A 18 -70.25 -4.85 -29.83
CA ILE A 18 -69.20 -3.94 -29.40
C ILE A 18 -68.02 -4.78 -28.86
N CYS A 19 -66.86 -4.77 -29.56
CA CYS A 19 -65.68 -5.56 -29.19
C CYS A 19 -64.70 -4.72 -28.41
N ILE A 20 -64.00 -5.38 -27.49
CA ILE A 20 -62.97 -4.77 -26.69
C ILE A 20 -61.64 -5.38 -27.00
N GLY A 21 -60.66 -4.54 -27.25
CA GLY A 21 -59.35 -5.02 -27.60
C GLY A 21 -58.28 -3.99 -27.41
N TYR A 22 -57.19 -4.19 -28.12
CA TYR A 22 -56.02 -3.38 -27.96
C TYR A 22 -55.25 -3.15 -29.23
N HIS A 23 -54.39 -2.17 -29.18
CA HIS A 23 -53.50 -1.72 -30.25
C HIS A 23 -52.52 -2.77 -30.78
N ALA A 24 -52.35 -2.79 -32.11
CA ALA A 24 -51.34 -3.64 -32.75
C ALA A 24 -50.67 -2.79 -33.80
N ASN A 25 -49.46 -3.14 -34.17
CA ASN A 25 -48.80 -2.36 -35.21
C ASN A 25 -47.88 -3.26 -36.05
N ASN A 26 -46.97 -2.64 -36.85
CA ASN A 26 -46.03 -3.31 -37.75
C ASN A 26 -44.63 -3.51 -37.10
N SER A 27 -44.49 -3.33 -35.75
CA SER A 27 -43.23 -3.51 -35.03
C SER A 27 -42.74 -4.94 -35.01
N THR A 28 -41.45 -5.09 -35.19
CA THR A 28 -40.78 -6.38 -35.12
C THR A 28 -39.76 -6.33 -34.02
N GLU A 29 -39.89 -5.34 -33.15
CA GLU A 29 -38.98 -5.17 -32.02
C GLU A 29 -39.25 -6.24 -30.98
N LYS A 30 -38.21 -6.99 -30.59
CA LYS A 30 -38.44 -8.06 -29.62
C LYS A 30 -37.68 -7.88 -28.31
N VAL A 31 -38.33 -8.32 -27.23
CA VAL A 31 -37.77 -8.29 -25.89
C VAL A 31 -37.82 -9.65 -25.22
N ASP A 32 -37.02 -9.84 -24.18
CA ASP A 32 -37.09 -11.06 -23.41
C ASP A 32 -37.73 -10.81 -22.07
N THR A 33 -38.32 -11.84 -21.49
CA THR A 33 -38.91 -11.77 -20.16
C THR A 33 -38.42 -12.99 -19.39
N ILE A 34 -38.85 -13.12 -18.15
CA ILE A 34 -38.50 -14.27 -17.35
C ILE A 34 -39.05 -15.56 -17.92
N LEU A 35 -40.28 -15.53 -18.40
CA LEU A 35 -40.93 -16.74 -18.90
C LEU A 35 -40.84 -16.95 -20.43
N GLU A 36 -40.64 -15.88 -21.17
CA GLU A 36 -40.63 -15.92 -22.63
C GLU A 36 -39.38 -15.32 -23.26
N ARG A 37 -39.05 -15.74 -24.47
CA ARG A 37 -37.93 -15.15 -25.19
C ARG A 37 -38.42 -14.75 -26.57
N ASN A 38 -37.78 -13.72 -27.23
CA ASN A 38 -38.12 -13.23 -28.58
C ASN A 38 -39.61 -12.80 -28.68
N VAL A 39 -40.10 -12.00 -27.71
CA VAL A 39 -41.48 -11.51 -27.65
C VAL A 39 -41.61 -10.20 -28.38
N THR A 40 -42.48 -10.13 -29.37
CA THR A 40 -42.60 -8.90 -30.13
C THR A 40 -43.47 -7.92 -29.38
N VAL A 41 -43.05 -6.66 -29.29
CA VAL A 41 -43.81 -5.62 -28.62
C VAL A 41 -44.07 -4.46 -29.55
N THR A 42 -45.12 -3.69 -29.27
CA THR A 42 -45.47 -2.57 -30.12
C THR A 42 -44.50 -1.43 -29.97
N HIS A 43 -43.96 -1.27 -28.77
CA HIS A 43 -43.04 -0.20 -28.44
C HIS A 43 -42.03 -0.69 -27.42
N ALA A 44 -40.81 -0.17 -27.47
CA ALA A 44 -39.82 -0.53 -26.47
C ALA A 44 -38.80 0.58 -26.30
N LYS A 45 -38.14 0.59 -25.15
CA LYS A 45 -37.10 1.55 -24.87
C LYS A 45 -35.80 0.88 -24.50
N ASP A 46 -34.77 1.24 -25.20
CA ASP A 46 -33.46 0.71 -24.96
C ASP A 46 -32.83 1.54 -23.86
N ILE A 47 -32.49 0.93 -22.73
CA ILE A 47 -31.95 1.69 -21.61
C ILE A 47 -30.46 1.48 -21.44
N LEU A 48 -29.85 0.86 -22.45
CA LEU A 48 -28.42 0.64 -22.48
C LEU A 48 -27.82 1.56 -23.53
N GLU A 49 -26.97 2.47 -23.14
CA GLU A 49 -26.40 3.36 -24.12
C GLU A 49 -25.25 2.68 -24.82
N LYS A 50 -25.35 2.54 -26.13
CA LYS A 50 -24.34 1.85 -26.88
C LYS A 50 -23.47 2.74 -27.77
N THR A 51 -23.85 4.00 -28.02
CA THR A 51 -23.07 4.79 -28.98
C THR A 51 -22.48 6.07 -28.44
N HIS A 52 -21.19 6.24 -28.66
CA HIS A 52 -20.48 7.43 -28.27
C HIS A 52 -20.24 8.36 -29.46
N ASN A 53 -19.66 9.54 -29.20
CA ASN A 53 -19.39 10.54 -30.23
C ASN A 53 -18.22 10.25 -31.14
N GLY A 54 -17.24 9.54 -30.62
CA GLY A 54 -16.01 9.29 -31.36
C GLY A 54 -15.01 10.42 -31.16
N LYS A 55 -15.44 11.43 -30.40
CA LYS A 55 -14.63 12.60 -30.16
C LYS A 55 -14.22 12.70 -28.73
N LEU A 56 -13.08 13.28 -28.51
CA LEU A 56 -12.63 13.59 -27.18
C LEU A 56 -13.08 15.03 -26.97
N CYS A 57 -13.90 15.28 -25.92
CA CYS A 57 -14.55 16.54 -25.62
C CYS A 57 -14.08 17.16 -24.31
N LYS A 58 -14.52 18.40 -24.08
CA LYS A 58 -14.25 19.08 -22.84
C LYS A 58 -15.22 18.47 -21.85
N LEU A 59 -14.81 18.33 -20.61
CA LEU A 59 -15.68 17.73 -19.62
C LEU A 59 -16.25 18.81 -18.73
N ASN A 60 -17.57 18.98 -18.77
CA ASN A 60 -18.28 20.01 -18.02
C ASN A 60 -17.74 21.40 -18.35
N GLY A 61 -17.38 21.62 -19.61
CA GLY A 61 -16.89 22.91 -20.09
C GLY A 61 -15.39 23.15 -19.92
N ILE A 62 -14.68 22.24 -19.27
CA ILE A 62 -13.26 22.40 -19.02
C ILE A 62 -12.50 21.35 -19.83
N PRO A 63 -11.52 21.71 -20.66
CA PRO A 63 -10.80 20.82 -21.50
C PRO A 63 -9.90 19.94 -20.68
N PRO A 64 -9.39 18.87 -21.22
CA PRO A 64 -8.34 18.05 -20.69
C PRO A 64 -7.01 18.70 -20.85
N LEU A 65 -6.05 18.24 -20.08
CA LEU A 65 -4.69 18.62 -20.33
C LEU A 65 -4.28 17.75 -21.49
N GLU A 66 -3.71 18.29 -22.54
CA GLU A 66 -3.32 17.43 -23.65
C GLU A 66 -1.83 17.25 -23.70
N LEU A 67 -1.33 16.11 -23.25
CA LEU A 67 0.11 15.91 -23.20
C LEU A 67 0.64 15.37 -24.52
N GLY A 68 -0.23 14.82 -25.35
CA GLY A 68 0.26 14.25 -26.59
C GLY A 68 1.22 13.10 -26.31
N ASP A 69 2.43 13.24 -26.83
CA ASP A 69 3.48 12.23 -26.71
C ASP A 69 4.31 12.22 -25.41
N CYS A 70 4.07 13.19 -24.49
CA CYS A 70 4.78 13.38 -23.23
C CYS A 70 4.12 12.64 -22.08
N SER A 71 4.94 12.32 -21.11
CA SER A 71 4.46 11.75 -19.86
C SER A 71 4.29 12.88 -18.87
N ILE A 72 3.71 12.61 -17.71
CA ILE A 72 3.62 13.64 -16.68
C ILE A 72 4.97 14.11 -16.24
N ALA A 73 5.91 13.18 -16.00
CA ALA A 73 7.22 13.62 -15.57
C ALA A 73 7.86 14.47 -16.65
N GLY A 74 7.66 14.12 -17.91
CA GLY A 74 8.26 14.89 -18.99
C GLY A 74 7.76 16.32 -18.93
N TRP A 75 6.46 16.48 -18.83
CA TRP A 75 5.85 17.78 -18.76
C TRP A 75 6.30 18.64 -17.60
N LEU A 76 6.32 18.07 -16.40
CA LEU A 76 6.68 18.83 -15.21
C LEU A 76 8.16 19.10 -15.06
N LEU A 77 8.98 18.18 -15.51
CA LEU A 77 10.40 18.39 -15.37
C LEU A 77 10.84 19.31 -16.49
N GLY A 78 10.14 19.30 -17.60
CA GLY A 78 10.53 20.13 -18.70
C GLY A 78 11.37 19.42 -19.74
N ASN A 79 10.99 18.20 -20.10
CA ASN A 79 11.70 17.48 -21.12
C ASN A 79 11.85 18.47 -22.26
N PRO A 80 13.02 18.65 -22.87
CA PRO A 80 13.25 19.57 -23.94
C PRO A 80 12.29 19.43 -25.10
N GLU A 81 11.69 18.26 -25.25
CA GLU A 81 10.75 17.95 -26.33
C GLU A 81 9.25 18.22 -26.02
N CYS A 82 8.94 18.72 -24.80
CA CYS A 82 7.59 18.97 -24.27
C CYS A 82 7.36 20.48 -24.09
N ASP A 83 7.99 21.32 -24.88
CA ASP A 83 7.85 22.75 -24.70
C ASP A 83 6.62 23.34 -25.38
N ARG A 84 5.78 22.49 -25.95
CA ARG A 84 4.54 22.90 -26.54
C ARG A 84 3.39 22.64 -25.58
N LEU A 85 3.72 22.12 -24.39
CA LEU A 85 2.71 21.81 -23.39
C LEU A 85 2.63 22.88 -22.32
N LEU A 86 3.34 23.97 -22.55
CA LEU A 86 3.47 25.05 -21.59
C LEU A 86 2.26 25.97 -21.60
N SER A 87 1.30 25.64 -22.46
CA SER A 87 0.06 26.35 -22.56
C SER A 87 -0.78 26.14 -21.31
N VAL A 88 -0.58 25.01 -20.62
CA VAL A 88 -1.26 24.72 -19.35
C VAL A 88 -2.69 25.31 -19.25
N PRO A 89 -3.65 24.90 -20.07
CA PRO A 89 -5.02 25.37 -20.03
C PRO A 89 -5.62 24.75 -18.81
N GLU A 90 -6.66 25.34 -18.24
CA GLU A 90 -7.32 24.69 -17.09
C GLU A 90 -7.85 23.34 -17.53
N TRP A 91 -7.64 22.29 -16.72
CA TRP A 91 -8.08 20.99 -17.13
C TRP A 91 -8.93 20.22 -16.14
N SER A 92 -9.79 19.36 -16.65
CA SER A 92 -10.62 18.53 -15.77
C SER A 92 -10.29 17.06 -15.77
N TYR A 93 -9.39 16.68 -16.65
CA TYR A 93 -8.90 15.31 -16.75
C TYR A 93 -7.60 15.41 -17.49
N ILE A 94 -6.77 14.38 -17.43
CA ILE A 94 -5.55 14.44 -18.22
C ILE A 94 -5.57 13.47 -19.35
N MET A 95 -5.25 13.94 -20.53
CA MET A 95 -5.21 13.09 -21.70
C MET A 95 -3.76 12.78 -22.05
N GLU A 96 -3.43 11.50 -22.05
CA GLU A 96 -2.06 11.06 -22.27
C GLU A 96 -1.99 9.91 -23.24
N LYS A 97 -1.03 9.91 -24.16
CA LYS A 97 -0.86 8.78 -25.03
C LYS A 97 -0.38 7.58 -24.23
N GLU A 98 -0.92 6.41 -24.48
CA GLU A 98 -0.44 5.24 -23.76
C GLU A 98 0.99 4.98 -24.16
N ASN A 99 1.85 4.64 -23.21
CA ASN A 99 3.26 4.39 -23.48
C ASN A 99 3.88 5.58 -24.19
N PRO A 100 3.90 6.76 -23.57
CA PRO A 100 4.38 8.00 -24.12
C PRO A 100 5.86 7.89 -24.29
N ARG A 101 6.38 8.68 -25.22
CA ARG A 101 7.80 8.69 -25.53
C ARG A 101 8.59 9.74 -24.76
N ASP A 102 8.04 10.93 -24.68
CA ASP A 102 8.78 12.05 -24.13
C ASP A 102 8.65 12.11 -22.61
N GLY A 103 9.36 11.20 -21.98
CA GLY A 103 9.34 11.03 -20.53
C GLY A 103 10.59 11.60 -19.92
N LEU A 104 11.44 10.74 -19.40
CA LEU A 104 12.66 11.24 -18.82
C LEU A 104 13.75 11.05 -19.87
N CYS A 105 14.28 12.16 -20.43
CA CYS A 105 15.31 12.15 -21.48
C CYS A 105 16.64 11.64 -20.92
N TYR A 106 16.82 11.85 -19.64
CA TYR A 106 17.97 11.36 -18.94
C TYR A 106 17.37 10.19 -18.21
N PRO A 107 17.88 8.97 -18.29
CA PRO A 107 17.27 7.80 -17.70
C PRO A 107 17.17 7.99 -16.21
N GLY A 108 16.12 7.48 -15.63
CA GLY A 108 15.93 7.67 -14.22
C GLY A 108 14.63 7.08 -13.75
N SER A 109 14.21 7.51 -12.57
CA SER A 109 13.01 7.04 -11.93
C SER A 109 12.38 8.19 -11.19
N PHE A 110 11.12 8.05 -10.86
CA PHE A 110 10.44 9.11 -10.15
C PHE A 110 9.71 8.44 -8.99
N ASN A 111 9.98 8.88 -7.77
CA ASN A 111 9.38 8.31 -6.58
C ASN A 111 7.98 8.75 -6.40
N ASP A 112 7.13 7.84 -5.93
CA ASP A 112 5.76 8.20 -5.68
C ASP A 112 5.17 8.85 -6.92
N TYR A 113 5.49 8.27 -8.06
CA TYR A 113 5.05 8.80 -9.31
C TYR A 113 3.59 8.61 -9.51
N GLU A 114 3.08 7.45 -9.13
CA GLU A 114 1.68 7.17 -9.26
C GLU A 114 0.87 8.08 -8.38
N GLU A 115 1.40 8.40 -7.22
CA GLU A 115 0.70 9.26 -6.29
C GLU A 115 0.65 10.66 -6.90
N LEU A 116 1.73 11.10 -7.54
CA LEU A 116 1.70 12.39 -8.20
C LEU A 116 0.75 12.39 -9.37
N LYS A 117 0.75 11.33 -10.17
CA LYS A 117 -0.16 11.28 -11.30
C LYS A 117 -1.60 11.42 -10.83
N HIS A 118 -1.93 10.81 -9.70
CA HIS A 118 -3.25 10.93 -9.11
C HIS A 118 -3.49 12.35 -8.65
N LEU A 119 -2.54 12.95 -7.95
CA LEU A 119 -2.71 14.32 -7.47
C LEU A 119 -3.05 15.28 -8.56
N LEU A 120 -2.33 15.20 -9.66
CA LEU A 120 -2.46 16.15 -10.73
C LEU A 120 -3.75 16.07 -11.49
N SER A 121 -4.51 15.01 -11.35
CA SER A 121 -5.71 14.97 -12.14
C SER A 121 -6.73 15.97 -11.58
N SER A 122 -6.57 16.35 -10.30
CA SER A 122 -7.45 17.27 -9.59
C SER A 122 -7.06 18.71 -9.80
N VAL A 123 -5.88 18.92 -10.34
CA VAL A 123 -5.39 20.24 -10.39
C VAL A 123 -5.89 20.89 -11.56
N LYS A 124 -7.03 21.50 -11.45
CA LYS A 124 -7.54 22.04 -12.66
C LYS A 124 -6.54 23.07 -13.22
N HIS A 125 -5.78 23.78 -12.37
CA HIS A 125 -4.82 24.68 -13.00
C HIS A 125 -3.62 25.01 -12.13
N PHE A 126 -2.49 25.08 -12.83
CA PHE A 126 -1.20 25.45 -12.30
C PHE A 126 -0.71 26.77 -12.72
N GLU A 127 -0.05 27.42 -11.82
CA GLU A 127 0.73 28.57 -12.19
C GLU A 127 2.17 28.19 -11.98
N LYS A 128 2.99 28.29 -13.01
CA LYS A 128 4.37 27.91 -12.81
C LYS A 128 5.09 29.12 -12.22
N VAL A 129 5.75 28.92 -11.10
CA VAL A 129 6.38 29.99 -10.35
C VAL A 129 7.87 29.84 -10.20
N LYS A 130 8.61 30.90 -10.52
CA LYS A 130 10.06 30.82 -10.41
C LYS A 130 10.56 31.00 -8.99
N ILE A 131 10.60 29.89 -8.29
CA ILE A 131 10.99 29.85 -6.89
C ILE A 131 12.46 30.14 -6.62
N LEU A 132 13.34 29.48 -7.37
CA LEU A 132 14.78 29.60 -7.12
C LEU A 132 15.51 29.97 -8.38
N PRO A 133 15.57 31.23 -8.78
CA PRO A 133 16.11 31.63 -10.04
C PRO A 133 17.45 31.01 -10.16
N LYS A 134 17.75 30.46 -11.33
CA LYS A 134 19.00 29.74 -11.48
C LYS A 134 20.24 30.57 -11.32
N ASP A 135 20.12 31.88 -11.37
CA ASP A 135 21.27 32.74 -11.23
C ASP A 135 21.60 33.07 -9.78
N ARG A 136 20.88 32.45 -8.82
CA ARG A 136 21.19 32.66 -7.43
C ARG A 136 22.37 31.81 -6.98
N TRP A 137 22.63 30.71 -7.67
CA TRP A 137 23.72 29.85 -7.28
C TRP A 137 24.99 30.31 -7.92
N THR A 138 25.53 31.38 -7.38
CA THR A 138 26.67 32.08 -7.95
C THR A 138 27.97 31.34 -7.79
N GLN A 139 27.99 30.34 -6.93
CA GLN A 139 29.16 29.54 -6.67
C GLN A 139 29.10 28.16 -7.31
N HIS A 140 28.11 27.92 -8.17
CA HIS A 140 27.98 26.61 -8.79
C HIS A 140 27.78 26.74 -10.26
N THR A 141 28.08 25.70 -11.00
CA THR A 141 27.80 25.77 -12.41
C THR A 141 26.35 25.36 -12.58
N THR A 142 25.58 26.20 -13.26
CA THR A 142 24.15 26.01 -13.49
C THR A 142 23.82 25.81 -14.96
N THR A 143 24.86 25.59 -15.75
CA THR A 143 24.82 25.50 -17.20
C THR A 143 25.08 24.12 -17.77
N GLY A 144 24.94 23.09 -16.97
CA GLY A 144 25.24 21.75 -17.45
C GLY A 144 24.06 21.19 -18.22
N GLY A 145 24.16 19.95 -18.63
CA GLY A 145 23.14 19.30 -19.42
C GLY A 145 23.64 17.95 -19.81
N SER A 146 23.02 17.33 -20.79
CA SER A 146 23.40 16.01 -21.26
C SER A 146 23.07 15.81 -22.71
N ARG A 147 23.87 15.01 -23.41
CA ARG A 147 23.57 14.77 -24.82
C ARG A 147 22.31 13.94 -24.94
N ALA A 148 21.94 13.27 -23.86
CA ALA A 148 20.72 12.47 -23.83
C ALA A 148 19.45 13.31 -24.08
N CYS A 149 19.45 14.60 -23.68
CA CYS A 149 18.37 15.57 -23.73
C CYS A 149 18.67 16.59 -24.83
N ALA A 150 19.65 16.31 -25.69
CA ALA A 150 20.10 17.28 -26.66
C ALA A 150 19.06 17.75 -27.63
N VAL A 151 19.18 19.02 -27.97
CA VAL A 151 18.32 19.68 -28.93
C VAL A 151 19.17 20.19 -30.06
N SER A 152 18.84 19.77 -31.28
CA SER A 152 19.57 20.15 -32.47
C SER A 152 21.05 19.81 -32.36
N GLY A 153 21.33 18.68 -31.72
CA GLY A 153 22.68 18.17 -31.58
C GLY A 153 23.46 18.72 -30.38
N ASN A 154 22.92 19.72 -29.69
CA ASN A 154 23.67 20.30 -28.59
C ASN A 154 23.12 19.80 -27.25
N PRO A 155 23.95 19.51 -26.24
CA PRO A 155 23.53 19.05 -24.92
C PRO A 155 22.54 20.01 -24.32
N SER A 156 21.57 19.48 -23.61
CA SER A 156 20.56 20.30 -22.97
C SER A 156 20.03 19.62 -21.75
N PHE A 157 18.96 20.13 -21.17
CA PHE A 157 18.47 19.50 -19.95
C PHE A 157 17.03 19.82 -19.74
N PHE A 158 16.49 19.29 -18.68
CA PHE A 158 15.13 19.56 -18.36
C PHE A 158 15.03 21.05 -18.11
N ARG A 159 14.04 21.67 -18.70
CA ARG A 159 13.87 23.10 -18.66
C ARG A 159 13.48 23.70 -17.33
N ASN A 160 12.87 22.95 -16.43
CA ASN A 160 12.46 23.54 -15.16
C ASN A 160 13.42 23.26 -14.01
N MET A 161 14.61 22.72 -14.31
CA MET A 161 15.56 22.37 -13.24
C MET A 161 16.99 22.72 -13.51
N VAL A 162 17.75 22.83 -12.43
CA VAL A 162 19.14 23.17 -12.49
C VAL A 162 20.05 22.05 -12.05
N TRP A 163 20.92 21.60 -12.93
CA TRP A 163 21.85 20.55 -12.57
C TRP A 163 23.03 21.23 -11.97
N LEU A 164 23.21 21.14 -10.67
CA LEU A 164 24.29 21.89 -10.05
C LEU A 164 25.54 21.08 -10.00
N THR A 165 26.60 21.62 -10.56
CA THR A 165 27.88 20.94 -10.54
C THR A 165 28.92 21.86 -9.99
N LYS A 166 30.15 21.33 -9.91
CA LYS A 166 31.26 22.07 -9.29
C LYS A 166 31.75 23.24 -10.15
N LYS A 167 32.17 24.33 -9.51
CA LYS A 167 32.73 25.50 -10.15
C LYS A 167 34.14 25.64 -9.60
N GLY A 168 35.08 26.03 -10.43
CA GLY A 168 36.42 26.16 -9.92
C GLY A 168 36.94 24.81 -9.44
N SER A 169 37.38 24.75 -8.21
CA SER A 169 37.90 23.52 -7.65
C SER A 169 36.99 22.94 -6.60
N ASN A 170 35.74 23.42 -6.47
CA ASN A 170 34.94 22.86 -5.40
C ASN A 170 33.43 22.90 -5.61
N TYR A 171 32.72 22.36 -4.64
CA TYR A 171 31.28 22.33 -4.59
C TYR A 171 30.86 22.81 -3.20
N PRO A 172 30.74 24.11 -2.97
CA PRO A 172 30.39 24.67 -1.70
C PRO A 172 29.05 24.11 -1.36
N VAL A 173 28.73 23.98 -0.10
CA VAL A 173 27.45 23.39 0.18
C VAL A 173 26.41 24.26 -0.46
N ALA A 174 25.54 23.65 -1.22
CA ALA A 174 24.54 24.38 -1.93
C ALA A 174 23.37 24.51 -1.03
N LYS A 175 22.88 25.72 -0.84
CA LYS A 175 21.75 25.93 0.01
C LYS A 175 20.76 26.84 -0.63
N GLY A 176 19.51 26.70 -0.24
CA GLY A 176 18.49 27.63 -0.66
C GLY A 176 17.17 27.31 -0.04
N SER A 177 16.25 28.25 -0.06
CA SER A 177 14.97 28.01 0.53
C SER A 177 13.91 28.90 -0.04
N TYR A 178 12.69 28.51 0.22
CA TYR A 178 11.54 29.29 -0.20
C TYR A 178 10.44 29.25 0.84
N ASN A 179 9.84 30.42 1.20
CA ASN A 179 8.84 30.58 2.26
C ASN A 179 7.36 30.48 1.81
N ASN A 180 7.07 30.11 0.56
CA ASN A 180 5.72 29.93 -0.01
C ASN A 180 4.70 31.01 0.30
N THR A 181 5.00 32.20 -0.13
CA THR A 181 4.18 33.37 0.11
C THR A 181 3.33 33.67 -1.09
N SER A 182 3.26 32.70 -1.99
CA SER A 182 2.55 32.72 -3.26
C SER A 182 1.04 32.75 -3.08
N GLY A 183 0.59 32.41 -1.89
CA GLY A 183 -0.82 32.39 -1.55
C GLY A 183 -1.49 31.05 -1.65
N GLU A 184 -0.80 30.03 -2.15
CA GLU A 184 -1.36 28.70 -2.27
C GLU A 184 -0.27 27.62 -2.25
N GLN A 185 -0.65 26.40 -1.89
CA GLN A 185 0.19 25.23 -1.80
C GLN A 185 0.94 24.94 -3.10
N MET A 186 2.23 24.62 -2.97
CA MET A 186 3.04 24.36 -4.15
C MET A 186 3.66 23.00 -4.25
N LEU A 187 3.71 22.51 -5.47
CA LEU A 187 4.36 21.28 -5.81
C LEU A 187 5.80 21.51 -6.21
N ILE A 188 6.68 20.92 -5.43
CA ILE A 188 8.10 21.09 -5.64
C ILE A 188 8.73 19.76 -5.95
N ILE A 189 9.47 19.73 -7.06
CA ILE A 189 10.13 18.53 -7.56
C ILE A 189 11.63 18.71 -7.62
N TRP A 190 12.38 17.76 -7.12
CA TRP A 190 13.83 17.87 -7.13
C TRP A 190 14.41 16.51 -7.28
N GLY A 191 15.71 16.39 -7.50
CA GLY A 191 16.22 15.04 -7.58
C GLY A 191 17.69 14.87 -7.29
N VAL A 192 18.10 13.61 -7.33
CA VAL A 192 19.46 13.20 -7.04
C VAL A 192 20.08 12.45 -8.19
N HIS A 193 21.28 12.83 -8.53
CA HIS A 193 21.98 12.18 -9.61
C HIS A 193 22.87 11.05 -9.12
N HIS A 194 22.70 9.88 -9.69
CA HIS A 194 23.46 8.68 -9.36
C HIS A 194 24.44 8.30 -10.50
N PRO A 195 25.74 8.60 -10.38
CA PRO A 195 26.81 8.34 -11.32
C PRO A 195 27.08 6.87 -11.44
N ASN A 196 27.73 6.43 -12.51
CA ASN A 196 28.04 5.00 -12.54
C ASN A 196 29.52 4.77 -12.34
N ASP A 197 30.20 5.77 -11.79
CA ASP A 197 31.62 5.72 -11.57
C ASP A 197 32.07 6.69 -10.49
N GLU A 198 33.26 6.44 -9.97
CA GLU A 198 33.84 7.36 -9.01
C GLU A 198 34.39 8.51 -9.78
N THR A 199 34.90 8.23 -10.97
CA THR A 199 35.47 9.28 -11.77
C THR A 199 34.38 10.29 -12.08
N GLU A 200 33.20 9.81 -12.43
CA GLU A 200 32.10 10.70 -12.74
C GLU A 200 31.72 11.53 -11.54
N GLN A 201 31.68 10.91 -10.35
CA GLN A 201 31.34 11.66 -9.15
C GLN A 201 32.34 12.74 -8.86
N ARG A 202 33.61 12.46 -9.01
CA ARG A 202 34.56 13.49 -8.72
C ARG A 202 34.58 14.57 -9.78
N THR A 203 34.46 14.19 -11.03
CA THR A 203 34.52 15.15 -12.12
C THR A 203 33.39 16.14 -12.02
N LEU A 204 32.20 15.69 -11.67
CA LEU A 204 31.12 16.64 -11.60
C LEU A 204 30.92 17.29 -10.24
N TYR A 205 31.21 16.61 -9.12
CA TYR A 205 30.88 17.22 -7.84
C TYR A 205 32.00 17.45 -6.85
N GLN A 206 33.25 17.07 -7.15
CA GLN A 206 34.42 17.17 -6.27
C GLN A 206 34.42 16.24 -5.07
N ASN A 207 33.37 16.32 -4.27
CA ASN A 207 33.19 15.51 -3.08
C ASN A 207 32.65 14.16 -3.46
N VAL A 208 33.02 13.12 -2.72
CA VAL A 208 32.46 11.79 -2.99
C VAL A 208 31.41 11.35 -1.98
N GLY A 209 31.66 11.54 -0.69
CA GLY A 209 30.71 11.10 0.33
C GLY A 209 29.60 12.14 0.52
N THR A 210 28.85 12.37 -0.55
CA THR A 210 27.85 13.41 -0.60
C THR A 210 26.48 12.97 -0.17
N TYR A 211 25.63 13.97 0.06
CA TYR A 211 24.24 13.77 0.39
C TYR A 211 23.41 14.94 -0.09
N VAL A 212 22.12 14.68 -0.19
CA VAL A 212 21.12 15.69 -0.48
C VAL A 212 20.04 15.66 0.60
N SER A 213 19.78 16.81 1.21
CA SER A 213 18.82 16.91 2.29
C SER A 213 17.79 17.97 2.05
N VAL A 214 16.53 17.56 2.14
CA VAL A 214 15.42 18.47 1.92
C VAL A 214 14.37 18.39 3.01
N GLY A 215 13.86 19.53 3.47
CA GLY A 215 12.77 19.42 4.42
C GLY A 215 11.93 20.66 4.60
N THR A 216 10.78 20.43 5.23
CA THR A 216 9.72 21.41 5.49
C THR A 216 9.22 21.18 6.90
N SER A 217 8.08 21.76 7.26
CA SER A 217 7.57 21.51 8.59
C SER A 217 7.07 20.06 8.74
N THR A 218 6.80 19.39 7.61
CA THR A 218 6.31 18.01 7.64
C THR A 218 7.25 17.01 6.95
N LEU A 219 8.12 17.48 6.08
CA LEU A 219 9.02 16.63 5.31
C LEU A 219 10.39 16.58 5.91
N ASN A 220 10.94 15.40 6.01
CA ASN A 220 12.28 15.22 6.49
C ASN A 220 12.94 14.15 5.64
N LYS A 221 13.62 14.55 4.58
CA LYS A 221 14.16 13.58 3.64
C LYS A 221 15.64 13.74 3.37
N ARG A 222 16.38 12.66 3.50
CA ARG A 222 17.78 12.70 3.19
C ARG A 222 18.19 11.47 2.44
N SER A 223 18.98 11.66 1.40
CA SER A 223 19.47 10.54 0.62
C SER A 223 20.87 10.78 0.12
N THR A 224 21.52 9.70 -0.27
CA THR A 224 22.87 9.78 -0.79
C THR A 224 22.87 9.15 -2.16
N PRO A 225 23.80 9.48 -3.05
CA PRO A 225 23.92 8.88 -4.35
C PRO A 225 24.42 7.46 -4.25
N ASP A 226 23.97 6.64 -5.18
CA ASP A 226 24.38 5.28 -5.37
C ASP A 226 25.32 5.18 -6.55
N ILE A 227 26.61 5.02 -6.31
CA ILE A 227 27.53 4.96 -7.43
C ILE A 227 27.81 3.53 -7.76
N ALA A 228 27.36 3.10 -8.93
CA ALA A 228 27.50 1.70 -9.30
C ALA A 228 27.36 1.47 -10.79
N THR A 229 27.90 0.36 -11.28
CA THR A 229 27.72 0.02 -12.68
C THR A 229 26.31 -0.40 -12.98
N ARG A 230 25.75 0.20 -14.01
CA ARG A 230 24.40 -0.05 -14.46
C ARG A 230 24.43 -0.17 -15.99
N PRO A 231 23.46 -0.86 -16.61
CA PRO A 231 23.28 -0.93 -18.05
C PRO A 231 23.02 0.44 -18.61
N LYS A 232 23.42 0.66 -19.84
CA LYS A 232 23.21 1.96 -20.43
C LYS A 232 21.82 2.07 -21.01
N VAL A 233 21.15 3.15 -20.67
CA VAL A 233 19.84 3.47 -21.18
C VAL A 233 19.94 4.81 -21.86
N ASN A 234 19.57 4.86 -23.13
CA ASN A 234 19.69 6.09 -23.91
C ASN A 234 21.12 6.60 -23.90
N GLY A 235 22.08 5.68 -23.89
CA GLY A 235 23.49 6.01 -23.92
C GLY A 235 24.13 6.24 -22.55
N GLN A 236 23.32 6.29 -21.49
CA GLN A 236 23.87 6.67 -20.16
C GLN A 236 23.76 5.54 -19.14
N GLY A 237 24.82 5.30 -18.36
CA GLY A 237 24.78 4.33 -17.28
C GLY A 237 24.39 4.97 -15.97
N GLY A 238 24.10 6.24 -16.03
CA GLY A 238 23.76 7.01 -14.86
C GLY A 238 22.26 7.03 -14.68
N ARG A 239 21.80 7.41 -13.50
CA ARG A 239 20.36 7.51 -13.29
C ARG A 239 19.97 8.75 -12.49
N MET A 240 18.87 9.40 -12.85
CA MET A 240 18.37 10.46 -11.98
C MET A 240 17.12 10.03 -11.24
N GLU A 241 17.09 10.31 -9.96
CA GLU A 241 15.96 9.97 -9.12
C GLU A 241 15.20 11.21 -8.67
N PHE A 242 13.93 11.30 -9.01
CA PHE A 242 13.17 12.48 -8.64
C PHE A 242 12.19 12.23 -7.52
N SER A 243 12.01 13.23 -6.69
CA SER A 243 11.10 13.18 -5.56
C SER A 243 10.24 14.41 -5.53
N TRP A 244 9.12 14.38 -4.85
CA TRP A 244 8.32 15.58 -4.78
C TRP A 244 7.61 15.75 -3.47
N THR A 245 7.30 17.00 -3.17
CA THR A 245 6.50 17.30 -1.99
C THR A 245 5.56 18.44 -2.22
N LEU A 246 4.66 18.64 -1.28
CA LEU A 246 3.78 19.79 -1.32
C LEU A 246 4.11 20.69 -0.17
N LEU A 247 4.44 21.91 -0.50
CA LEU A 247 4.79 22.89 0.49
C LEU A 247 3.55 23.68 0.80
N ASP A 248 3.16 23.74 2.05
CA ASP A 248 1.92 24.42 2.39
C ASP A 248 2.11 25.91 2.45
N MET A 249 1.05 26.63 2.71
CA MET A 249 1.19 28.06 2.70
C MET A 249 1.99 28.51 3.88
N TRP A 250 2.84 29.47 3.62
CA TRP A 250 3.68 30.12 4.60
C TRP A 250 4.72 29.18 5.19
N ASP A 251 4.85 27.97 4.65
CA ASP A 251 5.85 27.05 5.12
C ASP A 251 7.13 27.27 4.32
N THR A 252 8.24 26.86 4.89
CA THR A 252 9.53 26.99 4.22
C THR A 252 10.17 25.69 3.86
N ILE A 253 10.61 25.59 2.61
CA ILE A 253 11.34 24.41 2.18
C ILE A 253 12.80 24.75 2.15
N ASN A 254 13.59 23.89 2.74
CA ASN A 254 15.02 24.09 2.81
C ASN A 254 15.79 23.00 2.12
N PHE A 255 16.62 23.41 1.18
CA PHE A 255 17.48 22.50 0.45
C PHE A 255 18.90 22.65 0.91
N GLU A 256 19.58 21.53 1.07
CA GLU A 256 20.99 21.51 1.37
C GLU A 256 21.69 20.38 0.65
N SER A 257 22.81 20.67 0.01
CA SER A 257 23.54 19.60 -0.67
C SER A 257 25.03 19.74 -0.76
N THR A 258 25.71 18.60 -0.66
CA THR A 258 27.15 18.56 -0.79
C THR A 258 27.55 17.97 -2.13
N GLY A 259 26.55 17.73 -2.95
CA GLY A 259 26.71 17.19 -4.28
C GLY A 259 25.52 16.41 -4.73
N ASN A 260 25.47 16.16 -6.03
CA ASN A 260 24.45 15.37 -6.69
C ASN A 260 23.05 15.94 -6.63
N LEU A 261 22.91 17.25 -6.50
CA LEU A 261 21.59 17.86 -6.45
C LEU A 261 21.14 18.51 -7.74
N ILE A 262 19.92 18.18 -8.11
CA ILE A 262 19.22 18.79 -9.20
C ILE A 262 18.17 19.63 -8.53
N ALA A 263 18.33 20.94 -8.58
CA ALA A 263 17.47 21.82 -7.83
C ALA A 263 16.38 22.31 -8.72
N PRO A 264 15.18 22.55 -8.24
CA PRO A 264 14.15 23.10 -9.05
C PRO A 264 14.43 24.54 -9.32
N GLU A 265 14.01 25.03 -10.47
CA GLU A 265 14.02 26.46 -10.66
C GLU A 265 12.59 26.91 -10.45
N TYR A 266 11.67 26.06 -10.90
CA TYR A 266 10.26 26.40 -10.79
C TYR A 266 9.47 25.40 -9.98
N GLY A 267 8.42 25.87 -9.31
CA GLY A 267 7.49 24.95 -8.68
C GLY A 267 6.14 25.21 -9.24
N PHE A 268 5.13 24.46 -8.80
CA PHE A 268 3.83 24.68 -9.38
C PHE A 268 2.77 24.98 -8.36
N LYS A 269 2.09 26.08 -8.53
CA LYS A 269 1.06 26.43 -7.57
C LYS A 269 -0.23 25.74 -7.95
N ILE A 270 -0.79 24.99 -7.01
CA ILE A 270 -2.04 24.24 -7.23
C ILE A 270 -3.22 24.93 -6.61
N SER A 271 -4.11 25.44 -7.42
CA SER A 271 -5.20 26.24 -6.86
C SER A 271 -6.63 25.74 -6.99
N LYS A 272 -6.85 24.54 -7.52
CA LYS A 272 -8.24 24.13 -7.77
C LYS A 272 -8.79 22.99 -6.89
N ARG A 273 -7.96 22.02 -6.53
CA ARG A 273 -8.36 20.95 -5.61
C ARG A 273 -9.64 20.12 -5.87
N GLY A 274 -9.85 19.59 -7.07
CA GLY A 274 -11.03 18.75 -7.34
C GLY A 274 -10.63 17.26 -7.33
N SER A 275 -11.19 16.46 -8.25
CA SER A 275 -10.86 15.04 -8.36
C SER A 275 -11.08 14.55 -9.78
N SER A 276 -10.16 13.75 -10.31
CA SER A 276 -10.29 13.19 -11.66
C SER A 276 -9.31 12.06 -11.89
N GLY A 277 -9.17 11.66 -13.15
CA GLY A 277 -8.23 10.60 -13.52
C GLY A 277 -7.46 10.93 -14.79
N ILE A 278 -6.77 9.93 -15.32
CA ILE A 278 -5.97 10.06 -16.52
C ILE A 278 -6.53 9.12 -17.55
N MET A 279 -6.81 9.63 -18.72
CA MET A 279 -7.34 8.84 -19.78
C MET A 279 -6.27 8.54 -20.77
N LYS A 280 -6.12 7.27 -21.13
CA LYS A 280 -5.11 6.94 -22.10
C LYS A 280 -5.70 6.72 -23.47
N THR A 281 -5.30 7.58 -24.39
CA THR A 281 -5.80 7.61 -25.74
C THR A 281 -4.85 8.28 -26.69
N GLU A 282 -4.90 7.88 -27.95
CA GLU A 282 -4.05 8.45 -28.98
C GLU A 282 -4.69 9.61 -29.76
N GLY A 283 -5.91 9.98 -29.39
CA GLY A 283 -6.59 11.06 -30.11
C GLY A 283 -6.28 12.45 -29.57
N THR A 284 -7.03 13.44 -30.07
CA THR A 284 -6.86 14.84 -29.67
C THR A 284 -8.18 15.45 -29.29
N LEU A 285 -8.14 16.58 -28.60
CA LEU A 285 -9.35 17.29 -28.21
C LEU A 285 -10.03 18.01 -29.35
N GLU A 286 -11.34 17.83 -29.43
CA GLU A 286 -12.21 18.48 -30.39
C GLU A 286 -13.00 19.59 -29.70
N ASN A 287 -13.52 20.54 -30.47
CA ASN A 287 -14.31 21.58 -29.84
C ASN A 287 -15.77 21.14 -29.64
N CYS A 288 -16.00 20.37 -28.57
CA CYS A 288 -17.27 19.76 -28.16
C CYS A 288 -17.31 19.64 -26.66
N GLU A 289 -18.49 19.37 -26.10
CA GLU A 289 -18.60 19.20 -24.66
C GLU A 289 -19.39 17.97 -24.27
N THR A 290 -19.01 17.41 -23.15
CA THR A 290 -19.71 16.28 -22.58
C THR A 290 -19.90 16.35 -21.08
N LYS A 291 -20.60 15.34 -20.60
CA LYS A 291 -20.86 15.07 -19.18
C LYS A 291 -20.06 13.84 -18.66
N CYS A 292 -19.77 12.87 -19.57
CA CYS A 292 -19.09 11.59 -19.40
C CYS A 292 -18.18 11.37 -20.62
N GLN A 293 -16.94 11.01 -20.37
CA GLN A 293 -15.99 10.79 -21.45
C GLN A 293 -15.34 9.42 -21.40
N THR A 294 -15.28 8.68 -22.52
CA THR A 294 -14.55 7.41 -22.46
C THR A 294 -13.36 7.59 -23.42
N PRO A 295 -12.33 6.72 -23.42
CA PRO A 295 -11.21 6.75 -24.35
C PRO A 295 -11.60 6.62 -25.81
N LEU A 296 -12.81 6.12 -26.09
CA LEU A 296 -13.24 5.93 -27.45
C LEU A 296 -14.02 7.12 -27.96
N GLY A 297 -14.28 8.06 -27.06
CA GLY A 297 -15.10 9.21 -27.35
C GLY A 297 -16.14 9.47 -26.26
N ALA A 298 -16.69 10.65 -26.28
CA ALA A 298 -17.67 11.10 -25.30
C ALA A 298 -19.04 10.46 -25.37
N ILE A 299 -19.69 10.37 -24.21
CA ILE A 299 -21.05 9.85 -24.13
C ILE A 299 -21.99 10.96 -23.64
N ASN A 300 -23.10 11.20 -24.37
CA ASN A 300 -24.11 12.21 -24.02
C ASN A 300 -25.48 11.52 -23.98
N THR A 301 -25.81 10.90 -22.81
CA THR A 301 -27.04 10.12 -22.61
C THR A 301 -27.67 10.36 -21.28
N THR A 302 -28.90 9.89 -21.15
CA THR A 302 -29.66 9.94 -19.93
C THR A 302 -29.98 8.56 -19.41
N LEU A 303 -29.53 7.53 -20.11
CA LEU A 303 -29.87 6.19 -19.73
C LEU A 303 -29.00 5.71 -18.57
N PRO A 304 -29.51 4.82 -17.68
CA PRO A 304 -28.83 4.28 -16.52
C PRO A 304 -27.68 3.32 -16.77
N PHE A 305 -27.61 2.67 -17.93
CA PHE A 305 -26.52 1.74 -18.15
C PHE A 305 -25.87 2.01 -19.49
N HIS A 306 -24.61 1.64 -19.65
CA HIS A 306 -23.94 1.76 -20.94
C HIS A 306 -22.98 0.62 -21.13
N ASN A 307 -22.61 0.35 -22.37
CA ASN A 307 -21.62 -0.68 -22.63
C ASN A 307 -20.50 -0.18 -23.53
N VAL A 308 -20.14 1.10 -23.44
CA VAL A 308 -19.15 1.62 -24.37
C VAL A 308 -17.73 1.24 -24.02
N HIS A 309 -17.33 1.46 -22.78
CA HIS A 309 -15.98 1.15 -22.37
C HIS A 309 -15.95 1.06 -20.85
N PRO A 310 -15.22 0.14 -20.23
CA PRO A 310 -15.10 0.05 -18.78
C PRO A 310 -14.39 1.20 -18.07
N LEU A 311 -13.56 2.00 -18.75
CA LEU A 311 -12.87 3.06 -18.04
C LEU A 311 -13.38 4.40 -18.47
N THR A 312 -13.99 5.12 -17.56
CA THR A 312 -14.56 6.40 -17.91
C THR A 312 -14.18 7.47 -16.91
N ILE A 313 -14.26 8.73 -17.34
CA ILE A 313 -14.09 9.86 -16.43
C ILE A 313 -15.29 10.77 -16.58
N GLY A 314 -15.94 11.10 -15.48
CA GLY A 314 -17.09 11.98 -15.56
C GLY A 314 -18.25 11.43 -14.77
N GLU A 315 -19.42 12.00 -14.99
CA GLU A 315 -20.60 11.53 -14.29
C GLU A 315 -21.30 10.60 -15.28
N CYS A 316 -21.05 9.27 -15.14
CA CYS A 316 -21.40 8.24 -16.13
C CYS A 316 -22.48 7.23 -15.67
N PRO A 317 -23.18 6.59 -16.62
CA PRO A 317 -24.12 5.49 -16.43
C PRO A 317 -23.33 4.31 -15.93
N LYS A 318 -23.98 3.30 -15.38
CA LYS A 318 -23.22 2.15 -14.93
C LYS A 318 -22.81 1.31 -16.12
N TYR A 319 -21.60 0.77 -16.09
CA TYR A 319 -21.13 -0.11 -17.15
C TYR A 319 -21.59 -1.51 -16.91
N VAL A 320 -22.13 -2.15 -17.94
CA VAL A 320 -22.55 -3.55 -17.81
C VAL A 320 -22.00 -4.43 -18.92
N LYS A 321 -21.87 -5.71 -18.63
CA LYS A 321 -21.46 -6.65 -19.66
C LYS A 321 -22.67 -7.16 -20.37
N SER A 322 -23.27 -6.31 -21.13
CA SER A 322 -24.49 -6.65 -21.83
C SER A 322 -24.59 -5.94 -23.13
N GLU A 323 -25.23 -6.60 -24.06
CA GLU A 323 -25.47 -6.08 -25.38
C GLU A 323 -26.84 -5.46 -25.53
N LYS A 324 -27.74 -5.79 -24.61
CA LYS A 324 -29.11 -5.33 -24.79
C LYS A 324 -29.98 -5.31 -23.55
N LEU A 325 -30.39 -4.12 -23.13
CA LEU A 325 -31.27 -3.99 -21.99
C LEU A 325 -32.48 -3.25 -22.47
N VAL A 326 -33.51 -3.97 -22.85
CA VAL A 326 -34.64 -3.30 -23.44
C VAL A 326 -35.91 -3.55 -22.68
N LEU A 327 -36.56 -2.46 -22.29
CA LEU A 327 -37.79 -2.52 -21.57
C LEU A 327 -38.94 -2.44 -22.52
N ALA A 328 -39.91 -3.27 -22.34
CA ALA A 328 -41.10 -3.16 -23.14
C ALA A 328 -41.81 -1.94 -22.64
N THR A 329 -42.41 -1.16 -23.52
CA THR A 329 -43.16 -0.03 -23.02
C THR A 329 -44.51 -0.17 -23.60
N GLY A 330 -44.55 -0.98 -24.64
CA GLY A 330 -45.77 -1.22 -25.38
C GLY A 330 -46.49 -2.48 -24.98
N LEU A 331 -47.37 -2.91 -25.85
CA LEU A 331 -48.21 -4.06 -25.62
C LEU A 331 -47.58 -5.24 -26.33
N ARG A 332 -47.93 -6.46 -25.97
CA ARG A 332 -47.39 -7.52 -26.80
C ARG A 332 -47.97 -7.27 -28.18
N ASN A 333 -47.15 -7.29 -29.22
CA ASN A 333 -47.65 -7.00 -30.56
C ASN A 333 -48.19 -8.24 -31.17
N VAL A 334 -49.33 -8.68 -30.69
CA VAL A 334 -49.87 -9.92 -31.19
C VAL A 334 -50.46 -9.68 -32.57
N PRO A 335 -49.96 -10.36 -33.62
CA PRO A 335 -50.34 -10.22 -35.01
C PRO A 335 -51.62 -10.98 -35.33
N ALA A 345 -63.82 -6.55 -36.68
CA ALA A 345 -65.19 -7.03 -36.94
C ALA A 345 -65.46 -8.43 -36.43
N ILE A 346 -64.43 -9.22 -36.25
CA ILE A 346 -64.62 -10.60 -35.81
C ILE A 346 -64.09 -10.94 -34.40
N ALA A 347 -63.38 -10.02 -33.73
CA ALA A 347 -62.77 -10.38 -32.44
C ALA A 347 -62.28 -9.20 -31.61
N GLY A 348 -62.08 -9.46 -30.33
CA GLY A 348 -61.46 -8.54 -29.40
C GLY A 348 -60.05 -9.02 -28.99
N PHE A 349 -59.71 -8.69 -27.73
CA PHE A 349 -58.40 -8.94 -27.09
C PHE A 349 -58.00 -10.39 -27.02
N ILE A 350 -59.00 -11.24 -27.14
CA ILE A 350 -58.85 -12.67 -27.11
C ILE A 350 -57.99 -13.16 -28.26
N GLU A 351 -58.13 -12.57 -29.45
CA GLU A 351 -57.35 -13.08 -30.58
C GLU A 351 -56.15 -12.21 -30.98
N GLY A 352 -56.21 -10.91 -30.70
CA GLY A 352 -55.03 -10.06 -30.99
C GLY A 352 -55.36 -8.59 -31.09
N GLY A 353 -54.33 -7.74 -31.14
CA GLY A 353 -54.55 -6.29 -31.29
C GLY A 353 -55.19 -5.95 -32.62
N TRP A 354 -56.11 -4.99 -32.64
CA TRP A 354 -56.80 -4.59 -33.89
C TRP A 354 -55.80 -3.97 -34.88
N GLN A 355 -55.95 -4.25 -36.17
CA GLN A 355 -55.08 -3.58 -37.19
C GLN A 355 -55.84 -2.34 -37.68
N GLY A 356 -55.52 -1.17 -37.14
CA GLY A 356 -56.26 0.02 -37.47
C GLY A 356 -56.67 0.88 -36.27
N MET A 357 -56.39 0.46 -35.03
CA MET A 357 -56.76 1.32 -33.91
C MET A 357 -55.51 2.04 -33.50
N VAL A 358 -55.53 3.34 -33.65
CA VAL A 358 -54.32 4.11 -33.42
C VAL A 358 -54.44 5.27 -32.43
N ASP A 359 -55.55 5.41 -31.71
CA ASP A 359 -55.71 6.52 -30.80
C ASP A 359 -55.51 6.16 -29.33
N GLY A 360 -54.96 4.99 -29.06
CA GLY A 360 -54.71 4.55 -27.70
C GLY A 360 -54.48 3.06 -27.64
N TRP A 361 -54.01 2.60 -26.50
CA TRP A 361 -53.72 1.20 -26.29
C TRP A 361 -54.90 0.31 -26.10
N TYR A 362 -55.98 0.79 -25.50
CA TYR A 362 -57.08 -0.14 -25.30
C TYR A 362 -58.29 0.56 -25.83
N GLY A 363 -59.24 -0.16 -26.39
CA GLY A 363 -60.41 0.49 -26.96
C GLY A 363 -61.52 -0.42 -27.46
N TYR A 364 -62.44 0.19 -28.21
CA TYR A 364 -63.67 -0.40 -28.71
C TYR A 364 -63.86 -0.39 -30.23
N HIS A 365 -64.62 -1.38 -30.72
CA HIS A 365 -65.01 -1.52 -32.13
C HIS A 365 -66.33 -0.83 -32.56
N HIS A 366 -67.31 -0.75 -31.66
CA HIS A 366 -68.60 -0.10 -31.95
C HIS A 366 -69.35 -0.52 -33.23
N SER A 367 -69.54 -1.80 -33.51
CA SER A 367 -70.16 -2.11 -34.80
C SER A 367 -71.66 -2.09 -34.86
N ASN A 368 -72.24 -0.90 -34.78
CA ASN A 368 -73.68 -0.76 -34.85
C ASN A 368 -74.09 -0.57 -36.32
N ASP A 369 -75.37 -0.38 -36.57
CA ASP A 369 -75.88 -0.24 -37.94
C ASP A 369 -75.48 1.05 -38.63
N GLN A 370 -74.91 1.98 -37.89
CA GLN A 370 -74.50 3.25 -38.42
C GLN A 370 -73.02 3.24 -38.83
N GLY A 371 -72.35 2.09 -38.65
CA GLY A 371 -70.96 1.94 -39.04
C GLY A 371 -69.97 1.78 -37.89
N SER A 372 -69.05 0.83 -38.07
CA SER A 372 -68.00 0.49 -37.11
C SER A 372 -66.85 1.46 -37.18
N GLY A 373 -65.98 1.39 -36.19
CA GLY A 373 -64.81 2.25 -36.17
C GLY A 373 -64.06 2.01 -34.90
N TYR A 374 -62.99 2.72 -34.68
CA TYR A 374 -62.25 2.46 -33.46
C TYR A 374 -62.32 3.63 -32.54
N ALA A 375 -62.24 3.35 -31.27
CA ALA A 375 -62.09 4.40 -30.30
C ALA A 375 -61.32 3.92 -29.12
N ALA A 376 -60.37 4.71 -28.68
CA ALA A 376 -59.66 4.36 -27.49
C ALA A 376 -60.53 4.59 -26.28
N ASP A 377 -60.33 3.77 -25.29
CA ASP A 377 -60.96 3.95 -24.01
C ASP A 377 -60.06 4.90 -23.27
N LYS A 378 -60.50 6.14 -23.13
CA LYS A 378 -59.62 7.15 -22.59
C LYS A 378 -59.15 6.89 -21.18
N GLU A 379 -60.01 6.38 -20.33
CA GLU A 379 -59.58 6.17 -18.96
C GLU A 379 -58.57 5.04 -18.86
N SER A 380 -58.81 3.94 -19.57
CA SER A 380 -57.91 2.80 -19.47
C SER A 380 -56.57 3.13 -20.08
N THR A 381 -56.59 3.77 -21.25
CA THR A 381 -55.36 4.08 -21.93
C THR A 381 -54.55 5.07 -21.15
N GLN A 382 -55.19 6.11 -20.63
CA GLN A 382 -54.41 7.11 -19.94
C GLN A 382 -53.82 6.57 -18.67
N LYS A 383 -54.55 5.75 -17.93
CA LYS A 383 -53.97 5.27 -16.70
C LYS A 383 -52.81 4.33 -16.99
N ALA A 384 -52.97 3.45 -17.99
CA ALA A 384 -51.89 2.54 -18.30
C ALA A 384 -50.68 3.28 -18.80
N PHE A 385 -50.92 4.33 -19.58
CA PHE A 385 -49.87 5.13 -20.15
C PHE A 385 -49.04 5.75 -19.06
N ASP A 386 -49.71 6.35 -18.09
CA ASP A 386 -48.99 6.97 -17.00
C ASP A 386 -48.26 5.95 -16.17
N GLY A 387 -48.85 4.77 -16.00
CA GLY A 387 -48.21 3.70 -15.25
C GLY A 387 -46.90 3.32 -15.91
N ILE A 388 -46.91 3.10 -17.22
CA ILE A 388 -45.69 2.72 -17.92
C ILE A 388 -44.67 3.83 -17.85
N THR A 389 -45.09 5.08 -18.03
CA THR A 389 -44.13 6.16 -17.98
C THR A 389 -43.45 6.21 -16.63
N ASN A 390 -44.23 6.07 -15.55
CA ASN A 390 -43.62 6.12 -14.23
C ASN A 390 -42.67 4.97 -14.03
N LYS A 391 -43.00 3.79 -14.55
CA LYS A 391 -42.16 2.62 -14.42
C LYS A 391 -40.81 2.83 -15.04
N VAL A 392 -40.81 3.37 -16.24
CA VAL A 392 -39.58 3.63 -16.95
C VAL A 392 -38.77 4.64 -16.18
N ASN A 393 -39.42 5.68 -15.69
CA ASN A 393 -38.71 6.67 -14.94
C ASN A 393 -38.20 6.13 -13.61
N SER A 394 -38.88 5.20 -12.96
CA SER A 394 -38.31 4.70 -11.71
C SER A 394 -37.01 3.98 -11.98
N VAL A 395 -36.96 3.22 -13.05
CA VAL A 395 -35.75 2.48 -13.39
C VAL A 395 -34.59 3.41 -13.71
N ILE A 396 -34.88 4.48 -14.46
CA ILE A 396 -33.85 5.42 -14.88
C ILE A 396 -33.50 6.49 -13.85
N GLU A 397 -34.50 7.16 -13.31
CA GLU A 397 -34.30 8.27 -12.39
C GLU A 397 -33.77 7.86 -11.02
N LYS A 398 -33.99 6.62 -10.60
CA LYS A 398 -33.47 6.23 -9.30
C LYS A 398 -32.03 5.80 -9.39
N MET A 399 -31.43 5.79 -10.58
CA MET A 399 -30.05 5.42 -10.64
C MET A 399 -29.22 6.60 -10.22
N ASN A 400 -28.36 6.39 -9.25
CA ASN A 400 -27.52 7.47 -8.80
C ASN A 400 -26.28 7.57 -9.61
N THR A 401 -25.88 8.79 -9.86
CA THR A 401 -24.65 9.06 -10.54
C THR A 401 -23.89 10.05 -9.72
N GLN A 402 -22.60 10.10 -9.93
CA GLN A 402 -21.74 11.04 -9.27
C GLN A 402 -20.50 11.13 -10.11
N PHE A 403 -19.69 12.14 -9.90
CA PHE A 403 -18.45 12.13 -10.63
C PHE A 403 -17.55 11.01 -10.15
N GLU A 404 -17.00 10.27 -11.11
CA GLU A 404 -16.03 9.23 -10.84
C GLU A 404 -14.91 9.26 -11.84
N ALA A 405 -13.78 8.73 -11.44
CA ALA A 405 -12.73 8.51 -12.39
C ALA A 405 -12.29 7.09 -12.20
N VAL A 406 -12.57 6.27 -13.19
CA VAL A 406 -12.31 4.85 -13.14
C VAL A 406 -11.03 4.53 -13.84
N GLY A 407 -10.19 3.79 -13.17
CA GLY A 407 -8.88 3.44 -13.64
C GLY A 407 -7.88 4.18 -12.77
N LYS A 408 -6.95 3.43 -12.20
CA LYS A 408 -5.95 3.95 -11.30
C LYS A 408 -4.59 3.51 -11.76
N GLU A 409 -3.58 4.30 -11.47
CA GLU A 409 -2.23 3.99 -11.85
C GLU A 409 -1.51 3.26 -10.74
N PHE A 410 -0.96 2.09 -11.04
CA PHE A 410 -0.23 1.32 -10.03
C PHE A 410 1.14 0.96 -10.59
N SER A 411 2.13 0.83 -9.72
CA SER A 411 3.48 0.45 -10.12
C SER A 411 3.56 -1.05 -10.26
N ASN A 412 4.68 -1.53 -10.73
CA ASN A 412 4.85 -2.96 -10.93
C ASN A 412 5.07 -3.75 -9.65
N LEU A 413 5.17 -3.07 -8.51
CA LEU A 413 5.33 -3.73 -7.23
C LEU A 413 4.06 -3.65 -6.43
N GLU A 414 2.99 -3.22 -7.08
CA GLU A 414 1.70 -3.09 -6.47
C GLU A 414 0.69 -4.01 -7.10
N ARG A 415 1.12 -5.13 -7.67
CA ARG A 415 0.16 -5.96 -8.37
C ARG A 415 -0.88 -6.50 -7.40
N ARG A 416 -0.47 -6.80 -6.16
CA ARG A 416 -1.46 -7.31 -5.23
C ARG A 416 -2.53 -6.27 -4.91
N LEU A 417 -2.25 -4.98 -5.16
CA LEU A 417 -3.20 -3.91 -4.91
C LEU A 417 -4.01 -3.62 -6.16
N GLU A 418 -3.35 -3.66 -7.31
CA GLU A 418 -3.98 -3.42 -8.59
C GLU A 418 -5.08 -4.41 -8.77
N ASN A 419 -4.82 -5.64 -8.30
CA ASN A 419 -5.75 -6.72 -8.38
C ASN A 419 -6.99 -6.46 -7.51
N LEU A 420 -6.90 -5.65 -6.46
CA LEU A 420 -8.06 -5.41 -5.64
C LEU A 420 -8.89 -4.41 -6.38
N ASN A 421 -8.22 -3.44 -7.00
CA ASN A 421 -8.98 -2.46 -7.76
C ASN A 421 -9.72 -3.17 -8.87
N LYS A 422 -9.05 -4.14 -9.50
CA LYS A 422 -9.68 -4.91 -10.54
C LYS A 422 -10.85 -5.66 -9.96
N LYS A 423 -10.68 -6.29 -8.80
CA LYS A 423 -11.77 -7.03 -8.24
C LYS A 423 -12.96 -6.14 -7.92
N MET A 424 -12.78 -4.92 -7.40
CA MET A 424 -13.98 -4.13 -7.18
C MET A 424 -14.66 -3.84 -8.47
N GLU A 425 -13.91 -3.54 -9.52
CA GLU A 425 -14.56 -3.21 -10.76
C GLU A 425 -15.30 -4.41 -11.33
N ASP A 426 -14.71 -5.60 -11.24
CA ASP A 426 -15.35 -6.79 -11.80
C ASP A 426 -16.51 -7.21 -10.93
N GLY A 427 -16.36 -7.01 -9.64
CA GLY A 427 -17.35 -7.35 -8.65
C GLY A 427 -18.59 -6.53 -8.83
N PHE A 428 -18.44 -5.21 -8.91
CA PHE A 428 -19.57 -4.35 -9.06
C PHE A 428 -20.15 -4.55 -10.42
N LEU A 429 -19.33 -4.87 -11.40
CA LEU A 429 -19.83 -5.09 -12.73
C LEU A 429 -20.73 -6.31 -12.74
N ASP A 430 -20.36 -7.41 -12.08
CA ASP A 430 -21.25 -8.56 -12.06
C ASP A 430 -22.51 -8.26 -11.30
N VAL A 431 -22.43 -7.45 -10.25
CA VAL A 431 -23.63 -7.11 -9.51
C VAL A 431 -24.57 -6.31 -10.37
N TRP A 432 -24.07 -5.30 -11.06
CA TRP A 432 -24.93 -4.47 -11.87
C TRP A 432 -25.42 -5.17 -13.10
N THR A 433 -24.61 -6.03 -13.70
CA THR A 433 -25.03 -6.71 -14.91
C THR A 433 -26.13 -7.68 -14.56
N TYR A 434 -25.96 -8.44 -13.48
CA TYR A 434 -26.94 -9.43 -13.10
C TYR A 434 -28.22 -8.74 -12.70
N ASN A 435 -28.11 -7.68 -11.91
CA ASN A 435 -29.31 -6.99 -11.50
C ASN A 435 -29.99 -6.30 -12.65
N ALA A 436 -29.23 -5.71 -13.58
CA ALA A 436 -29.83 -5.00 -14.68
C ALA A 436 -30.56 -5.95 -15.60
N GLU A 437 -29.99 -7.13 -15.83
CA GLU A 437 -30.67 -8.06 -16.70
C GLU A 437 -31.88 -8.64 -16.02
N LEU A 438 -31.82 -8.95 -14.73
CA LEU A 438 -33.02 -9.49 -14.12
C LEU A 438 -34.03 -8.39 -13.92
N LEU A 439 -33.62 -7.15 -13.73
CA LEU A 439 -34.58 -6.09 -13.56
C LEU A 439 -35.33 -5.94 -14.85
N VAL A 440 -34.64 -5.98 -15.98
CA VAL A 440 -35.33 -5.85 -17.24
C VAL A 440 -36.23 -7.03 -17.49
N LEU A 441 -35.78 -8.25 -17.23
CA LEU A 441 -36.63 -9.39 -17.49
C LEU A 441 -37.84 -9.40 -16.57
N MET A 442 -37.66 -9.07 -15.29
CA MET A 442 -38.78 -9.07 -14.38
C MET A 442 -39.75 -7.99 -14.74
N GLU A 443 -39.24 -6.83 -15.13
CA GLU A 443 -40.14 -5.78 -15.46
C GLU A 443 -40.86 -6.09 -16.74
N ASN A 444 -40.21 -6.71 -17.71
CA ASN A 444 -40.93 -6.96 -18.94
C ASN A 444 -42.04 -7.97 -18.72
N GLU A 445 -41.86 -8.94 -17.84
CA GLU A 445 -42.94 -9.88 -17.62
C GLU A 445 -44.08 -9.17 -16.90
N ARG A 446 -43.75 -8.29 -15.95
CA ARG A 446 -44.78 -7.57 -15.22
C ARG A 446 -45.53 -6.62 -16.14
N THR A 447 -44.81 -6.03 -17.08
CA THR A 447 -45.34 -5.09 -18.04
C THR A 447 -46.31 -5.76 -18.94
N LEU A 448 -45.96 -6.90 -19.47
CA LEU A 448 -46.86 -7.54 -20.37
C LEU A 448 -48.06 -8.06 -19.62
N ASP A 449 -47.87 -8.55 -18.38
CA ASP A 449 -49.00 -9.04 -17.62
C ASP A 449 -49.94 -7.88 -17.30
N PHE A 450 -49.37 -6.71 -17.01
CA PHE A 450 -50.10 -5.50 -16.73
C PHE A 450 -50.99 -5.14 -17.88
N HIS A 451 -50.44 -5.13 -19.08
CA HIS A 451 -51.24 -4.78 -20.22
C HIS A 451 -52.34 -5.78 -20.48
N ASP A 452 -52.04 -7.07 -20.30
CA ASP A 452 -53.08 -8.05 -20.55
C ASP A 452 -54.17 -7.98 -19.50
N SER A 453 -53.83 -7.69 -18.24
CA SER A 453 -54.86 -7.60 -17.25
C SER A 453 -55.66 -6.32 -17.44
N ASN A 454 -55.06 -5.27 -18.01
CA ASN A 454 -55.80 -4.03 -18.22
C ASN A 454 -56.89 -4.22 -19.24
N VAL A 455 -56.63 -4.99 -20.29
CA VAL A 455 -57.68 -5.16 -21.27
C VAL A 455 -58.77 -6.08 -20.71
N LYS A 456 -58.39 -7.10 -19.93
CA LYS A 456 -59.42 -7.94 -19.30
C LYS A 456 -60.24 -7.13 -18.31
N ASN A 457 -59.60 -6.22 -17.57
CA ASN A 457 -60.29 -5.42 -16.59
C ASN A 457 -61.29 -4.54 -17.29
N LEU A 458 -60.95 -4.05 -18.48
CA LEU A 458 -61.88 -3.25 -19.23
C LEU A 458 -63.05 -4.10 -19.66
N TYR A 459 -62.79 -5.32 -20.10
CA TYR A 459 -63.86 -6.21 -20.50
C TYR A 459 -64.82 -6.41 -19.36
N ASP A 460 -64.31 -6.67 -18.16
CA ASP A 460 -65.19 -6.87 -17.02
C ASP A 460 -65.91 -5.59 -16.63
N LYS A 461 -65.26 -4.43 -16.72
CA LYS A 461 -65.96 -3.19 -16.39
C LYS A 461 -67.22 -3.10 -17.23
N VAL A 462 -67.05 -3.40 -18.51
CA VAL A 462 -68.13 -3.37 -19.45
C VAL A 462 -69.16 -4.45 -19.17
N ARG A 463 -68.70 -5.67 -18.91
CA ARG A 463 -69.60 -6.79 -18.64
C ARG A 463 -70.51 -6.51 -17.46
N MET A 464 -69.93 -5.92 -16.41
CA MET A 464 -70.64 -5.60 -15.20
C MET A 464 -71.70 -4.56 -15.41
N GLN A 465 -71.48 -3.60 -16.30
CA GLN A 465 -72.50 -2.60 -16.51
C GLN A 465 -73.58 -3.09 -17.49
N LEU A 466 -73.18 -3.87 -18.48
CA LEU A 466 -74.12 -4.37 -19.49
C LEU A 466 -75.06 -5.41 -18.89
N ARG A 467 -74.56 -6.11 -17.88
CA ARG A 467 -75.33 -7.06 -17.13
C ARG A 467 -76.06 -8.11 -17.95
N ASP A 468 -77.37 -8.16 -17.80
CA ASP A 468 -78.20 -9.16 -18.42
C ASP A 468 -78.89 -8.74 -19.71
N ASN A 469 -78.56 -7.57 -20.26
CA ASN A 469 -79.20 -7.15 -21.51
C ASN A 469 -78.34 -7.46 -22.71
N VAL A 470 -77.26 -8.19 -22.44
CA VAL A 470 -76.30 -8.62 -23.43
C VAL A 470 -75.95 -10.09 -23.29
N LYS A 471 -75.27 -10.58 -24.31
CA LYS A 471 -74.66 -11.88 -24.27
C LYS A 471 -73.19 -11.71 -24.59
N GLU A 472 -72.35 -12.52 -23.95
CA GLU A 472 -70.96 -12.49 -24.31
C GLU A 472 -70.82 -13.36 -25.52
N LEU A 473 -69.88 -13.06 -26.39
CA LEU A 473 -69.64 -13.89 -27.55
C LEU A 473 -68.49 -14.89 -27.40
N GLY A 474 -67.62 -14.71 -26.40
CA GLY A 474 -66.50 -15.63 -26.19
C GLY A 474 -65.20 -15.27 -26.90
N ASN A 475 -65.21 -14.20 -27.67
CA ASN A 475 -64.05 -13.74 -28.40
C ASN A 475 -63.64 -12.35 -27.96
N GLY A 476 -64.01 -11.98 -26.74
CA GLY A 476 -63.72 -10.63 -26.22
C GLY A 476 -64.67 -9.53 -26.73
N CYS A 477 -65.92 -9.88 -27.12
CA CYS A 477 -66.96 -9.00 -27.66
C CYS A 477 -68.30 -9.27 -26.98
N PHE A 478 -69.16 -8.25 -26.99
CA PHE A 478 -70.52 -8.37 -26.47
C PHE A 478 -71.55 -8.03 -27.53
N GLU A 479 -72.69 -8.68 -27.44
CA GLU A 479 -73.80 -8.38 -28.34
C GLU A 479 -75.07 -8.11 -27.54
N PHE A 480 -75.83 -7.11 -27.97
CA PHE A 480 -77.02 -6.67 -27.26
C PHE A 480 -78.25 -7.44 -27.67
N TYR A 481 -79.24 -7.52 -26.76
CA TYR A 481 -80.52 -8.18 -27.10
C TYR A 481 -81.57 -7.16 -27.48
N HIS A 482 -81.13 -5.94 -27.68
CA HIS A 482 -81.96 -4.82 -28.06
C HIS A 482 -81.21 -3.98 -29.05
N LYS A 483 -81.92 -3.20 -29.84
CA LYS A 483 -81.20 -2.32 -30.76
C LYS A 483 -80.33 -1.37 -29.95
N CYS A 484 -79.04 -1.23 -30.35
CA CYS A 484 -78.05 -0.36 -29.70
C CYS A 484 -77.40 0.53 -30.76
N ASP A 485 -77.78 1.80 -30.71
CA ASP A 485 -77.39 2.88 -31.60
C ASP A 485 -76.18 3.66 -31.07
N ASP A 486 -75.80 4.77 -31.72
CA ASP A 486 -74.62 5.47 -31.22
C ASP A 486 -74.76 5.96 -29.80
N GLU A 487 -75.94 6.43 -29.39
CA GLU A 487 -76.03 6.90 -28.00
C GLU A 487 -75.71 5.76 -27.01
N CYS A 488 -76.25 4.54 -27.27
CA CYS A 488 -76.03 3.31 -26.51
C CYS A 488 -74.55 2.91 -26.50
N MET A 489 -73.94 2.86 -27.68
CA MET A 489 -72.56 2.44 -27.78
C MET A 489 -71.63 3.42 -27.08
N ASN A 490 -71.96 4.71 -27.16
CA ASN A 490 -71.15 5.72 -26.55
C ASN A 490 -71.27 5.65 -25.05
N SER A 491 -72.45 5.29 -24.56
CA SER A 491 -72.67 5.19 -23.14
C SER A 491 -71.87 4.02 -22.57
N VAL A 492 -71.72 2.94 -23.36
CA VAL A 492 -70.95 1.81 -22.85
C VAL A 492 -69.49 2.23 -22.71
N LYS A 493 -68.97 2.89 -23.73
CA LYS A 493 -67.58 3.41 -23.69
C LYS A 493 -67.37 4.40 -22.50
N ASN A 494 -68.38 5.28 -22.26
CA ASN A 494 -68.45 6.32 -21.24
C ASN A 494 -68.62 5.75 -19.80
N GLY A 495 -69.25 4.55 -19.65
CA GLY A 495 -69.55 3.92 -18.37
C GLY A 495 -70.88 4.41 -17.82
N THR A 496 -71.75 4.86 -18.72
CA THR A 496 -73.05 5.41 -18.38
C THR A 496 -74.20 4.59 -18.97
N TYR A 497 -73.96 3.34 -19.38
CA TYR A 497 -75.05 2.60 -20.00
C TYR A 497 -76.23 2.50 -19.04
N ASP A 498 -77.38 2.90 -19.55
CA ASP A 498 -78.58 2.94 -18.73
C ASP A 498 -79.28 1.60 -18.71
N TYR A 499 -78.68 0.64 -18.02
CA TYR A 499 -79.22 -0.71 -18.01
C TYR A 499 -80.73 -0.84 -17.82
N PRO A 500 -81.40 -0.17 -16.84
CA PRO A 500 -82.82 -0.28 -16.54
C PRO A 500 -83.74 0.12 -17.69
N LYS A 501 -83.21 0.82 -18.69
CA LYS A 501 -83.98 1.28 -19.83
C LYS A 501 -84.14 0.24 -20.92
N TYR A 502 -83.35 -0.83 -20.87
CA TYR A 502 -83.36 -1.78 -21.96
C TYR A 502 -83.78 -3.17 -21.49
N GLU A 503 -84.36 -3.93 -22.41
CA GLU A 503 -84.70 -5.32 -22.10
C GLU A 503 -84.65 -6.20 -23.37
N GLU A 504 -84.49 -7.54 -23.18
CA GLU A 504 -84.54 -8.58 -24.21
C GLU A 504 -85.98 -8.78 -24.70
N GLN B 1 44.58 2.79 -12.62
CA GLN B 1 44.79 3.80 -13.65
C GLN B 1 44.68 3.17 -15.05
N VAL B 2 43.76 3.72 -15.87
CA VAL B 2 43.51 3.35 -17.27
C VAL B 2 44.57 3.94 -18.20
N GLN B 3 45.02 3.11 -19.13
CA GLN B 3 46.00 3.52 -20.10
C GLN B 3 45.56 3.11 -21.50
N LEU B 4 45.97 3.90 -22.49
CA LEU B 4 45.65 3.59 -23.87
C LEU B 4 46.91 3.39 -24.66
N GLN B 5 47.11 2.21 -25.24
CA GLN B 5 48.34 1.97 -25.98
C GLN B 5 48.12 1.62 -27.43
N GLU B 6 48.61 2.48 -28.31
CA GLU B 6 48.46 2.28 -29.74
C GLU B 6 49.45 1.24 -30.28
N SER B 7 49.07 0.61 -31.39
CA SER B 7 49.91 -0.30 -32.13
C SER B 7 51.02 0.49 -32.79
N GLY B 8 52.06 -0.21 -33.28
CA GLY B 8 53.23 0.48 -33.80
C GLY B 8 53.03 1.25 -35.12
N PRO B 9 54.05 2.05 -35.50
CA PRO B 9 54.15 2.94 -36.65
C PRO B 9 54.36 2.21 -37.94
N GLY B 10 54.15 2.93 -39.02
CA GLY B 10 54.44 2.34 -40.32
C GLY B 10 54.18 3.24 -41.50
N LEU B 11 54.48 2.69 -42.66
CA LEU B 11 54.33 3.34 -43.95
C LEU B 11 53.37 2.59 -44.83
N VAL B 12 52.43 3.31 -45.41
CA VAL B 12 51.49 2.72 -46.33
C VAL B 12 51.53 3.49 -47.64
N LYS B 13 51.10 2.86 -48.69
CA LYS B 13 51.06 3.51 -49.98
C LYS B 13 49.70 4.16 -50.18
N PRO B 14 49.57 5.14 -51.06
CA PRO B 14 48.32 5.72 -51.43
C PRO B 14 47.39 4.63 -51.89
N SER B 15 46.12 4.81 -51.58
CA SER B 15 45.00 3.92 -51.86
C SER B 15 45.00 2.67 -50.99
N GLN B 16 45.89 2.61 -50.00
CA GLN B 16 45.92 1.52 -49.04
C GLN B 16 45.05 1.79 -47.85
N THR B 17 45.01 0.84 -46.94
CA THR B 17 44.21 1.00 -45.75
C THR B 17 45.11 1.19 -44.53
N LEU B 18 44.81 2.21 -43.76
CA LEU B 18 45.53 2.53 -42.53
C LEU B 18 44.89 1.71 -41.46
N SER B 19 45.68 1.03 -40.63
CA SER B 19 45.08 0.27 -39.56
C SER B 19 45.83 0.36 -38.25
N LEU B 20 45.18 0.99 -37.27
CA LEU B 20 45.76 1.17 -35.94
C LEU B 20 44.87 0.61 -34.86
N THR B 21 45.47 -0.15 -33.97
CA THR B 21 44.70 -0.73 -32.88
C THR B 21 45.18 -0.16 -31.54
N CYS B 22 44.22 0.25 -30.69
CA CYS B 22 44.42 0.77 -29.34
C CYS B 22 44.02 -0.26 -28.31
N THR B 23 44.96 -0.62 -27.46
CA THR B 23 44.68 -1.56 -26.41
C THR B 23 44.41 -0.80 -25.15
N VAL B 24 43.28 -1.09 -24.54
CA VAL B 24 42.91 -0.41 -23.33
C VAL B 24 43.21 -1.31 -22.16
N SER B 25 43.88 -0.77 -21.17
CA SER B 25 44.21 -1.55 -19.98
C SER B 25 43.77 -0.77 -18.75
N GLY B 26 43.56 -1.49 -17.64
CA GLY B 26 43.19 -0.86 -16.37
C GLY B 26 41.67 -0.81 -16.14
N GLY B 27 40.90 -1.36 -17.06
CA GLY B 27 39.45 -1.39 -16.97
C GLY B 27 38.84 -1.83 -18.29
N SER B 28 37.54 -2.10 -18.29
CA SER B 28 36.84 -2.55 -19.49
C SER B 28 36.31 -1.42 -20.33
N ILE B 29 36.37 -1.60 -21.64
CA ILE B 29 35.92 -0.60 -22.59
C ILE B 29 34.41 -0.42 -22.59
N SER B 30 33.71 -1.37 -22.00
CA SER B 30 32.27 -1.36 -21.90
C SER B 30 31.80 -0.93 -20.51
N SER B 31 32.74 -0.49 -19.64
CA SER B 31 32.38 -0.19 -18.27
C SER B 31 31.62 1.10 -17.94
N GLY B 32 32.15 2.28 -18.27
CA GLY B 32 31.48 3.50 -17.81
C GLY B 32 30.93 4.42 -18.88
N ASN B 33 30.69 5.68 -18.50
CA ASN B 33 30.15 6.68 -19.42
C ASN B 33 31.28 7.32 -20.19
N TYR B 34 31.83 6.56 -21.11
CA TYR B 34 32.99 6.94 -21.88
C TYR B 34 32.80 6.68 -23.35
N TYR B 35 33.62 7.37 -24.12
CA TYR B 35 33.69 7.13 -25.54
C TYR B 35 35.14 7.16 -25.96
N TRP B 36 35.45 6.49 -27.04
CA TRP B 36 36.80 6.50 -27.55
C TRP B 36 36.89 7.19 -28.87
N SER B 37 37.99 7.83 -29.10
CA SER B 37 38.17 8.53 -30.35
C SER B 37 39.57 8.47 -30.83
N TRP B 38 39.72 8.80 -32.09
CA TRP B 38 41.05 8.94 -32.63
C TRP B 38 41.21 10.39 -33.01
N ILE B 39 42.35 10.94 -32.65
CA ILE B 39 42.68 12.33 -32.91
C ILE B 39 43.90 12.38 -33.80
N ARG B 40 43.85 13.15 -34.85
CA ARG B 40 45.00 13.24 -35.72
C ARG B 40 45.73 14.55 -35.59
N GLN B 41 47.04 14.50 -35.68
CA GLN B 41 47.82 15.71 -35.66
C GLN B 41 48.93 15.73 -36.69
N PRO B 42 48.70 16.29 -37.87
CA PRO B 42 49.68 16.41 -38.92
C PRO B 42 50.72 17.25 -38.25
N ALA B 43 52.00 17.02 -38.51
CA ALA B 43 52.96 17.85 -37.80
C ALA B 43 52.74 19.31 -38.13
N GLY B 44 52.77 20.14 -37.10
CA GLY B 44 52.63 21.58 -37.27
C GLY B 44 51.20 22.09 -37.31
N GLU B 45 50.22 21.19 -37.26
CA GLU B 45 48.83 21.58 -37.33
C GLU B 45 48.02 21.31 -36.06
N GLU B 46 46.77 21.73 -36.10
CA GLU B 46 45.80 21.58 -35.03
C GLU B 46 45.36 20.15 -34.88
N LEU B 47 44.92 19.80 -33.69
CA LEU B 47 44.39 18.49 -33.42
C LEU B 47 43.06 18.37 -34.15
N GLU B 48 42.82 17.24 -34.79
CA GLU B 48 41.58 16.98 -35.52
C GLU B 48 40.84 15.74 -35.05
N CYS B 49 39.56 15.86 -34.80
CA CYS B 49 38.80 14.67 -34.41
C CYS B 49 38.52 13.86 -35.66
N LEU B 50 38.87 12.56 -35.68
CA LEU B 50 38.60 11.79 -36.88
C LEU B 50 37.21 11.20 -36.78
N GLY B 51 36.88 10.87 -35.55
CA GLY B 51 35.61 10.25 -35.22
C GLY B 51 35.63 9.67 -33.82
N ARG B 52 34.45 9.27 -33.38
CA ARG B 52 34.18 8.72 -32.06
C ARG B 52 33.32 7.49 -32.08
N ILE B 53 33.58 6.60 -31.13
CA ILE B 53 32.75 5.46 -30.89
C ILE B 53 32.38 5.42 -29.42
N TYR B 54 31.12 5.22 -29.15
CA TYR B 54 30.62 5.16 -27.80
C TYR B 54 30.74 3.78 -27.26
N THR B 55 30.76 3.67 -25.94
CA THR B 55 30.84 2.40 -25.23
C THR B 55 29.66 1.47 -25.59
N THR B 56 28.57 2.07 -26.07
CA THR B 56 27.36 1.36 -26.46
C THR B 56 27.36 0.95 -27.94
N GLY B 57 28.40 1.30 -28.68
CA GLY B 57 28.54 0.97 -30.10
C GLY B 57 28.09 2.05 -31.09
N SER B 58 27.51 3.13 -30.61
CA SER B 58 27.10 4.22 -31.48
C SER B 58 28.32 4.95 -32.04
N THR B 59 28.27 5.38 -33.31
CA THR B 59 29.40 6.13 -33.88
C THR B 59 29.05 7.44 -34.55
N ASN B 60 30.06 8.31 -34.61
CA ASN B 60 30.03 9.61 -35.26
C ASN B 60 31.35 9.87 -35.99
N TYR B 61 31.29 10.22 -37.27
CA TYR B 61 32.54 10.47 -37.99
C TYR B 61 32.53 11.86 -38.58
N SER B 62 33.72 12.46 -38.66
CA SER B 62 33.86 13.79 -39.22
C SER B 62 33.55 13.81 -40.73
N PRO B 63 32.89 14.86 -41.26
CA PRO B 63 32.50 15.03 -42.66
C PRO B 63 33.55 14.82 -43.73
N SER B 64 34.81 15.14 -43.47
CA SER B 64 35.85 14.97 -44.49
C SER B 64 36.40 13.55 -44.54
N LEU B 65 36.10 12.79 -43.50
CA LEU B 65 36.58 11.44 -43.28
C LEU B 65 35.53 10.35 -43.32
N LYS B 66 34.27 10.68 -43.05
CA LYS B 66 33.23 9.67 -42.87
C LYS B 66 33.01 8.75 -44.07
N SER B 67 33.35 9.18 -45.28
CA SER B 67 33.17 8.31 -46.43
C SER B 67 34.33 7.28 -46.51
N ARG B 68 35.38 7.51 -45.73
CA ARG B 68 36.58 6.69 -45.69
C ARG B 68 36.90 6.02 -44.35
N VAL B 69 36.42 6.54 -43.22
CA VAL B 69 36.89 6.02 -41.93
C VAL B 69 35.84 5.24 -41.16
N THR B 70 36.31 4.13 -40.59
CA THR B 70 35.55 3.26 -39.72
C THR B 70 36.26 3.07 -38.38
N ILE B 71 35.49 3.17 -37.30
CA ILE B 71 36.00 2.91 -35.96
C ILE B 71 35.17 1.79 -35.36
N SER B 72 35.82 0.81 -34.75
CA SER B 72 35.10 -0.31 -34.15
C SER B 72 35.57 -0.67 -32.75
N LEU B 73 34.67 -1.34 -32.02
CA LEU B 73 34.83 -1.75 -30.62
C LEU B 73 34.87 -3.26 -30.44
N GLU B 74 35.95 -3.80 -29.88
CA GLU B 74 36.09 -5.23 -29.62
C GLU B 74 36.14 -5.51 -28.11
N THR B 75 35.00 -5.87 -27.52
CA THR B 75 34.95 -5.98 -26.05
C THR B 75 35.80 -7.08 -25.48
N SER B 76 35.90 -8.18 -26.19
CA SER B 76 36.60 -9.36 -25.67
C SER B 76 38.09 -9.16 -25.50
N LYS B 77 38.66 -8.16 -26.16
CA LYS B 77 40.07 -7.91 -26.05
C LYS B 77 40.35 -6.56 -25.42
N ASN B 78 39.30 -5.83 -25.04
CA ASN B 78 39.46 -4.45 -24.61
C ASN B 78 40.20 -3.62 -25.66
N GLN B 79 39.80 -3.77 -26.93
CA GLN B 79 40.46 -3.02 -28.00
C GLN B 79 39.55 -2.20 -28.88
N PHE B 80 40.11 -1.12 -29.39
CA PHE B 80 39.46 -0.30 -30.40
C PHE B 80 40.33 -0.18 -31.62
N SER B 81 39.71 -0.02 -32.77
CA SER B 81 40.56 0.18 -33.92
C SER B 81 40.04 1.16 -34.93
N LEU B 82 41.02 1.77 -35.58
CA LEU B 82 40.85 2.74 -36.64
C LEU B 82 41.22 2.19 -37.98
N ARG B 83 40.27 2.24 -38.90
CA ARG B 83 40.47 1.80 -40.27
C ARG B 83 40.19 2.93 -41.25
N LEU B 84 41.23 3.40 -41.94
CA LEU B 84 41.02 4.49 -42.89
C LEU B 84 41.30 4.00 -44.29
N ASN B 85 40.27 4.00 -45.11
CA ASN B 85 40.38 3.48 -46.44
C ASN B 85 40.85 4.57 -47.38
N SER B 86 41.41 4.17 -48.51
CA SER B 86 41.82 5.11 -49.54
C SER B 86 42.73 6.23 -49.03
N VAL B 87 43.81 5.87 -48.34
CA VAL B 87 44.74 6.86 -47.80
C VAL B 87 45.49 7.64 -48.86
N THR B 88 45.81 8.88 -48.55
CA THR B 88 46.63 9.69 -49.43
C THR B 88 47.77 10.35 -48.68
N ALA B 89 48.65 11.04 -49.38
CA ALA B 89 49.82 11.66 -48.76
C ALA B 89 49.45 12.65 -47.66
N ALA B 90 48.32 13.32 -47.84
CA ALA B 90 47.81 14.32 -46.91
C ALA B 90 47.43 13.73 -45.56
N ASP B 91 47.32 12.41 -45.46
CA ASP B 91 46.92 11.74 -44.23
C ASP B 91 48.14 11.41 -43.37
N THR B 92 49.34 11.84 -43.79
CA THR B 92 50.51 11.61 -42.94
C THR B 92 50.32 12.42 -41.67
N ALA B 93 50.38 11.77 -40.53
CA ALA B 93 50.13 12.44 -39.25
C ALA B 93 50.42 11.57 -38.06
N VAL B 94 50.42 12.17 -36.87
CA VAL B 94 50.43 11.37 -35.66
C VAL B 94 48.99 11.02 -35.29
N TYR B 95 48.72 9.76 -35.06
CA TYR B 95 47.38 9.33 -34.68
C TYR B 95 47.32 8.92 -33.22
N TYR B 96 46.49 9.61 -32.46
CA TYR B 96 46.39 9.34 -31.03
C TYR B 96 45.10 8.63 -30.68
N CYS B 97 45.16 7.70 -29.70
CA CYS B 97 44.00 7.04 -29.09
C CYS B 97 43.62 7.88 -27.87
N ALA B 98 42.33 8.24 -27.75
CA ALA B 98 41.94 9.03 -26.59
C ALA B 98 40.61 8.57 -26.01
N ARG B 99 40.50 8.68 -24.69
CA ARG B 99 39.31 8.34 -23.95
C ARG B 99 38.61 9.58 -23.47
N GLY B 100 37.40 9.80 -23.98
CA GLY B 100 36.63 10.96 -23.63
C GLY B 100 35.68 10.63 -22.51
N MET B 101 35.36 11.62 -21.70
CA MET B 101 34.43 11.47 -20.62
C MET B 101 33.10 11.95 -21.09
N ASP B 102 32.11 11.08 -21.10
CA ASP B 102 30.77 11.45 -21.52
C ASP B 102 29.93 11.78 -20.31
N PHE B 103 30.21 12.85 -19.58
CA PHE B 103 29.43 13.09 -18.38
C PHE B 103 28.56 14.20 -18.86
N GLY B 104 27.31 14.27 -18.50
CA GLY B 104 26.51 15.30 -19.12
C GLY B 104 27.18 16.71 -19.23
N PRO B 105 27.42 17.41 -18.13
CA PRO B 105 28.06 18.70 -18.02
C PRO B 105 29.54 18.76 -18.41
N THR B 106 30.20 17.61 -18.50
CA THR B 106 31.62 17.61 -18.82
C THR B 106 31.94 16.70 -19.99
N ASP B 107 32.56 17.28 -21.01
CA ASP B 107 32.92 16.50 -22.17
C ASP B 107 34.35 16.87 -22.56
N ALA B 108 35.26 15.95 -22.31
CA ALA B 108 36.69 16.20 -22.52
C ALA B 108 37.50 14.94 -22.72
N PHE B 109 38.69 15.07 -23.34
CA PHE B 109 39.59 13.94 -23.51
C PHE B 109 40.53 13.83 -22.33
N ASP B 110 40.23 12.85 -21.49
CA ASP B 110 40.90 12.64 -20.22
C ASP B 110 42.17 11.84 -20.37
N ILE B 111 42.10 10.76 -21.12
CA ILE B 111 43.28 9.92 -21.25
C ILE B 111 43.73 9.86 -22.68
N TRP B 112 45.00 10.14 -22.87
CA TRP B 112 45.60 10.08 -24.18
C TRP B 112 46.65 8.99 -24.21
N GLY B 113 46.80 8.36 -25.36
CA GLY B 113 47.85 7.40 -25.59
C GLY B 113 49.08 8.15 -25.99
N GLN B 114 50.06 7.50 -26.59
CA GLN B 114 51.29 8.23 -26.88
C GLN B 114 51.33 8.82 -28.27
N GLY B 115 50.60 8.20 -29.18
CA GLY B 115 50.56 8.64 -30.56
C GLY B 115 51.43 7.81 -31.47
N THR B 116 50.85 7.32 -32.56
CA THR B 116 51.57 6.52 -33.51
C THR B 116 51.70 7.23 -34.83
N MET B 117 52.91 7.28 -35.35
CA MET B 117 53.10 7.98 -36.60
C MET B 117 52.81 7.10 -37.80
N VAL B 118 51.99 7.62 -38.70
CA VAL B 118 51.69 6.92 -39.93
C VAL B 118 52.05 7.79 -41.11
N THR B 119 52.86 7.24 -42.00
CA THR B 119 53.28 7.96 -43.19
C THR B 119 52.63 7.38 -44.41
N VAL B 120 52.13 8.24 -45.30
CA VAL B 120 51.55 7.73 -46.52
C VAL B 120 52.35 8.32 -47.67
N SER B 121 52.92 7.48 -48.50
CA SER B 121 53.75 7.98 -49.61
C SER B 121 53.91 6.93 -50.72
N SER B 122 54.37 7.37 -51.92
CA SER B 122 54.63 6.52 -53.11
C SER B 122 55.82 5.54 -52.93
N ASP C 1 27.63 24.08 -37.11
CA ASP C 1 29.05 24.08 -36.78
C ASP C 1 29.51 25.48 -36.30
N ILE C 2 30.39 25.49 -35.28
CA ILE C 2 30.93 26.69 -34.62
C ILE C 2 32.43 26.79 -34.89
N GLN C 3 32.83 27.97 -35.37
CA GLN C 3 34.22 28.26 -35.70
C GLN C 3 34.97 28.78 -34.50
N MET C 4 36.15 28.23 -34.26
CA MET C 4 36.99 28.72 -33.17
C MET C 4 38.12 29.63 -33.59
N THR C 5 38.37 30.62 -32.75
CA THR C 5 39.50 31.54 -32.87
C THR C 5 40.29 31.56 -31.58
N GLN C 6 41.59 31.50 -31.69
CA GLN C 6 42.40 31.54 -30.48
C GLN C 6 43.56 32.47 -30.72
N SER C 7 43.87 33.29 -29.72
CA SER C 7 44.99 34.22 -29.85
C SER C 7 45.59 34.61 -28.50
N PRO C 8 46.84 35.05 -28.46
CA PRO C 8 47.87 35.24 -29.48
C PRO C 8 48.26 33.93 -30.12
N SER C 9 48.81 33.93 -31.34
CA SER C 9 49.25 32.65 -31.89
C SER C 9 50.45 32.16 -31.08
N SER C 10 51.19 33.12 -30.56
CA SER C 10 52.31 32.87 -29.69
C SER C 10 52.54 34.10 -28.86
N LEU C 11 53.14 33.89 -27.71
CA LEU C 11 53.55 34.97 -26.84
C LEU C 11 54.68 34.51 -25.96
N SER C 12 55.71 35.31 -25.81
CA SER C 12 56.77 34.94 -24.90
C SER C 12 56.49 35.49 -23.54
N ALA C 13 57.08 34.88 -22.54
CA ALA C 13 56.95 35.37 -21.18
C ALA C 13 58.11 34.87 -20.33
N SER C 14 58.38 35.59 -19.25
CA SER C 14 59.41 35.18 -18.33
C SER C 14 58.83 34.25 -17.29
N VAL C 15 59.69 33.52 -16.63
CA VAL C 15 59.20 32.72 -15.54
C VAL C 15 58.81 33.68 -14.44
N GLY C 16 57.60 33.49 -13.92
CA GLY C 16 57.00 34.33 -12.90
C GLY C 16 55.98 35.33 -13.45
N ASP C 17 55.92 35.48 -14.78
CA ASP C 17 54.96 36.39 -15.41
C ASP C 17 53.53 35.87 -15.44
N ARG C 18 52.59 36.81 -15.48
CA ARG C 18 51.18 36.49 -15.65
C ARG C 18 50.91 36.28 -17.13
N VAL C 19 50.30 35.15 -17.48
CA VAL C 19 50.03 34.84 -18.88
C VAL C 19 48.55 34.58 -19.17
N THR C 20 47.99 35.28 -20.14
CA THR C 20 46.59 35.01 -20.47
C THR C 20 46.44 34.65 -21.94
N ILE C 21 45.62 33.64 -22.18
CA ILE C 21 45.30 33.16 -23.52
C ILE C 21 43.80 33.29 -23.80
N THR C 22 43.44 33.92 -24.92
CA THR C 22 42.04 34.16 -25.25
C THR C 22 41.50 33.17 -26.29
N CYS C 23 40.30 32.60 -26.05
CA CYS C 23 39.61 31.68 -26.96
C CYS C 23 38.20 32.19 -27.21
N ARG C 24 37.85 32.30 -28.48
CA ARG C 24 36.56 32.82 -28.87
C ARG C 24 35.74 31.93 -29.77
N ALA C 25 34.48 31.80 -29.42
CA ALA C 25 33.57 31.01 -30.22
C ALA C 25 32.78 31.92 -31.13
N SER C 26 32.55 31.51 -32.38
CA SER C 26 31.70 32.29 -33.27
C SER C 26 30.23 32.27 -32.84
N GLN C 27 29.85 31.28 -32.04
CA GLN C 27 28.50 31.12 -31.51
C GLN C 27 28.65 30.70 -30.06
N SER C 28 27.69 31.02 -29.22
CA SER C 28 27.82 30.56 -27.84
C SER C 28 27.86 29.06 -27.69
N VAL C 29 28.75 28.63 -26.80
CA VAL C 29 28.92 27.22 -26.44
C VAL C 29 28.68 27.04 -24.96
N SER C 30 28.02 28.00 -24.35
CA SER C 30 27.76 27.95 -22.92
C SER C 30 29.03 27.81 -22.11
N SER C 31 29.11 26.77 -21.30
CA SER C 31 30.25 26.49 -20.43
C SER C 31 31.08 25.32 -20.95
N TYR C 32 30.72 24.79 -22.11
CA TYR C 32 31.36 23.60 -22.65
C TYR C 32 32.62 23.88 -23.42
N LEU C 33 33.58 24.49 -22.74
CA LEU C 33 34.87 24.75 -23.35
C LEU C 33 35.93 24.16 -22.44
N ASN C 34 36.74 23.27 -22.96
CA ASN C 34 37.79 22.70 -22.12
C ASN C 34 39.15 23.25 -22.61
N TRP C 35 40.23 22.98 -21.87
CA TRP C 35 41.59 23.39 -22.28
C TRP C 35 42.63 22.28 -22.08
N TYR C 36 43.61 22.21 -22.99
CA TYR C 36 44.70 21.25 -22.96
C TYR C 36 46.09 21.88 -23.04
N GLN C 37 47.06 21.23 -22.43
CA GLN C 37 48.47 21.64 -22.51
C GLN C 37 49.28 20.59 -23.25
N GLN C 38 49.78 20.92 -24.45
CA GLN C 38 50.56 19.97 -25.22
C GLN C 38 52.04 20.29 -25.20
N ARG C 39 52.85 19.34 -24.81
CA ARG C 39 54.28 19.60 -24.81
C ARG C 39 54.77 19.07 -26.13
N SER C 40 55.78 19.67 -26.72
CA SER C 40 56.22 19.12 -27.99
C SER C 40 56.68 17.69 -27.83
N GLY C 41 56.27 16.85 -28.77
CA GLY C 41 56.65 15.44 -28.79
C GLY C 41 55.74 14.54 -27.93
N LYS C 42 54.76 15.11 -27.26
CA LYS C 42 53.87 14.35 -26.39
C LYS C 42 52.40 14.58 -26.71
N ALA C 43 51.56 13.64 -26.30
CA ALA C 43 50.14 13.81 -26.47
C ALA C 43 49.69 14.95 -25.56
N PRO C 44 48.64 15.72 -25.91
CA PRO C 44 48.03 16.76 -25.11
C PRO C 44 47.52 16.27 -23.78
N ARG C 45 47.67 17.09 -22.75
CA ARG C 45 47.17 16.76 -21.42
C ARG C 45 46.00 17.67 -21.05
N LEU C 46 44.95 17.13 -20.45
CA LEU C 46 43.82 17.98 -20.07
C LEU C 46 44.11 18.83 -18.85
N LEU C 47 43.83 20.13 -18.96
CA LEU C 47 43.99 21.06 -17.85
C LEU C 47 42.68 21.46 -17.24
N ILE C 48 41.77 21.89 -18.10
CA ILE C 48 40.46 22.39 -17.71
C ILE C 48 39.41 21.55 -18.36
N TYR C 49 38.43 21.03 -17.62
CA TYR C 49 37.45 20.21 -18.30
C TYR C 49 36.13 20.92 -18.59
N THR C 50 35.81 21.95 -17.83
CA THR C 50 34.66 22.81 -18.16
C THR C 50 35.18 24.18 -17.87
N VAL C 51 34.57 25.25 -18.33
CA VAL C 51 35.23 26.50 -17.98
C VAL C 51 35.29 26.61 -16.46
N THR C 52 36.47 27.02 -15.97
CA THR C 52 36.93 27.22 -14.58
C THR C 52 37.29 25.95 -13.80
N ASN C 53 36.88 24.78 -14.27
CA ASN C 53 37.09 23.52 -13.55
C ASN C 53 38.31 22.79 -14.00
N PHE C 54 39.34 22.70 -13.13
CA PHE C 54 40.58 22.06 -13.54
C PHE C 54 40.70 20.62 -13.12
N GLN C 55 41.50 19.89 -13.87
CA GLN C 55 41.75 18.49 -13.65
C GLN C 55 42.66 18.21 -12.47
N SER C 56 42.40 17.11 -11.79
CA SER C 56 43.26 16.76 -10.67
C SER C 56 44.69 16.62 -11.17
N GLY C 57 45.63 17.15 -10.41
CA GLY C 57 47.03 17.10 -10.77
C GLY C 57 47.48 18.37 -11.49
N VAL C 58 46.51 19.20 -11.89
CA VAL C 58 46.80 20.44 -12.55
C VAL C 58 47.10 21.47 -11.49
N PRO C 59 48.22 22.16 -11.56
CA PRO C 59 48.61 23.18 -10.63
C PRO C 59 47.53 24.24 -10.53
N SER C 60 47.37 24.78 -9.33
CA SER C 60 46.37 25.79 -9.00
C SER C 60 46.59 27.11 -9.73
N ARG C 61 47.78 27.26 -10.32
CA ARG C 61 48.09 28.43 -11.10
C ARG C 61 47.27 28.46 -12.39
N PHE C 62 46.65 27.34 -12.81
CA PHE C 62 45.83 27.34 -14.01
C PHE C 62 44.38 27.59 -13.69
N SER C 63 43.91 28.75 -14.08
CA SER C 63 42.56 29.17 -13.76
C SER C 63 41.77 29.63 -14.96
N GLY C 64 40.70 28.90 -15.26
CA GLY C 64 39.88 29.26 -16.41
C GLY C 64 38.83 30.27 -15.99
N SER C 65 38.30 31.00 -16.96
CA SER C 65 37.20 31.93 -16.74
C SER C 65 36.46 32.21 -18.02
N GLY C 66 35.28 32.82 -17.92
CA GLY C 66 34.54 33.24 -19.11
C GLY C 66 33.25 32.47 -19.36
N SER C 67 32.57 32.85 -20.44
CA SER C 67 31.27 32.24 -20.78
C SER C 67 30.75 32.54 -22.18
N GLY C 68 30.06 31.56 -22.76
CA GLY C 68 29.35 31.78 -23.99
C GLY C 68 30.27 31.83 -25.17
N THR C 69 30.76 33.02 -25.45
CA THR C 69 31.65 33.20 -26.58
C THR C 69 33.04 33.60 -26.23
N ASP C 70 33.26 34.13 -25.03
CA ASP C 70 34.57 34.64 -24.70
C ASP C 70 35.14 34.03 -23.45
N PHE C 71 36.23 33.28 -23.64
CA PHE C 71 36.87 32.54 -22.58
C PHE C 71 38.35 32.85 -22.44
N THR C 72 38.87 32.74 -21.22
CA THR C 72 40.29 32.97 -20.95
C THR C 72 40.93 31.86 -20.12
N LEU C 73 42.16 31.50 -20.48
CA LEU C 73 42.97 30.62 -19.64
C LEU C 73 44.07 31.45 -19.02
N THR C 74 44.11 31.52 -17.70
CA THR C 74 45.14 32.32 -17.05
C THR C 74 46.13 31.50 -16.27
N ILE C 75 47.41 31.76 -16.49
CA ILE C 75 48.45 31.11 -15.71
C ILE C 75 48.88 32.20 -14.75
N SER C 76 48.61 32.02 -13.47
CA SER C 76 48.86 33.11 -12.55
C SER C 76 50.32 33.52 -12.41
N SER C 77 51.22 32.54 -12.55
CA SER C 77 52.66 32.71 -12.48
C SER C 77 53.33 31.63 -13.30
N LEU C 78 53.85 31.99 -14.46
CA LEU C 78 54.41 31.03 -15.39
C LEU C 78 55.61 30.28 -14.86
N GLN C 79 55.58 28.95 -15.00
CA GLN C 79 56.70 28.13 -14.55
C GLN C 79 57.49 27.56 -15.72
N PRO C 80 58.72 27.05 -15.52
CA PRO C 80 59.55 26.38 -16.52
C PRO C 80 58.85 25.16 -17.13
N GLU C 81 57.86 24.65 -16.41
CA GLU C 81 57.06 23.49 -16.78
C GLU C 81 55.96 23.81 -17.77
N ASP C 82 55.70 25.09 -18.00
CA ASP C 82 54.56 25.50 -18.79
C ASP C 82 54.87 25.89 -20.22
N PHE C 83 56.06 25.63 -20.69
CA PHE C 83 56.32 26.03 -22.05
C PHE C 83 55.79 24.93 -22.95
N ALA C 84 54.56 25.20 -23.38
CA ALA C 84 53.66 24.32 -24.08
C ALA C 84 52.74 25.04 -25.05
N THR C 85 52.10 24.28 -25.93
CA THR C 85 51.10 24.85 -26.82
C THR C 85 49.74 24.60 -26.18
N TYR C 86 48.97 25.64 -25.94
CA TYR C 86 47.69 25.44 -25.29
C TYR C 86 46.56 25.45 -26.28
N TYR C 87 45.64 24.53 -26.10
CA TYR C 87 44.49 24.44 -27.00
C TYR C 87 43.21 24.52 -26.21
N CYS C 88 42.18 25.10 -26.81
CA CYS C 88 40.82 25.15 -26.29
C CYS C 88 39.96 24.24 -27.18
N GLN C 89 38.93 23.63 -26.62
CA GLN C 89 38.00 22.77 -27.40
C GLN C 89 36.56 22.99 -27.04
N GLU C 90 35.73 23.13 -28.06
CA GLU C 90 34.31 23.37 -27.86
C GLU C 90 33.53 22.11 -28.05
N SER C 91 33.00 21.61 -26.96
CA SER C 91 32.34 20.31 -26.94
C SER C 91 30.83 20.39 -26.96
N TYR C 92 30.33 21.58 -27.19
CA TYR C 92 28.90 21.82 -27.26
C TYR C 92 28.30 21.16 -28.51
N THR C 93 28.97 21.29 -29.63
CA THR C 93 28.53 20.76 -30.92
C THR C 93 28.95 19.33 -31.17
N SER C 94 28.39 18.72 -32.21
CA SER C 94 28.74 17.34 -32.58
C SER C 94 30.18 17.19 -33.05
N ARG C 95 30.73 18.25 -33.63
CA ARG C 95 32.12 18.23 -34.05
C ARG C 95 32.93 18.86 -32.94
N LEU C 96 33.73 18.07 -32.27
CA LEU C 96 34.44 18.57 -31.10
C LEU C 96 35.71 19.25 -31.55
N THR C 97 35.58 20.45 -32.08
CA THR C 97 36.75 21.08 -32.68
C THR C 97 37.64 21.78 -31.69
N PHE C 98 38.86 22.00 -32.13
CA PHE C 98 39.90 22.67 -31.37
C PHE C 98 40.26 24.00 -31.98
N GLY C 99 40.76 24.89 -31.15
CA GLY C 99 41.23 26.18 -31.61
C GLY C 99 42.61 26.01 -32.23
N GLY C 100 43.18 27.12 -32.69
CA GLY C 100 44.48 27.12 -33.38
C GLY C 100 45.66 26.67 -32.53
N GLY C 101 45.66 26.97 -31.25
CA GLY C 101 46.76 26.62 -30.38
C GLY C 101 47.64 27.84 -30.11
N THR C 102 47.94 28.10 -28.85
CA THR C 102 48.79 29.23 -28.48
C THR C 102 50.09 28.79 -27.89
N LYS C 103 51.17 29.20 -28.50
CA LYS C 103 52.47 28.79 -28.00
C LYS C 103 53.04 29.74 -26.97
N VAL C 104 53.38 29.21 -25.80
CA VAL C 104 54.03 30.05 -24.82
C VAL C 104 55.53 29.85 -24.97
N GLU C 105 56.22 30.93 -25.24
CA GLU C 105 57.65 30.92 -25.52
C GLU C 105 58.48 31.44 -24.36
N ILE C 106 59.72 31.00 -24.28
CA ILE C 106 60.59 31.48 -23.22
C ILE C 106 61.19 32.85 -23.59
N LYS C 107 61.06 33.86 -22.70
CA LYS C 107 61.63 35.21 -22.83
C LYS C 107 63.00 35.25 -22.11
N ASP D 16 -82.70 -8.53 1.10
CA ASP D 16 -81.89 -7.37 0.75
C ASP D 16 -80.41 -7.78 0.52
N GLN D 17 -79.53 -6.80 0.17
CA GLN D 17 -78.13 -7.05 -0.22
C GLN D 17 -77.08 -7.29 0.85
N ILE D 18 -76.05 -8.00 0.41
CA ILE D 18 -74.83 -8.23 1.15
C ILE D 18 -73.64 -7.72 0.31
N CYS D 19 -72.96 -6.64 0.77
CA CYS D 19 -71.84 -6.03 0.05
C CYS D 19 -70.52 -6.54 0.57
N ILE D 20 -69.55 -6.63 -0.33
CA ILE D 20 -68.19 -7.02 -0.03
C ILE D 20 -67.25 -5.89 -0.28
N GLY D 21 -66.42 -5.62 0.69
CA GLY D 21 -65.49 -4.52 0.58
C GLY D 21 -64.35 -4.60 1.54
N TYR D 22 -63.75 -3.46 1.80
CA TYR D 22 -62.56 -3.40 2.59
C TYR D 22 -62.46 -2.15 3.44
N HIS D 23 -61.56 -2.21 4.40
CA HIS D 23 -61.24 -1.17 5.37
C HIS D 23 -60.75 0.15 4.79
N ALA D 24 -61.23 1.25 5.36
CA ALA D 24 -60.75 2.59 5.01
C ALA D 24 -60.56 3.34 6.29
N ASN D 25 -59.70 4.34 6.29
CA ASN D 25 -59.53 5.09 7.52
C ASN D 25 -59.22 6.57 7.20
N ASN D 26 -58.74 7.34 8.20
CA ASN D 26 -58.41 8.76 8.11
C ASN D 26 -56.91 9.02 7.82
N SER D 27 -56.13 7.98 7.41
CA SER D 27 -54.71 8.09 7.08
C SER D 27 -54.43 8.93 5.86
N THR D 28 -53.40 9.74 5.95
CA THR D 28 -52.94 10.57 4.85
C THR D 28 -51.51 10.18 4.54
N GLU D 29 -51.11 9.02 5.01
CA GLU D 29 -49.77 8.50 4.78
C GLU D 29 -49.63 8.05 3.35
N LYS D 30 -48.63 8.56 2.63
CA LYS D 30 -48.49 8.18 1.23
C LYS D 30 -47.20 7.45 0.91
N VAL D 31 -47.30 6.51 -0.03
CA VAL D 31 -46.17 5.74 -0.54
C VAL D 31 -46.07 5.80 -2.05
N ASP D 32 -44.90 5.46 -2.57
CA ASP D 32 -44.73 5.37 -4.00
C ASP D 32 -44.63 3.93 -4.44
N THR D 33 -44.98 3.66 -5.69
CA THR D 33 -44.88 2.35 -6.27
C THR D 33 -44.22 2.51 -7.64
N ILE D 34 -44.04 1.42 -8.34
CA ILE D 34 -43.48 1.46 -9.69
C ILE D 34 -44.38 2.21 -10.66
N LEU D 35 -45.68 2.00 -10.56
CA LEU D 35 -46.63 2.60 -11.49
C LEU D 35 -47.29 3.90 -11.00
N GLU D 36 -47.34 4.10 -9.69
CA GLU D 36 -48.02 5.24 -9.10
C GLU D 36 -47.16 6.04 -8.14
N ARG D 37 -47.48 7.31 -7.95
CA ARG D 37 -46.76 8.13 -6.97
C ARG D 37 -47.81 8.79 -6.07
N ASN D 38 -47.44 9.13 -4.80
CA ASN D 38 -48.31 9.80 -3.81
C ASN D 38 -49.62 8.99 -3.56
N VAL D 39 -49.51 7.66 -3.31
CA VAL D 39 -50.63 6.75 -3.08
C VAL D 39 -50.93 6.68 -1.60
N THR D 40 -52.14 7.00 -1.21
CA THR D 40 -52.47 6.99 0.21
C THR D 40 -52.76 5.57 0.65
N VAL D 41 -52.21 5.16 1.78
CA VAL D 41 -52.45 3.83 2.32
C VAL D 41 -52.97 3.91 3.74
N THR D 42 -53.67 2.86 4.17
CA THR D 42 -54.25 2.86 5.50
C THR D 42 -53.20 2.69 6.58
N HIS D 43 -52.14 1.96 6.25
CA HIS D 43 -51.05 1.67 7.17
C HIS D 43 -49.75 1.57 6.41
N ALA D 44 -48.65 1.96 7.03
CA ALA D 44 -47.35 1.83 6.40
C ALA D 44 -46.26 1.68 7.42
N LYS D 45 -45.14 1.11 7.01
CA LYS D 45 -43.98 0.96 7.88
C LYS D 45 -42.75 1.58 7.28
N ASP D 46 -42.14 2.45 8.03
CA ASP D 46 -40.93 3.11 7.59
C ASP D 46 -39.77 2.20 7.93
N ILE D 47 -39.01 1.76 6.93
CA ILE D 47 -37.93 0.83 7.18
C ILE D 47 -36.56 1.48 7.10
N LEU D 48 -36.57 2.81 7.06
CA LEU D 48 -35.37 3.60 7.05
C LEU D 48 -35.24 4.28 8.39
N GLU D 49 -34.21 3.98 9.13
CA GLU D 49 -34.06 4.62 10.42
C GLU D 49 -33.46 5.99 10.26
N LYS D 50 -34.19 7.01 10.69
CA LYS D 50 -33.73 8.36 10.54
C LYS D 50 -33.28 9.06 11.81
N THR D 51 -33.59 8.52 13.00
CA THR D 51 -33.27 9.28 14.22
C THR D 51 -32.36 8.58 15.20
N HIS D 52 -31.31 9.28 15.58
CA HIS D 52 -30.37 8.79 16.57
C HIS D 52 -30.62 9.42 17.95
N ASN D 53 -29.85 8.97 18.95
CA ASN D 53 -29.99 9.44 20.33
C ASN D 53 -29.42 10.82 20.60
N GLY D 54 -28.40 11.19 19.86
CA GLY D 54 -27.70 12.45 20.10
C GLY D 54 -26.60 12.26 21.15
N LYS D 55 -26.50 11.05 21.66
CA LYS D 55 -25.55 10.71 22.69
C LYS D 55 -24.50 9.77 22.20
N LEU D 56 -23.34 9.90 22.77
CA LEU D 56 -22.29 8.95 22.51
C LEU D 56 -22.41 7.93 23.65
N CYS D 57 -22.61 6.65 23.31
CA CYS D 57 -22.89 5.55 24.24
C CYS D 57 -21.79 4.50 24.28
N LYS D 58 -21.93 3.58 25.23
CA LYS D 58 -21.03 2.46 25.32
C LYS D 58 -21.47 1.51 24.24
N LEU D 59 -20.55 0.81 23.61
CA LEU D 59 -20.92 -0.10 22.54
C LEU D 59 -20.88 -1.52 23.05
N ASN D 60 -22.03 -2.18 23.05
CA ASN D 60 -22.18 -3.53 23.57
C ASN D 60 -21.70 -3.65 25.02
N GLY D 61 -21.96 -2.61 25.80
CA GLY D 61 -21.61 -2.57 27.23
C GLY D 61 -20.19 -2.10 27.54
N ILE D 62 -19.37 -1.88 26.52
CA ILE D 62 -18.00 -1.47 26.74
C ILE D 62 -17.83 -0.03 26.24
N PRO D 63 -17.32 0.90 27.04
CA PRO D 63 -17.18 2.29 26.70
C PRO D 63 -16.11 2.46 25.66
N PRO D 64 -16.04 3.59 25.00
CA PRO D 64 -14.96 4.03 24.17
C PRO D 64 -13.80 4.50 24.96
N LEU D 65 -12.66 4.55 24.34
CA LEU D 65 -11.54 5.22 24.95
C LEU D 65 -11.82 6.68 24.71
N GLU D 66 -11.76 7.52 25.74
CA GLU D 66 -12.04 8.92 25.50
C GLU D 66 -10.78 9.74 25.54
N LEU D 67 -10.26 10.13 24.38
CA LEU D 67 -9.00 10.87 24.34
C LEU D 67 -9.21 12.36 24.51
N GLY D 68 -10.43 12.83 24.28
CA GLY D 68 -10.65 14.25 24.37
C GLY D 68 -9.81 14.99 23.34
N ASP D 69 -8.98 15.90 23.83
CA ASP D 69 -8.12 16.74 23.01
C ASP D 69 -6.78 16.14 22.53
N CYS D 70 -6.45 14.90 22.97
CA CYS D 70 -5.21 14.19 22.67
C CYS D 70 -5.34 13.32 21.43
N SER D 71 -4.19 13.09 20.80
CA SER D 71 -4.10 12.16 19.69
C SER D 71 -3.65 10.82 20.25
N ILE D 72 -3.65 9.78 19.43
CA ILE D 72 -3.13 8.50 19.89
C ILE D 72 -1.68 8.59 20.28
N ALA D 73 -0.85 9.25 19.46
CA ALA D 73 0.55 9.35 19.82
C ALA D 73 0.71 10.11 21.11
N GLY D 74 -0.10 11.13 21.33
CA GLY D 74 0.00 11.90 22.56
C GLY D 74 -0.25 11.00 23.75
N TRP D 75 -1.32 10.23 23.70
CA TRP D 75 -1.67 9.33 24.76
C TRP D 75 -0.63 8.28 25.06
N LEU D 76 -0.11 7.61 24.04
CA LEU D 76 0.85 6.54 24.24
C LEU D 76 2.23 7.00 24.59
N LEU D 77 2.65 8.13 24.07
CA LEU D 77 3.96 8.60 24.36
C LEU D 77 3.94 9.25 25.72
N GLY D 78 2.80 9.80 26.11
CA GLY D 78 2.71 10.45 27.39
C GLY D 78 2.89 11.96 27.29
N ASN D 79 2.25 12.58 26.33
CA ASN D 79 2.31 14.02 26.21
C ASN D 79 2.01 14.53 27.61
N PRO D 80 2.76 15.47 28.17
CA PRO D 80 2.57 15.99 29.50
C PRO D 80 1.16 16.48 29.77
N GLU D 81 0.44 16.84 28.71
CA GLU D 81 -0.93 17.36 28.80
C GLU D 81 -2.05 16.30 28.73
N CYS D 82 -1.70 14.99 28.60
CA CYS D 82 -2.61 13.84 28.43
C CYS D 82 -2.55 12.93 29.67
N ASP D 83 -2.27 13.48 30.85
CA ASP D 83 -2.15 12.64 32.02
C ASP D 83 -3.48 12.33 32.69
N ARG D 84 -4.58 12.74 32.08
CA ARG D 84 -5.90 12.44 32.57
C ARG D 84 -6.48 11.27 31.78
N LEU D 85 -5.68 10.75 30.85
CA LEU D 85 -6.14 9.64 30.01
C LEU D 85 -5.58 8.32 30.48
N LEU D 86 -4.95 8.35 31.64
CA LEU D 86 -4.26 7.21 32.20
C LEU D 86 -5.21 6.24 32.87
N SER D 87 -6.49 6.59 32.85
CA SER D 87 -7.55 5.77 33.37
C SER D 87 -7.72 4.51 32.54
N VAL D 88 -7.34 4.56 31.26
CA VAL D 88 -7.38 3.41 30.37
C VAL D 88 -8.51 2.40 30.67
N PRO D 89 -9.78 2.76 30.56
CA PRO D 89 -10.91 1.88 30.79
C PRO D 89 -10.93 0.93 29.64
N GLU D 90 -11.51 -0.26 29.78
CA GLU D 90 -11.62 -1.16 28.63
C GLU D 90 -12.44 -0.48 27.55
N TRP D 91 -12.00 -0.55 26.30
CA TRP D 91 -12.73 0.13 25.25
C TRP D 91 -13.09 -0.68 24.03
N SER D 92 -14.18 -0.33 23.39
CA SER D 92 -14.59 -1.03 22.18
C SER D 92 -14.48 -0.22 20.90
N TYR D 93 -14.15 1.04 21.04
CA TYR D 93 -13.92 1.95 19.93
C TYR D 93 -13.11 3.08 20.49
N ILE D 94 -12.48 3.87 19.66
CA ILE D 94 -11.77 5.02 20.20
C ILE D 94 -12.44 6.31 19.82
N MET D 95 -12.66 7.16 20.79
CA MET D 95 -13.27 8.44 20.56
C MET D 95 -12.20 9.52 20.60
N GLU D 96 -12.07 10.25 19.50
CA GLU D 96 -11.02 11.25 19.37
C GLU D 96 -11.54 12.53 18.76
N LYS D 97 -11.13 13.68 19.29
CA LYS D 97 -11.53 14.94 18.68
C LYS D 97 -10.87 15.06 17.32
N GLU D 98 -11.59 15.53 16.32
CA GLU D 98 -10.96 15.70 15.02
C GLU D 98 -9.93 16.80 15.13
N ASN D 99 -8.78 16.61 14.51
CA ASN D 99 -7.70 17.59 14.57
C ASN D 99 -7.35 17.92 16.02
N PRO D 100 -6.90 16.92 16.81
CA PRO D 100 -6.59 17.03 18.20
C PRO D 100 -5.40 17.91 18.37
N ARG D 101 -5.28 18.52 19.53
CA ARG D 101 -4.19 19.41 19.84
C ARG D 101 -3.02 18.73 20.53
N ASP D 102 -3.33 17.89 21.49
CA ASP D 102 -2.29 17.33 22.34
C ASP D 102 -1.68 16.08 21.72
N GLY D 103 -0.86 16.32 20.72
CA GLY D 103 -0.22 15.28 19.93
C GLY D 103 1.22 15.15 20.31
N LEU D 104 2.11 15.53 19.42
CA LEU D 104 3.51 15.44 19.76
C LEU D 104 3.95 16.84 20.18
N CYS D 105 4.28 17.03 21.48
CA CYS D 105 4.69 18.31 22.05
C CYS D 105 6.04 18.74 21.50
N TYR D 106 6.84 17.74 21.15
CA TYR D 106 8.11 17.97 20.54
C TYR D 106 7.80 17.64 19.11
N PRO D 107 8.07 18.48 18.12
CA PRO D 107 7.68 18.24 16.75
C PRO D 107 8.31 16.98 16.26
N GLY D 108 7.61 16.26 15.43
CA GLY D 108 8.12 15.01 14.96
C GLY D 108 7.14 14.30 14.07
N SER D 109 7.38 13.02 13.89
CA SER D 109 6.57 12.16 13.05
C SER D 109 6.51 10.79 13.67
N PHE D 110 5.55 10.00 13.25
CA PHE D 110 5.40 8.69 13.80
C PHE D 110 5.23 7.74 12.62
N ASN D 111 6.10 6.74 12.51
CA ASN D 111 6.07 5.81 11.40
C ASN D 111 4.98 4.82 11.55
N ASP D 112 4.35 4.45 10.44
CA ASP D 112 3.30 3.46 10.49
C ASP D 112 2.29 3.84 11.54
N TYR D 113 1.95 5.12 11.56
CA TYR D 113 1.04 5.64 12.54
C TYR D 113 -0.36 5.20 12.27
N GLU D 114 -0.74 5.17 11.01
CA GLU D 114 -2.08 4.74 10.65
C GLU D 114 -2.27 3.28 10.99
N GLU D 115 -1.21 2.50 10.82
CA GLU D 115 -1.28 1.09 11.11
C GLU D 115 -1.45 0.91 12.62
N LEU D 116 -0.77 1.72 13.41
CA LEU D 116 -0.95 1.64 14.84
C LEU D 116 -2.33 2.09 15.25
N LYS D 117 -2.84 3.17 14.65
CA LYS D 117 -4.16 3.63 15.00
C LYS D 117 -5.18 2.55 14.75
N HIS D 118 -5.02 1.78 13.66
CA HIS D 118 -5.88 0.66 13.35
C HIS D 118 -5.71 -0.42 14.40
N LEU D 119 -4.47 -0.78 14.74
CA LEU D 119 -4.24 -1.83 15.72
C LEU D 119 -4.94 -1.57 17.02
N LEU D 120 -4.85 -0.36 17.50
CA LEU D 120 -5.36 -0.02 18.80
C LEU D 120 -6.84 0.01 18.92
N SER D 121 -7.57 0.00 17.82
CA SER D 121 -8.99 0.05 17.99
C SER D 121 -9.50 -1.29 18.52
N SER D 122 -8.72 -2.36 18.32
CA SER D 122 -9.05 -3.72 18.73
C SER D 122 -8.65 -4.01 20.15
N VAL D 123 -7.86 -3.12 20.70
CA VAL D 123 -7.28 -3.44 21.96
C VAL D 123 -8.21 -3.06 22.99
N LYS D 124 -9.07 -3.95 23.35
CA LYS D 124 -10.03 -3.50 24.30
C LYS D 124 -9.30 -3.06 25.59
N HIS D 125 -8.15 -3.65 25.94
CA HIS D 125 -7.52 -3.12 27.13
C HIS D 125 -6.01 -3.36 27.18
N PHE D 126 -5.34 -2.33 27.69
CA PHE D 126 -3.92 -2.30 27.94
C PHE D 126 -3.54 -2.31 29.37
N GLU D 127 -2.46 -2.99 29.62
CA GLU D 127 -1.83 -2.84 30.90
C GLU D 127 -0.51 -2.15 30.64
N LYS D 128 -0.27 -1.02 31.27
CA LYS D 128 0.99 -0.36 31.02
C LYS D 128 2.03 -1.00 31.92
N VAL D 129 3.12 -1.47 31.32
CA VAL D 129 4.15 -2.21 32.03
C VAL D 129 5.51 -1.57 32.01
N LYS D 130 6.12 -1.45 33.17
CA LYS D 130 7.43 -0.80 33.22
C LYS D 130 8.55 -1.74 32.83
N ILE D 131 8.80 -1.77 31.54
CA ILE D 131 9.78 -2.64 30.93
C ILE D 131 11.22 -2.28 31.24
N LEU D 132 11.58 -1.02 31.09
CA LEU D 132 12.97 -0.59 31.27
C LEU D 132 13.06 0.56 32.23
N PRO D 133 13.06 0.34 33.54
CA PRO D 133 12.98 1.38 34.51
C PRO D 133 14.04 2.39 34.16
N LYS D 134 13.70 3.66 34.23
CA LYS D 134 14.63 4.68 33.80
C LYS D 134 15.88 4.78 34.62
N ASP D 135 15.90 4.18 35.79
CA ASP D 135 17.07 4.24 36.63
C ASP D 135 18.08 3.14 36.32
N ARG D 136 17.83 2.35 35.28
CA ARG D 136 18.79 1.32 34.89
C ARG D 136 19.92 1.91 34.08
N TRP D 137 19.70 3.05 33.43
CA TRP D 137 20.75 3.62 32.61
C TRP D 137 21.61 4.51 33.46
N THR D 138 22.45 3.89 34.24
CA THR D 138 23.26 4.55 35.25
C THR D 138 24.40 5.37 34.67
N GLN D 139 24.69 5.15 33.41
CA GLN D 139 25.76 5.85 32.72
C GLN D 139 25.25 6.92 31.76
N HIS D 140 23.95 7.22 31.80
CA HIS D 140 23.40 8.20 30.88
C HIS D 140 22.53 9.19 31.63
N THR D 141 22.33 10.35 31.06
CA THR D 141 21.43 11.27 31.70
C THR D 141 20.04 10.89 31.24
N THR D 142 19.14 10.69 32.20
CA THR D 142 17.76 10.27 31.96
C THR D 142 16.76 11.33 32.39
N THR D 143 17.27 12.52 32.66
CA THR D 143 16.54 13.65 33.21
C THR D 143 16.35 14.82 32.25
N GLY D 144 16.49 14.59 30.96
CA GLY D 144 16.36 15.69 30.02
C GLY D 144 14.90 15.98 29.72
N GLY D 145 14.66 16.87 28.80
CA GLY D 145 13.32 17.29 28.46
C GLY D 145 13.42 18.41 27.47
N SER D 146 12.34 19.14 27.28
CA SER D 146 12.30 20.25 26.34
C SER D 146 11.31 21.30 26.77
N ARG D 147 11.59 22.57 26.45
CA ARG D 147 10.64 23.60 26.82
C ARG D 147 9.38 23.47 25.98
N ALA D 148 9.49 22.77 24.86
CA ALA D 148 8.35 22.52 24.00
C ALA D 148 7.20 21.75 24.70
N CYS D 149 7.56 20.89 25.68
CA CYS D 149 6.69 19.98 26.43
C CYS D 149 6.55 20.52 27.87
N ALA D 150 6.97 21.75 28.11
CA ALA D 150 7.02 22.29 29.46
C ALA D 150 5.70 22.34 30.17
N VAL D 151 5.80 22.11 31.48
CA VAL D 151 4.67 22.15 32.36
C VAL D 151 4.95 23.20 33.42
N SER D 152 4.04 24.15 33.54
CA SER D 152 4.16 25.25 34.49
C SER D 152 5.46 26.00 34.31
N GLY D 153 5.89 26.14 33.05
CA GLY D 153 7.07 26.88 32.69
C GLY D 153 8.37 26.09 32.76
N ASN D 154 8.34 24.87 33.28
CA ASN D 154 9.58 24.13 33.40
C ASN D 154 9.69 23.06 32.31
N PRO D 155 10.85 22.80 31.71
CA PRO D 155 11.04 21.80 30.68
C PRO D 155 10.57 20.45 31.15
N SER D 156 9.99 19.69 30.25
CA SER D 156 9.51 18.36 30.59
C SER D 156 9.54 17.47 29.38
N PHE D 157 8.93 16.31 29.46
CA PHE D 157 9.01 15.41 28.31
C PHE D 157 7.88 14.44 28.32
N PHE D 158 7.85 13.60 27.32
CA PHE D 158 6.84 12.59 27.26
C PHE D 158 7.04 11.71 28.47
N ARG D 159 5.97 11.42 29.17
CA ARG D 159 5.99 10.70 30.41
C ARG D 159 6.36 9.22 30.31
N ASN D 160 6.16 8.57 29.17
CA ASN D 160 6.46 7.15 29.11
C ASN D 160 7.81 6.84 28.47
N MET D 161 8.66 7.86 28.25
CA MET D 161 9.94 7.65 27.58
C MET D 161 11.11 8.37 28.19
N VAL D 162 12.29 7.85 27.91
CA VAL D 162 13.52 8.41 28.40
C VAL D 162 14.39 8.98 27.30
N TRP D 163 14.69 10.27 27.41
CA TRP D 163 15.55 10.89 26.42
C TRP D 163 16.95 10.68 26.90
N LEU D 164 17.72 9.80 26.27
CA LEU D 164 19.03 9.50 26.80
C LEU D 164 20.06 10.41 26.20
N THR D 165 20.78 11.10 27.06
CA THR D 165 21.83 11.99 26.59
C THR D 165 23.11 11.65 27.30
N LYS D 166 24.14 12.42 26.94
CA LYS D 166 25.49 12.20 27.50
C LYS D 166 25.57 12.45 28.99
N LYS D 167 26.46 11.72 29.66
CA LYS D 167 26.78 11.97 31.05
C LYS D 167 28.29 12.14 31.12
N GLY D 168 28.76 13.05 31.93
CA GLY D 168 30.20 13.22 31.98
C GLY D 168 30.72 13.70 30.63
N SER D 169 31.68 12.98 30.10
CA SER D 169 32.25 13.34 28.82
C SER D 169 31.89 12.36 27.72
N ASN D 170 30.91 11.48 27.96
CA ASN D 170 30.65 10.52 26.89
C ASN D 170 29.24 9.96 26.84
N TYR D 171 29.01 9.11 25.85
CA TYR D 171 27.77 8.40 25.63
C TYR D 171 28.10 6.94 25.40
N PRO D 172 28.26 6.14 26.45
CA PRO D 172 28.61 4.75 26.36
C PRO D 172 27.54 4.11 25.55
N VAL D 173 27.84 3.05 24.83
CA VAL D 173 26.78 2.49 24.03
C VAL D 173 25.67 2.11 24.97
N ALA D 174 24.49 2.57 24.66
CA ALA D 174 23.36 2.30 25.50
C ALA D 174 22.76 1.00 25.08
N LYS D 175 22.57 0.11 26.03
CA LYS D 175 22.00 -1.17 25.70
C LYS D 175 20.94 -1.54 26.68
N GLY D 176 20.01 -2.37 26.24
CA GLY D 176 19.02 -2.93 27.13
C GLY D 176 18.12 -3.87 26.41
N SER D 177 17.42 -4.71 27.16
CA SER D 177 16.55 -5.66 26.53
C SER D 177 15.46 -6.11 27.45
N TYR D 178 14.46 -6.71 26.84
CA TYR D 178 13.36 -7.27 27.58
C TYR D 178 12.87 -8.56 26.96
N ASN D 179 12.66 -9.64 27.78
CA ASN D 179 12.29 -10.99 27.34
C ASN D 179 10.77 -11.30 27.27
N ASN D 180 9.89 -10.30 27.46
CA ASN D 180 8.42 -10.43 27.37
C ASN D 180 7.81 -11.63 28.07
N THR D 181 8.00 -11.67 29.38
CA THR D 181 7.54 -12.75 30.22
C THR D 181 6.25 -12.35 30.91
N SER D 182 5.65 -11.27 30.42
CA SER D 182 4.43 -10.64 30.91
C SER D 182 3.21 -11.50 30.69
N GLY D 183 3.34 -12.48 29.80
CA GLY D 183 2.26 -13.40 29.48
C GLY D 183 1.47 -13.04 28.24
N GLU D 184 1.73 -11.89 27.64
CA GLU D 184 1.03 -11.48 26.43
C GLU D 184 1.87 -10.52 25.59
N GLN D 185 1.55 -10.43 24.31
CA GLN D 185 2.21 -9.59 23.32
C GLN D 185 2.22 -8.12 23.72
N MET D 186 3.37 -7.48 23.53
CA MET D 186 3.49 -6.08 23.90
C MET D 186 3.83 -5.11 22.81
N LEU D 187 3.25 -3.94 22.92
CA LEU D 187 3.52 -2.83 22.05
C LEU D 187 4.62 -1.96 22.59
N ILE D 188 5.68 -1.87 21.84
CA ILE D 188 6.85 -1.12 22.25
C ILE D 188 7.10 0.00 21.27
N ILE D 189 7.22 1.20 21.80
CA ILE D 189 7.43 2.42 21.03
C ILE D 189 8.74 3.08 21.40
N TRP D 190 9.52 3.47 20.42
CA TRP D 190 10.80 4.12 20.71
C TRP D 190 11.07 5.10 19.62
N GLY D 191 12.09 5.94 19.77
CA GLY D 191 12.35 6.83 18.65
C GLY D 191 13.75 7.36 18.54
N VAL D 192 13.95 8.14 17.49
CA VAL D 192 15.22 8.74 17.16
C VAL D 192 15.14 10.24 17.07
N HIS D 193 16.08 10.90 17.71
CA HIS D 193 16.11 12.34 17.69
C HIS D 193 16.98 12.86 16.57
N HIS D 194 16.43 13.75 15.73
CA HIS D 194 17.11 14.38 14.62
C HIS D 194 17.40 15.88 14.90
N PRO D 195 18.63 16.27 15.26
CA PRO D 195 19.09 17.61 15.57
C PRO D 195 19.09 18.46 14.34
N ASN D 196 19.10 19.79 14.49
CA ASN D 196 19.21 20.57 13.27
C ASN D 196 20.58 21.21 13.15
N ASP D 197 21.53 20.67 13.88
CA ASP D 197 22.87 21.20 13.91
C ASP D 197 23.90 20.16 14.36
N GLU D 198 25.14 20.42 14.04
CA GLU D 198 26.22 19.57 14.51
C GLU D 198 26.46 19.90 15.94
N THR D 199 26.32 21.17 16.27
CA THR D 199 26.56 21.60 17.63
C THR D 199 25.58 20.89 18.53
N GLU D 200 24.32 20.80 18.13
CA GLU D 200 23.32 20.14 18.92
C GLU D 200 23.65 18.67 19.08
N GLN D 201 24.09 18.02 18.02
CA GLN D 201 24.44 16.61 18.12
C GLN D 201 25.58 16.38 19.07
N ARG D 202 26.59 17.22 19.04
CA ARG D 202 27.68 16.99 19.95
C ARG D 202 27.33 17.33 21.38
N THR D 203 26.59 18.41 21.57
CA THR D 203 26.24 18.85 22.91
C THR D 203 25.41 17.80 23.61
N LEU D 204 24.47 17.18 22.92
CA LEU D 204 23.67 16.20 23.59
C LEU D 204 24.22 14.77 23.57
N TYR D 205 24.91 14.35 22.51
CA TYR D 205 25.29 12.94 22.45
C TYR D 205 26.78 12.62 22.36
N GLN D 206 27.69 13.60 22.29
CA GLN D 206 29.14 13.43 22.14
C GLN D 206 29.59 12.92 20.78
N ASN D 207 29.06 11.78 20.38
CA ASN D 207 29.37 11.14 19.13
C ASN D 207 28.56 11.76 18.01
N VAL D 208 29.11 11.83 16.81
CA VAL D 208 28.35 12.35 15.67
C VAL D 208 27.86 11.27 14.72
N GLY D 209 28.70 10.33 14.35
CA GLY D 209 28.29 9.29 13.41
C GLY D 209 27.53 8.18 14.11
N THR D 210 26.40 8.53 14.70
CA THR D 210 25.62 7.65 15.53
C THR D 210 24.57 6.86 14.79
N TYR D 211 24.05 5.85 15.48
CA TYR D 211 22.96 5.04 14.99
C TYR D 211 22.16 4.50 16.14
N VAL D 212 20.95 4.09 15.82
CA VAL D 212 20.05 3.40 16.71
C VAL D 212 19.61 2.08 16.09
N SER D 213 19.80 0.98 16.81
CA SER D 213 19.48 -0.34 16.32
C SER D 213 18.58 -1.11 17.25
N VAL D 214 17.49 -1.59 16.70
CA VAL D 214 16.51 -2.34 17.47
C VAL D 214 16.10 -3.63 16.79
N GLY D 215 16.00 -4.72 17.55
CA GLY D 215 15.48 -5.92 16.91
C GLY D 215 14.96 -7.00 17.84
N THR D 216 14.23 -7.91 17.23
CA THR D 216 13.53 -9.03 17.86
C THR D 216 13.74 -10.25 16.98
N SER D 217 12.98 -11.31 17.20
CA SER D 217 13.13 -12.47 16.33
C SER D 217 12.59 -12.18 14.92
N THR D 218 11.75 -11.15 14.77
CA THR D 218 11.18 -10.78 13.48
C THR D 218 11.56 -9.39 12.99
N LEU D 219 11.96 -8.52 13.90
CA LEU D 219 12.29 -7.14 13.60
C LEU D 219 13.77 -6.93 13.44
N ASN D 220 14.16 -6.23 12.41
CA ASN D 220 15.54 -5.89 12.20
C ASN D 220 15.59 -4.46 11.70
N LYS D 221 15.73 -3.50 12.59
CA LYS D 221 15.65 -2.10 12.20
C LYS D 221 16.84 -1.28 12.64
N ARG D 222 17.43 -0.56 11.71
CA ARG D 222 18.52 0.33 12.05
C ARG D 222 18.37 1.63 11.33
N SER D 223 18.60 2.72 12.04
CA SER D 223 18.53 4.03 11.45
C SER D 223 19.54 4.98 12.04
N THR D 224 19.81 6.06 11.34
CA THR D 224 20.76 7.05 11.79
C THR D 224 20.04 8.37 11.82
N PRO D 225 20.47 9.35 12.62
CA PRO D 225 19.91 10.66 12.66
C PRO D 225 20.22 11.45 11.41
N ASP D 226 19.29 12.31 11.04
CA ASP D 226 19.41 13.24 9.95
C ASP D 226 19.66 14.63 10.48
N ILE D 227 20.89 15.12 10.39
CA ILE D 227 21.17 16.43 10.94
C ILE D 227 21.09 17.45 9.84
N ALA D 228 20.10 18.32 9.91
CA ALA D 228 19.88 19.27 8.85
C ALA D 228 19.03 20.46 9.27
N THR D 229 19.16 21.57 8.57
CA THR D 229 18.30 22.72 8.86
C THR D 229 16.86 22.46 8.44
N ARG D 230 15.96 22.72 9.36
CA ARG D 230 14.54 22.56 9.17
C ARG D 230 13.83 23.79 9.74
N PRO D 231 12.61 24.12 9.28
CA PRO D 231 11.77 25.16 9.82
C PRO D 231 11.44 24.88 11.26
N LYS D 232 11.23 25.91 12.05
CA LYS D 232 10.92 25.69 13.44
C LYS D 232 9.45 25.43 13.63
N VAL D 233 9.14 24.39 14.36
CA VAL D 233 7.78 24.02 14.71
C VAL D 233 7.71 24.00 16.22
N ASN D 234 6.79 24.77 16.77
CA ASN D 234 6.68 24.89 18.22
C ASN D 234 8.00 25.33 18.84
N GLY D 235 8.73 26.19 18.13
CA GLY D 235 9.99 26.71 18.60
C GLY D 235 11.22 25.87 18.28
N GLN D 236 11.01 24.65 17.78
CA GLN D 236 12.17 23.72 17.60
C GLN D 236 12.42 23.39 16.12
N GLY D 237 13.69 23.40 15.70
CA GLY D 237 14.06 22.97 14.35
C GLY D 237 14.40 21.51 14.31
N GLY D 238 14.26 20.86 15.43
CA GLY D 238 14.61 19.45 15.57
C GLY D 238 13.37 18.61 15.33
N ARG D 239 13.56 17.33 15.10
CA ARG D 239 12.42 16.45 14.94
C ARG D 239 12.60 15.11 15.64
N MET D 240 11.55 14.58 16.25
CA MET D 240 11.64 13.21 16.75
C MET D 240 10.84 12.25 15.90
N GLU D 241 11.45 11.13 15.58
CA GLU D 241 10.81 10.10 14.78
C GLU D 241 10.51 8.86 15.60
N PHE D 242 9.25 8.49 15.67
CA PHE D 242 8.88 7.33 16.47
C PHE D 242 8.53 6.12 15.64
N SER D 243 8.88 4.96 16.15
CA SER D 243 8.60 3.68 15.50
C SER D 243 8.00 2.73 16.50
N TRP D 244 7.34 1.69 16.03
CA TRP D 244 6.81 0.74 16.97
C TRP D 244 6.83 -0.68 16.48
N THR D 245 6.84 -1.60 17.42
CA THR D 245 6.74 -3.01 17.08
C THR D 245 5.92 -3.77 18.08
N LEU D 246 5.61 -5.01 17.74
CA LEU D 246 4.95 -5.90 18.68
C LEU D 246 5.88 -7.01 19.02
N LEU D 247 6.15 -7.15 20.29
CA LEU D 247 7.05 -8.16 20.78
C LEU D 247 6.19 -9.33 21.21
N ASP D 248 6.44 -10.51 20.66
CA ASP D 248 5.60 -11.64 20.97
C ASP D 248 5.96 -12.24 22.30
N MET D 249 5.24 -13.25 22.70
CA MET D 249 5.52 -13.82 23.99
C MET D 249 6.82 -14.54 23.97
N TRP D 250 7.57 -14.36 25.05
CA TRP D 250 8.84 -15.00 25.30
C TRP D 250 9.91 -14.56 24.32
N ASP D 251 9.63 -13.55 23.50
CA ASP D 251 10.62 -13.04 22.59
C ASP D 251 11.39 -11.93 23.28
N THR D 252 12.58 -11.66 22.81
CA THR D 252 13.41 -10.60 23.37
C THR D 252 13.66 -9.45 22.45
N ILE D 253 13.44 -8.24 22.95
CA ILE D 253 13.73 -7.06 22.16
C ILE D 253 15.04 -6.49 22.65
N ASN D 254 15.91 -6.19 21.72
CA ASN D 254 17.22 -5.67 22.04
C ASN D 254 17.46 -4.30 21.46
N PHE D 255 17.78 -3.36 22.34
CA PHE D 255 18.08 -2.00 21.95
C PHE D 255 19.55 -1.76 22.05
N GLU D 256 20.09 -1.07 21.07
CA GLU D 256 21.47 -0.63 21.07
C GLU D 256 21.62 0.75 20.46
N SER D 257 22.33 1.64 21.13
CA SER D 257 22.52 2.97 20.57
C SER D 257 23.80 3.67 20.90
N THR D 258 24.31 4.42 19.94
CA THR D 258 25.51 5.22 20.12
C THR D 258 25.16 6.68 20.22
N GLY D 259 23.86 6.95 20.25
CA GLY D 259 23.33 8.28 20.37
C GLY D 259 21.97 8.41 19.74
N ASN D 260 21.30 9.49 20.07
CA ASN D 260 20.01 9.86 19.54
C ASN D 260 18.87 8.91 19.84
N LEU D 261 18.96 8.17 20.94
CA LEU D 261 17.89 7.24 21.32
C LEU D 261 16.98 7.73 22.40
N ILE D 262 15.70 7.58 22.12
CA ILE D 262 14.64 7.83 23.07
C ILE D 262 14.12 6.45 23.39
N ALA D 263 14.39 5.99 24.59
CA ALA D 263 14.09 4.63 24.95
C ALA D 263 12.78 4.60 25.66
N PRO D 264 11.98 3.56 25.53
CA PRO D 264 10.76 3.45 26.24
C PRO D 264 11.04 3.16 27.67
N GLU D 265 10.20 3.62 28.57
CA GLU D 265 10.28 3.15 29.93
C GLU D 265 9.18 2.13 30.06
N TYR D 266 8.07 2.40 29.40
CA TYR D 266 6.91 1.51 29.48
C TYR D 266 6.50 0.95 28.14
N GLY D 267 5.94 -0.25 28.15
CA GLY D 267 5.33 -0.77 26.94
C GLY D 267 3.90 -1.09 27.26
N PHE D 268 3.15 -1.57 26.29
CA PHE D 268 1.76 -1.83 26.58
C PHE D 268 1.34 -3.24 26.26
N LYS D 269 0.81 -3.92 27.24
CA LYS D 269 0.39 -5.28 27.01
C LYS D 269 -0.99 -5.30 26.42
N ILE D 270 -1.14 -5.95 25.26
CA ILE D 270 -2.41 -6.05 24.54
C ILE D 270 -3.07 -7.37 24.74
N SER D 271 -4.18 -7.40 25.45
CA SER D 271 -4.77 -8.69 25.80
C SER D 271 -6.14 -9.04 25.23
N LYS D 272 -6.72 -8.22 24.37
CA LYS D 272 -8.10 -8.50 23.95
C LYS D 272 -8.30 -8.93 22.49
N ARG D 273 -7.53 -8.39 21.55
CA ARG D 273 -7.56 -8.81 20.16
C ARG D 273 -8.90 -8.86 19.37
N GLY D 274 -9.71 -7.80 19.41
CA GLY D 274 -10.96 -7.77 18.63
C GLY D 274 -10.79 -6.94 17.35
N SER D 275 -11.79 -6.16 16.98
CA SER D 275 -11.72 -5.30 15.79
C SER D 275 -12.64 -4.09 15.95
N SER D 276 -12.17 -2.91 15.57
CA SER D 276 -12.98 -1.68 15.65
C SER D 276 -12.37 -0.54 14.86
N GLY D 277 -12.87 0.67 15.07
CA GLY D 277 -12.35 1.85 14.40
C GLY D 277 -12.23 3.04 15.34
N ILE D 278 -11.99 4.20 14.75
CA ILE D 278 -11.85 5.44 15.50
C ILE D 278 -12.92 6.38 15.04
N MET D 279 -13.66 6.92 15.98
CA MET D 279 -14.71 7.84 15.67
C MET D 279 -14.28 9.23 15.97
N LYS D 280 -14.46 10.13 15.02
CA LYS D 280 -14.07 11.51 15.25
C LYS D 280 -15.26 12.37 15.59
N THR D 281 -15.24 12.87 16.80
CA THR D 281 -16.31 13.67 17.36
C THR D 281 -15.85 14.55 18.49
N GLU D 282 -16.54 15.66 18.67
CA GLU D 282 -16.21 16.61 19.73
C GLU D 282 -17.00 16.39 21.03
N GLY D 283 -17.86 15.38 21.06
CA GLY D 283 -18.67 15.14 22.25
C GLY D 283 -17.98 14.26 23.29
N THR D 284 -18.76 13.85 24.30
CA THR D 284 -18.25 13.01 25.40
C THR D 284 -19.17 11.83 25.63
N LEU D 285 -18.68 10.83 26.34
CA LEU D 285 -19.48 9.65 26.65
C LEU D 285 -20.53 9.89 27.71
N GLU D 286 -21.73 9.41 27.44
CA GLU D 286 -22.86 9.46 28.33
C GLU D 286 -23.11 8.08 28.93
N ASN D 287 -23.80 8.01 30.04
CA ASN D 287 -24.08 6.69 30.61
C ASN D 287 -25.32 6.04 29.96
N CYS D 288 -25.11 5.46 28.76
CA CYS D 288 -26.10 4.81 27.89
C CYS D 288 -25.44 3.69 27.12
N GLU D 289 -26.24 2.84 26.51
CA GLU D 289 -25.68 1.75 25.71
C GLU D 289 -26.33 1.62 24.36
N THR D 290 -25.53 1.19 23.40
CA THR D 290 -26.01 0.91 22.07
C THR D 290 -25.46 -0.35 21.46
N LYS D 291 -25.97 -0.61 20.26
CA LYS D 291 -25.54 -1.71 19.37
C LYS D 291 -24.74 -1.18 18.14
N CYS D 292 -25.03 0.08 17.70
CA CYS D 292 -24.50 0.83 16.57
C CYS D 292 -24.31 2.27 17.01
N GLN D 293 -23.14 2.84 16.72
CA GLN D 293 -22.85 4.20 17.11
C GLN D 293 -22.41 5.07 15.95
N THR D 294 -22.97 6.28 15.77
CA THR D 294 -22.45 7.14 14.71
C THR D 294 -21.84 8.35 15.43
N PRO D 295 -21.04 9.22 14.79
CA PRO D 295 -20.49 10.44 15.35
C PRO D 295 -21.53 11.43 15.82
N LEU D 296 -22.79 11.29 15.36
CA LEU D 296 -23.82 12.22 15.73
C LEU D 296 -24.60 11.72 16.92
N GLY D 297 -24.30 10.50 17.34
CA GLY D 297 -25.02 9.83 18.39
C GLY D 297 -25.39 8.39 18.02
N ALA D 298 -25.76 7.63 19.03
CA ALA D 298 -26.09 6.22 18.88
C ALA D 298 -27.40 5.92 18.18
N ILE D 299 -27.43 4.77 17.51
CA ILE D 299 -28.64 4.28 16.86
C ILE D 299 -29.11 2.99 17.51
N ASN D 300 -30.39 2.92 17.92
CA ASN D 300 -31.00 1.74 18.54
C ASN D 300 -32.26 1.37 17.74
N THR D 301 -32.07 0.58 16.65
CA THR D 301 -33.14 0.20 15.72
C THR D 301 -33.03 -1.22 15.27
N THR D 302 -34.11 -1.69 14.66
CA THR D 302 -34.20 -3.02 14.08
C THR D 302 -34.39 -2.96 12.58
N LEU D 303 -34.43 -1.76 12.02
CA LEU D 303 -34.72 -1.61 10.61
C LEU D 303 -33.46 -1.90 9.79
N PRO D 304 -33.59 -2.42 8.55
CA PRO D 304 -32.51 -2.75 7.63
C PRO D 304 -31.72 -1.61 7.03
N PHE D 305 -32.28 -0.39 6.96
CA PHE D 305 -31.55 0.70 6.36
C PHE D 305 -31.58 1.90 7.25
N HIS D 306 -30.58 2.78 7.15
CA HIS D 306 -30.60 4.04 7.90
C HIS D 306 -29.98 5.13 7.08
N ASN D 307 -30.27 6.37 7.43
CA ASN D 307 -29.63 7.49 6.74
C ASN D 307 -29.03 8.48 7.71
N VAL D 308 -28.53 8.02 8.85
CA VAL D 308 -28.03 8.97 9.84
C VAL D 308 -26.67 9.54 9.52
N HIS D 309 -25.72 8.68 9.22
CA HIS D 309 -24.37 9.14 8.91
C HIS D 309 -23.66 8.03 8.18
N PRO D 310 -22.81 8.28 7.17
CA PRO D 310 -22.05 7.28 6.49
C PRO D 310 -20.96 6.56 7.28
N LEU D 311 -20.46 7.13 8.38
CA LEU D 311 -19.40 6.44 9.11
C LEU D 311 -19.90 5.93 10.43
N THR D 312 -19.92 4.64 10.59
CA THR D 312 -20.43 4.08 11.83
C THR D 312 -19.51 3.02 12.38
N ILE D 313 -19.64 2.76 13.68
CA ILE D 313 -18.94 1.66 14.32
C ILE D 313 -19.95 0.80 15.06
N GLY D 314 -19.96 -0.49 14.79
CA GLY D 314 -20.91 -1.36 15.47
C GLY D 314 -21.62 -2.26 14.50
N GLU D 315 -22.67 -2.89 14.97
CA GLU D 315 -23.43 -3.78 14.10
C GLU D 315 -24.61 -2.93 13.61
N CYS D 316 -24.49 -2.35 12.40
CA CYS D 316 -25.37 -1.31 11.87
C CYS D 316 -26.21 -1.72 10.66
N PRO D 317 -27.36 -1.04 10.40
CA PRO D 317 -28.21 -1.14 9.23
C PRO D 317 -27.41 -0.63 8.06
N LYS D 318 -27.83 -0.93 6.84
CA LYS D 318 -27.09 -0.41 5.70
C LYS D 318 -27.39 1.06 5.53
N TYR D 319 -26.38 1.85 5.16
CA TYR D 319 -26.57 3.26 4.92
C TYR D 319 -27.01 3.48 3.51
N VAL D 320 -28.04 4.29 3.31
CA VAL D 320 -28.51 4.61 1.97
C VAL D 320 -28.66 6.10 1.73
N LYS D 321 -28.55 6.50 0.48
CA LYS D 321 -28.79 7.90 0.13
C LYS D 321 -30.24 8.10 -0.16
N SER D 322 -31.03 8.03 0.87
CA SER D 322 -32.46 8.14 0.73
C SER D 322 -33.07 8.78 1.92
N GLU D 323 -34.15 9.49 1.65
CA GLU D 323 -34.93 10.16 2.67
C GLU D 323 -36.12 9.35 3.12
N LYS D 324 -36.52 8.36 2.33
CA LYS D 324 -37.74 7.67 2.66
C LYS D 324 -37.92 6.29 2.02
N LEU D 325 -37.94 5.26 2.85
CA LEU D 325 -38.16 3.92 2.37
C LEU D 325 -39.36 3.40 3.09
N VAL D 326 -40.52 3.52 2.49
CA VAL D 326 -41.72 3.14 3.23
C VAL D 326 -42.50 2.08 2.52
N LEU D 327 -42.76 1.00 3.24
CA LEU D 327 -43.51 -0.12 2.72
C LEU D 327 -44.94 0.04 3.07
N ALA D 328 -45.81 -0.19 2.13
CA ALA D 328 -47.21 -0.18 2.44
C ALA D 328 -47.45 -1.43 3.23
N THR D 329 -48.29 -1.39 4.24
CA THR D 329 -48.59 -2.61 4.94
C THR D 329 -50.07 -2.73 4.91
N GLY D 330 -50.69 -1.61 4.62
CA GLY D 330 -52.13 -1.51 4.61
C GLY D 330 -52.72 -1.60 3.22
N LEU D 331 -53.94 -1.15 3.10
CA LEU D 331 -54.71 -1.21 1.88
C LEU D 331 -54.62 0.13 1.22
N ARG D 332 -54.89 0.23 -0.07
CA ARG D 332 -54.93 1.59 -0.59
C ARG D 332 -56.06 2.26 0.17
N ASN D 333 -55.84 3.45 0.70
CA ASN D 333 -56.87 4.11 1.49
C ASN D 333 -57.78 4.88 0.58
N VAL D 334 -58.59 4.17 -0.15
CA VAL D 334 -59.44 4.83 -1.10
C VAL D 334 -60.58 5.51 -0.36
N PRO D 335 -60.72 6.85 -0.44
CA PRO D 335 -61.69 7.66 0.24
C PRO D 335 -63.04 7.65 -0.45
N ALA D 345 -71.57 1.88 2.11
CA ALA D 345 -72.49 0.93 2.76
C ALA D 345 -73.18 0.23 1.63
N ILE D 346 -73.96 0.98 0.87
CA ILE D 346 -74.46 0.39 -0.40
C ILE D 346 -73.14 0.36 -1.16
N ALA D 347 -72.06 0.65 -0.44
CA ALA D 347 -70.70 0.76 -1.03
C ALA D 347 -70.13 -0.60 -1.40
N GLY D 348 -69.16 -0.56 -2.30
CA GLY D 348 -68.50 -1.78 -2.78
C GLY D 348 -67.00 -1.57 -2.76
N PHE D 349 -66.22 -2.63 -2.88
CA PHE D 349 -64.76 -2.47 -2.98
C PHE D 349 -64.57 -1.62 -4.22
N ILE D 350 -65.41 -1.82 -5.24
CA ILE D 350 -65.18 -1.08 -6.50
C ILE D 350 -65.29 0.42 -6.20
N GLU D 351 -66.27 0.86 -5.43
CA GLU D 351 -66.35 2.29 -5.02
C GLU D 351 -65.20 2.79 -4.11
N GLY D 352 -64.75 2.02 -3.10
CA GLY D 352 -63.73 2.50 -2.13
C GLY D 352 -63.88 1.88 -0.75
N GLY D 353 -63.04 2.26 0.23
CA GLY D 353 -63.09 1.57 1.53
C GLY D 353 -64.43 1.80 2.16
N TRP D 354 -64.99 0.79 2.83
CA TRP D 354 -66.19 1.09 3.62
C TRP D 354 -65.55 1.67 4.88
N GLN D 355 -65.75 2.94 5.21
CA GLN D 355 -65.02 3.53 6.37
C GLN D 355 -65.48 2.83 7.63
N GLY D 356 -66.77 2.57 7.69
CA GLY D 356 -67.35 1.95 8.87
C GLY D 356 -67.04 0.48 8.90
N MET D 357 -65.77 0.18 9.06
CA MET D 357 -65.46 -1.23 9.29
C MET D 357 -64.10 -1.28 9.90
N VAL D 358 -64.03 -1.74 11.13
CA VAL D 358 -62.78 -1.70 11.86
C VAL D 358 -62.28 -3.01 12.44
N ASP D 359 -62.90 -4.15 12.12
CA ASP D 359 -62.49 -5.41 12.69
C ASP D 359 -61.66 -6.29 11.76
N GLY D 360 -61.19 -5.73 10.66
CA GLY D 360 -60.38 -6.45 9.71
C GLY D 360 -60.32 -5.73 8.38
N TRP D 361 -59.42 -6.19 7.52
CA TRP D 361 -59.23 -5.60 6.22
C TRP D 361 -60.28 -5.91 5.19
N TYR D 362 -60.89 -7.08 5.24
CA TYR D 362 -61.86 -7.35 4.20
C TYR D 362 -63.09 -7.81 4.92
N GLY D 363 -64.27 -7.52 4.39
CA GLY D 363 -65.49 -7.92 5.08
C GLY D 363 -66.80 -7.65 4.36
N TYR D 364 -67.88 -7.78 5.13
CA TYR D 364 -69.26 -7.71 4.67
C TYR D 364 -70.14 -6.64 5.32
N HIS D 365 -71.15 -6.19 4.56
CA HIS D 365 -72.18 -5.23 5.01
C HIS D 365 -73.46 -5.82 5.65
N HIS D 366 -73.88 -7.01 5.21
CA HIS D 366 -75.07 -7.67 5.77
C HIS D 366 -76.37 -6.86 5.87
N SER D 367 -76.82 -6.18 4.83
CA SER D 367 -78.00 -5.34 5.04
C SER D 367 -79.34 -6.01 4.91
N ASN D 368 -79.67 -6.86 5.86
CA ASN D 368 -80.95 -7.55 5.85
C ASN D 368 -81.98 -6.70 6.61
N ASP D 369 -83.20 -7.19 6.74
CA ASP D 369 -84.26 -6.45 7.39
C ASP D 369 -84.10 -6.29 8.90
N GLN D 370 -83.14 -7.00 9.47
CA GLN D 370 -82.89 -6.96 10.89
C GLN D 370 -81.79 -5.94 11.24
N GLY D 371 -81.26 -5.26 10.21
CA GLY D 371 -80.23 -4.25 10.41
C GLY D 371 -78.84 -4.59 9.88
N SER D 372 -78.23 -3.60 9.22
CA SER D 372 -76.90 -3.69 8.63
C SER D 372 -75.81 -3.53 9.66
N GLY D 373 -74.59 -3.86 9.26
CA GLY D 373 -73.46 -3.69 10.16
C GLY D 373 -72.23 -4.21 9.47
N TYR D 374 -71.12 -4.19 10.13
CA TYR D 374 -69.93 -4.66 9.46
C TYR D 374 -69.43 -5.91 10.10
N ALA D 375 -68.79 -6.72 9.29
CA ALA D 375 -68.08 -7.85 9.83
C ALA D 375 -66.90 -8.20 8.98
N ALA D 376 -65.79 -8.43 9.60
CA ALA D 376 -64.63 -8.85 8.85
C ALA D 376 -64.81 -10.29 8.42
N ASP D 377 -64.25 -10.60 7.29
CA ASP D 377 -64.19 -11.96 6.81
C ASP D 377 -62.93 -12.51 7.44
N LYS D 378 -63.12 -13.37 8.44
CA LYS D 378 -61.98 -13.82 9.21
C LYS D 378 -60.93 -14.56 8.42
N GLU D 379 -61.35 -15.40 7.49
CA GLU D 379 -60.34 -16.14 6.75
C GLU D 379 -59.55 -15.25 5.82
N SER D 380 -60.22 -14.34 5.12
CA SER D 380 -59.52 -13.49 4.17
C SER D 380 -58.59 -12.55 4.89
N THR D 381 -59.07 -11.94 5.96
CA THR D 381 -58.28 -10.97 6.68
C THR D 381 -57.10 -11.62 7.33
N GLN D 382 -57.29 -12.78 7.95
CA GLN D 382 -56.18 -13.38 8.62
C GLN D 382 -55.13 -13.85 7.67
N LYS D 383 -55.52 -14.39 6.52
CA LYS D 383 -54.48 -14.84 5.62
C LYS D 383 -53.71 -13.68 5.05
N ALA D 384 -54.41 -12.59 4.68
CA ALA D 384 -53.72 -11.46 4.14
C ALA D 384 -52.82 -10.83 5.16
N PHE D 385 -53.27 -10.81 6.41
CA PHE D 385 -52.53 -10.22 7.49
C PHE D 385 -51.22 -10.93 7.67
N ASP D 386 -51.27 -12.26 7.69
CA ASP D 386 -50.06 -13.03 7.87
C ASP D 386 -49.14 -12.88 6.68
N GLY D 387 -49.72 -12.77 5.49
CA GLY D 387 -48.93 -12.58 4.28
C GLY D 387 -48.13 -11.28 4.37
N ILE D 388 -48.79 -10.19 4.75
CA ILE D 388 -48.09 -8.92 4.87
C ILE D 388 -47.04 -8.97 5.95
N THR D 389 -47.35 -9.58 7.08
CA THR D 389 -46.37 -9.65 8.14
C THR D 389 -45.14 -10.39 7.68
N ASN D 390 -45.31 -11.51 6.99
CA ASN D 390 -44.16 -12.26 6.53
C ASN D 390 -43.37 -11.47 5.53
N LYS D 391 -44.05 -10.71 4.67
CA LYS D 391 -43.37 -9.89 3.66
C LYS D 391 -42.46 -8.87 4.28
N VAL D 392 -42.97 -8.20 5.29
CA VAL D 392 -42.20 -7.19 5.97
C VAL D 392 -41.01 -7.84 6.63
N ASN D 393 -41.23 -8.98 7.27
CA ASN D 393 -40.14 -9.66 7.91
C ASN D 393 -39.13 -10.20 6.91
N SER D 394 -39.52 -10.60 5.71
CA SER D 394 -38.50 -11.08 4.79
C SER D 394 -37.55 -9.94 4.42
N VAL D 395 -38.12 -8.76 4.21
CA VAL D 395 -37.29 -7.61 3.86
C VAL D 395 -36.32 -7.23 4.96
N ILE D 396 -36.80 -7.27 6.20
CA ILE D 396 -36.00 -6.87 7.34
C ILE D 396 -35.09 -7.96 7.89
N GLU D 397 -35.63 -9.14 8.13
CA GLU D 397 -34.89 -10.24 8.74
C GLU D 397 -33.84 -10.86 7.84
N LYS D 398 -33.97 -10.75 6.53
CA LYS D 398 -32.95 -11.33 5.67
C LYS D 398 -31.78 -10.39 5.50
N MET D 399 -31.82 -9.20 6.08
CA MET D 399 -30.67 -8.33 5.94
C MET D 399 -29.62 -8.78 6.90
N ASN D 400 -28.43 -9.03 6.39
CA ASN D 400 -27.37 -9.46 7.26
C ASN D 400 -26.66 -8.30 7.85
N THR D 401 -26.29 -8.45 9.10
CA THR D 401 -25.48 -7.47 9.78
C THR D 401 -24.32 -8.18 10.40
N GLN D 402 -23.29 -7.43 10.68
CA GLN D 402 -22.11 -7.94 11.35
C GLN D 402 -21.41 -6.76 11.92
N PHE D 403 -20.50 -6.97 12.83
CA PHE D 403 -19.75 -5.83 13.30
C PHE D 403 -18.88 -5.29 12.19
N GLU D 404 -18.92 -3.98 12.02
CA GLU D 404 -18.08 -3.28 11.09
C GLU D 404 -17.55 -2.00 11.69
N ALA D 405 -16.44 -1.53 11.17
CA ALA D 405 -16.00 -0.22 11.52
C ALA D 405 -15.68 0.47 10.21
N VAL D 406 -16.49 1.45 9.88
CA VAL D 406 -16.40 2.15 8.62
C VAL D 406 -15.64 3.44 8.81
N GLY D 407 -14.68 3.63 7.94
CA GLY D 407 -13.78 4.77 7.99
C GLY D 407 -12.42 4.25 8.38
N LYS D 408 -11.43 4.58 7.59
CA LYS D 408 -10.07 4.12 7.78
C LYS D 408 -9.15 5.32 7.74
N GLU D 409 -8.04 5.21 8.44
CA GLU D 409 -7.08 6.28 8.48
C GLU D 409 -6.00 6.08 7.43
N PHE D 410 -5.79 7.08 6.58
CA PHE D 410 -4.77 7.00 5.55
C PHE D 410 -3.88 8.22 5.63
N SER D 411 -2.61 8.07 5.26
CA SER D 411 -1.66 9.19 5.26
C SER D 411 -1.82 9.99 3.98
N ASN D 412 -1.12 11.09 3.90
CA ASN D 412 -1.24 11.95 2.73
C ASN D 412 -0.53 11.41 1.49
N LEU D 413 0.17 10.29 1.61
CA LEU D 413 0.83 9.67 0.48
C LEU D 413 0.11 8.42 0.05
N GLU D 414 -1.08 8.23 0.59
CA GLU D 414 -1.91 7.10 0.29
C GLU D 414 -3.20 7.52 -0.38
N ARG D 415 -3.22 8.64 -1.07
CA ARG D 415 -4.48 9.08 -1.62
C ARG D 415 -4.98 8.09 -2.66
N ARG D 416 -4.09 7.47 -3.41
CA ARG D 416 -4.58 6.52 -4.40
C ARG D 416 -5.24 5.30 -3.74
N LEU D 417 -4.97 5.06 -2.44
CA LEU D 417 -5.56 3.95 -1.70
C LEU D 417 -6.82 4.41 -0.99
N GLU D 418 -6.79 5.62 -0.45
CA GLU D 418 -7.92 6.21 0.24
C GLU D 418 -9.07 6.26 -0.70
N ASN D 419 -8.77 6.56 -1.95
CA ASN D 419 -9.74 6.65 -3.00
C ASN D 419 -10.39 5.29 -3.30
N LEU D 420 -9.71 4.17 -3.01
CA LEU D 420 -10.33 2.90 -3.30
C LEU D 420 -11.28 2.65 -2.18
N ASN D 421 -10.88 3.00 -0.97
CA ASN D 421 -11.79 2.81 0.15
C ASN D 421 -13.04 3.62 -0.09
N LYS D 422 -12.86 4.83 -0.60
CA LYS D 422 -13.98 5.67 -0.90
C LYS D 422 -14.82 5.01 -1.97
N LYS D 423 -14.20 4.48 -3.01
CA LYS D 423 -14.98 3.85 -4.05
C LYS D 423 -15.77 2.67 -3.53
N MET D 424 -15.22 1.82 -2.65
CA MET D 424 -16.08 0.73 -2.18
C MET D 424 -17.26 1.28 -1.44
N GLU D 425 -17.05 2.31 -0.63
CA GLU D 425 -18.17 2.81 0.12
C GLU D 425 -19.22 3.42 -0.78
N ASP D 426 -18.80 4.16 -1.80
CA ASP D 426 -19.75 4.80 -2.69
C ASP D 426 -20.42 3.77 -3.59
N GLY D 427 -19.66 2.77 -3.96
CA GLY D 427 -20.08 1.70 -4.82
C GLY D 427 -21.17 0.89 -4.15
N PHE D 428 -20.91 0.45 -2.93
CA PHE D 428 -21.88 -0.36 -2.22
C PHE D 428 -23.06 0.50 -1.87
N LEU D 429 -22.84 1.78 -1.64
CA LEU D 429 -23.92 2.67 -1.32
C LEU D 429 -24.86 2.79 -2.50
N ASP D 430 -24.35 2.93 -3.72
CA ASP D 430 -25.25 3.00 -4.86
C ASP D 430 -25.96 1.70 -5.07
N VAL D 431 -25.30 0.58 -4.80
CA VAL D 431 -25.97 -0.69 -4.96
C VAL D 431 -27.10 -0.84 -3.99
N TRP D 432 -26.86 -0.51 -2.72
CA TRP D 432 -27.90 -0.65 -1.74
C TRP D 432 -28.99 0.37 -1.88
N THR D 433 -28.67 1.59 -2.29
CA THR D 433 -29.69 2.60 -2.41
C THR D 433 -30.60 2.25 -3.57
N TYR D 434 -30.03 1.83 -4.69
CA TYR D 434 -30.82 1.52 -5.86
C TYR D 434 -31.67 0.31 -5.57
N ASN D 435 -31.08 -0.71 -4.95
CA ASN D 435 -31.85 -1.89 -4.67
C ASN D 435 -32.91 -1.63 -3.62
N ALA D 436 -32.62 -0.83 -2.60
CA ALA D 436 -33.59 -0.56 -1.56
C ALA D 436 -34.75 0.21 -2.10
N GLU D 437 -34.51 1.17 -2.98
CA GLU D 437 -35.62 1.91 -3.50
C GLU D 437 -36.43 1.10 -4.46
N LEU D 438 -35.80 0.27 -5.30
CA LEU D 438 -36.62 -0.53 -6.17
C LEU D 438 -37.29 -1.64 -5.41
N LEU D 439 -36.69 -2.14 -4.35
CA LEU D 439 -37.34 -3.18 -3.58
C LEU D 439 -38.58 -2.61 -2.97
N VAL D 440 -38.51 -1.40 -2.43
CA VAL D 440 -39.69 -0.82 -1.85
C VAL D 440 -40.74 -0.54 -2.89
N LEU D 441 -40.35 0.01 -4.04
CA LEU D 441 -41.36 0.31 -5.04
C LEU D 441 -41.98 -0.96 -5.61
N MET D 442 -41.19 -1.99 -5.84
CA MET D 442 -41.73 -3.22 -6.37
C MET D 442 -42.63 -3.87 -5.37
N GLU D 443 -42.23 -3.85 -4.11
CA GLU D 443 -43.06 -4.47 -3.14
C GLU D 443 -44.32 -3.69 -2.94
N ASN D 444 -44.28 -2.36 -2.98
CA ASN D 444 -45.51 -1.66 -2.77
C ASN D 444 -46.51 -1.90 -3.88
N GLU D 445 -46.04 -2.07 -5.11
CA GLU D 445 -47.00 -2.34 -6.17
C GLU D 445 -47.58 -3.74 -5.98
N ARG D 446 -46.74 -4.69 -5.59
CA ARG D 446 -47.21 -6.05 -5.39
C ARG D 446 -48.19 -6.11 -4.23
N THR D 447 -47.92 -5.31 -3.20
CA THR D 447 -48.75 -5.24 -2.01
C THR D 447 -50.10 -4.71 -2.32
N LEU D 448 -50.17 -3.63 -3.08
CA LEU D 448 -51.45 -3.09 -3.35
C LEU D 448 -52.21 -4.00 -4.29
N ASP D 449 -51.51 -4.64 -5.24
CA ASP D 449 -52.21 -5.55 -6.14
C ASP D 449 -52.73 -6.75 -5.36
N PHE D 450 -51.97 -7.20 -4.37
CA PHE D 450 -52.33 -8.29 -3.50
C PHE D 450 -53.62 -7.99 -2.78
N HIS D 451 -53.70 -6.82 -2.19
CA HIS D 451 -54.89 -6.47 -1.47
C HIS D 451 -56.09 -6.35 -2.38
N ASP D 452 -55.90 -5.79 -3.58
CA ASP D 452 -57.02 -5.65 -4.47
C ASP D 452 -57.49 -7.01 -4.99
N SER D 453 -56.55 -7.92 -5.23
CA SER D 453 -56.98 -9.21 -5.71
C SER D 453 -57.63 -10.00 -4.59
N ASN D 454 -57.25 -9.74 -3.33
CA ASN D 454 -57.86 -10.47 -2.22
C ASN D 454 -59.31 -10.13 -2.07
N VAL D 455 -59.67 -8.85 -2.26
CA VAL D 455 -61.07 -8.53 -2.12
C VAL D 455 -61.86 -9.06 -3.31
N LYS D 456 -61.28 -9.05 -4.52
CA LYS D 456 -61.97 -9.63 -5.66
C LYS D 456 -62.14 -11.13 -5.46
N ASN D 457 -61.12 -11.79 -4.90
CA ASN D 457 -61.18 -13.22 -4.70
C ASN D 457 -62.29 -13.54 -3.72
N LEU D 458 -62.48 -12.67 -2.74
CA LEU D 458 -63.56 -12.89 -1.80
C LEU D 458 -64.89 -12.74 -2.51
N TYR D 459 -65.01 -11.75 -3.37
CA TYR D 459 -66.23 -11.55 -4.12
C TYR D 459 -66.57 -12.79 -4.91
N ASP D 460 -65.58 -13.36 -5.61
CA ASP D 460 -65.83 -14.56 -6.38
C ASP D 460 -66.14 -15.75 -5.50
N LYS D 461 -65.48 -15.89 -4.35
CA LYS D 461 -65.79 -17.01 -3.47
C LYS D 461 -67.27 -17.00 -3.17
N VAL D 462 -67.77 -15.81 -2.86
CA VAL D 462 -69.15 -15.62 -2.55
C VAL D 462 -70.03 -15.84 -3.76
N ARG D 463 -69.66 -15.29 -4.91
CA ARG D 463 -70.45 -15.43 -6.13
C ARG D 463 -70.64 -16.87 -6.50
N MET D 464 -69.59 -17.66 -6.37
CA MET D 464 -69.60 -19.07 -6.70
C MET D 464 -70.51 -19.86 -5.80
N GLN D 465 -70.63 -19.49 -4.53
CA GLN D 465 -71.51 -20.25 -3.67
C GLN D 465 -72.95 -19.79 -3.81
N LEU D 466 -73.17 -18.49 -4.02
CA LEU D 466 -74.53 -17.95 -4.14
C LEU D 466 -75.19 -18.40 -5.44
N ARG D 467 -74.36 -18.63 -6.44
CA ARG D 467 -74.78 -19.15 -7.71
C ARG D 467 -75.92 -18.41 -8.36
N ASP D 468 -77.01 -19.11 -8.64
CA ASP D 468 -78.14 -18.59 -9.36
C ASP D 468 -79.30 -18.10 -8.50
N ASN D 469 -79.13 -18.04 -7.17
CA ASN D 469 -80.24 -17.57 -6.33
C ASN D 469 -80.08 -16.11 -5.97
N VAL D 470 -79.10 -15.49 -6.62
CA VAL D 470 -78.77 -14.09 -6.47
C VAL D 470 -78.58 -13.39 -7.79
N LYS D 471 -78.50 -12.08 -7.70
CA LYS D 471 -78.10 -11.25 -8.80
C LYS D 471 -76.94 -10.38 -8.34
N GLU D 472 -76.01 -10.13 -9.24
CA GLU D 472 -74.95 -9.21 -8.90
C GLU D 472 -75.51 -7.84 -9.13
N LEU D 473 -75.04 -6.87 -8.37
CA LEU D 473 -75.49 -5.50 -8.58
C LEU D 473 -74.52 -4.63 -9.40
N GLY D 474 -73.28 -5.08 -9.56
CA GLY D 474 -72.30 -4.31 -10.35
C GLY D 474 -71.45 -3.31 -9.57
N ASN D 475 -71.70 -3.19 -8.27
CA ASN D 475 -70.97 -2.29 -7.40
C ASN D 475 -70.26 -3.05 -6.31
N GLY D 476 -69.97 -4.32 -6.55
CA GLY D 476 -69.31 -5.16 -5.55
C GLY D 476 -70.25 -5.71 -4.44
N CYS D 477 -71.57 -5.84 -4.74
CA CYS D 477 -72.63 -6.29 -3.85
C CYS D 477 -73.51 -7.33 -4.55
N PHE D 478 -74.15 -8.17 -3.73
CA PHE D 478 -75.12 -9.15 -4.23
C PHE D 478 -76.48 -8.98 -3.59
N GLU D 479 -77.51 -9.29 -4.33
CA GLU D 479 -78.88 -9.26 -3.80
C GLU D 479 -79.57 -10.59 -4.06
N PHE D 480 -80.31 -11.05 -3.08
CA PHE D 480 -80.98 -12.34 -3.13
C PHE D 480 -82.34 -12.28 -3.78
N TYR D 481 -82.79 -13.40 -4.37
CA TYR D 481 -84.13 -13.45 -4.96
C TYR D 481 -85.12 -14.10 -4.00
N HIS D 482 -84.70 -14.27 -2.78
CA HIS D 482 -85.48 -14.86 -1.72
C HIS D 482 -85.17 -14.12 -0.45
N LYS D 483 -86.08 -14.19 0.51
CA LYS D 483 -85.79 -13.53 1.78
C LYS D 483 -84.53 -14.16 2.38
N CYS D 484 -83.58 -13.31 2.84
CA CYS D 484 -82.31 -13.72 3.43
C CYS D 484 -82.14 -12.99 4.78
N ASP D 485 -82.30 -13.77 5.84
CA ASP D 485 -82.25 -13.37 7.23
C ASP D 485 -80.85 -13.56 7.84
N ASP D 486 -80.71 -13.37 9.16
CA ASP D 486 -79.36 -13.50 9.71
C ASP D 486 -78.75 -14.87 9.51
N GLU D 487 -79.54 -15.94 9.60
CA GLU D 487 -78.91 -17.25 9.41
C GLU D 487 -78.29 -17.37 7.99
N CYS D 488 -79.03 -16.89 6.96
CA CYS D 488 -78.62 -16.83 5.55
C CYS D 488 -77.36 -15.96 5.37
N MET D 489 -77.39 -14.75 5.91
CA MET D 489 -76.28 -13.85 5.74
C MET D 489 -75.02 -14.37 6.43
N ASN D 490 -75.21 -15.04 7.56
CA ASN D 490 -74.08 -15.56 8.30
C ASN D 490 -73.50 -16.74 7.56
N SER D 491 -74.35 -17.52 6.90
CA SER D 491 -73.88 -18.67 6.14
C SER D 491 -73.05 -18.20 4.96
N VAL D 492 -73.41 -17.07 4.35
CA VAL D 492 -72.62 -16.59 3.22
C VAL D 492 -71.24 -16.20 3.71
N LYS D 493 -71.18 -15.45 4.81
CA LYS D 493 -69.89 -15.07 5.41
C LYS D 493 -69.02 -16.32 5.80
N ASN D 494 -69.69 -17.36 6.36
CA ASN D 494 -69.17 -18.64 6.83
C ASN D 494 -68.70 -19.56 5.68
N GLY D 495 -69.32 -19.45 4.47
CA GLY D 495 -69.05 -20.29 3.30
C GLY D 495 -69.90 -21.56 3.35
N THR D 496 -71.03 -21.47 4.05
CA THR D 496 -71.94 -22.58 4.23
C THR D 496 -73.32 -22.31 3.62
N TYR D 497 -73.45 -21.34 2.72
CA TYR D 497 -74.77 -21.06 2.18
C TYR D 497 -75.38 -22.29 1.55
N ASP D 498 -76.58 -22.62 1.98
CA ASP D 498 -77.24 -23.82 1.52
C ASP D 498 -77.99 -23.59 0.23
N TYR D 499 -77.26 -23.42 -0.85
CA TYR D 499 -77.87 -23.09 -2.12
C TYR D 499 -79.12 -23.88 -2.50
N PRO D 500 -79.16 -25.23 -2.41
CA PRO D 500 -80.28 -26.08 -2.81
C PRO D 500 -81.58 -25.82 -2.06
N LYS D 501 -81.51 -25.11 -0.93
CA LYS D 501 -82.66 -24.79 -0.10
C LYS D 501 -83.44 -23.58 -0.59
N TYR D 502 -82.84 -22.77 -1.47
CA TYR D 502 -83.47 -21.54 -1.84
C TYR D 502 -83.78 -21.48 -3.33
N GLU D 503 -84.80 -20.72 -3.69
CA GLU D 503 -85.13 -20.50 -5.09
C GLU D 503 -85.77 -19.12 -5.32
N GLU D 504 -85.69 -18.61 -6.58
CA GLU D 504 -86.34 -17.38 -7.05
C GLU D 504 -87.86 -17.60 -7.20
N GLN E 1 33.40 29.37 13.29
CA GLN E 1 33.20 29.81 14.66
C GLN E 1 32.38 31.12 14.70
N VAL E 2 31.25 31.08 15.45
CA VAL E 2 30.33 32.18 15.69
C VAL E 2 30.88 33.14 16.75
N GLN E 3 30.76 34.42 16.46
CA GLN E 3 31.20 35.45 17.38
C GLN E 3 30.11 36.50 17.58
N LEU E 4 30.08 37.10 18.75
CA LEU E 4 29.12 38.14 19.05
C LEU E 4 29.83 39.43 19.37
N GLN E 5 29.60 40.47 18.59
CA GLN E 5 30.30 41.74 18.84
C GLN E 5 29.39 42.89 19.15
N GLU E 6 29.50 43.42 20.35
CA GLU E 6 28.68 44.53 20.78
C GLU E 6 29.16 45.87 20.21
N SER E 7 28.24 46.81 20.08
CA SER E 7 28.52 48.19 19.70
C SER E 7 29.27 48.87 20.82
N GLY E 8 29.88 50.02 20.53
CA GLY E 8 30.74 50.68 21.52
C GLY E 8 30.02 51.26 22.75
N PRO E 9 30.84 51.68 23.75
CA PRO E 9 30.49 52.22 25.06
C PRO E 9 29.97 53.62 25.00
N GLY E 10 29.35 54.05 26.09
CA GLY E 10 28.94 55.43 26.16
C GLY E 10 28.25 55.81 27.45
N LEU E 11 27.90 57.09 27.51
CA LEU E 11 27.25 57.73 28.63
C LEU E 11 25.91 58.28 28.22
N VAL E 12 24.90 57.96 29.01
CA VAL E 12 23.57 58.49 28.77
C VAL E 12 23.09 59.17 30.04
N LYS E 13 22.14 60.05 29.89
CA LYS E 13 21.57 60.75 31.02
C LYS E 13 20.35 59.97 31.53
N PRO E 14 19.94 60.15 32.78
CA PRO E 14 18.73 59.59 33.31
C PRO E 14 17.58 59.99 32.42
N SER E 15 16.65 59.07 32.30
CA SER E 15 15.43 59.16 31.50
C SER E 15 15.70 59.03 30.00
N GLN E 16 16.93 58.72 29.62
CA GLN E 16 17.29 58.49 28.23
C GLN E 16 17.11 57.03 27.85
N THR E 17 17.41 56.73 26.59
CA THR E 17 17.28 55.37 26.13
C THR E 17 18.65 54.79 25.87
N LEU E 18 18.88 53.60 26.41
CA LEU E 18 20.11 52.86 26.24
C LEU E 18 19.97 52.09 24.96
N SER E 19 20.98 52.13 24.10
CA SER E 19 20.86 51.36 22.87
C SER E 19 22.14 50.67 22.48
N LEU E 20 22.11 49.35 22.53
CA LEU E 20 23.27 48.51 22.18
C LEU E 20 22.93 47.52 21.10
N THR E 21 23.79 47.44 20.11
CA THR E 21 23.56 46.50 19.02
C THR E 21 24.68 45.45 18.99
N CYS E 22 24.29 44.16 18.88
CA CYS E 22 25.15 43.00 18.78
C CYS E 22 25.17 42.47 17.35
N THR E 23 26.35 42.42 16.78
CA THR E 23 26.50 41.90 15.45
C THR E 23 26.93 40.47 15.54
N VAL E 24 26.21 39.60 14.88
CA VAL E 24 26.53 38.20 14.92
C VAL E 24 27.23 37.83 13.65
N SER E 25 28.35 37.15 13.77
CA SER E 25 29.10 36.73 12.60
C SER E 25 29.39 35.25 12.69
N GLY E 26 29.65 34.62 11.55
CA GLY E 26 29.99 33.19 11.51
C GLY E 26 28.78 32.28 11.27
N GLY E 27 27.60 32.87 11.10
CA GLY E 27 26.38 32.13 10.86
C GLY E 27 25.18 33.05 10.97
N SER E 28 24.01 32.55 10.58
CA SER E 28 22.77 33.34 10.61
C SER E 28 22.05 33.25 11.93
N ILE E 29 21.46 34.35 12.35
CA ILE E 29 20.74 34.42 13.60
C ILE E 29 19.43 33.65 13.58
N SER E 30 18.98 33.28 12.39
CA SER E 30 17.78 32.52 12.19
C SER E 30 18.08 31.04 11.91
N SER E 31 19.34 30.63 12.03
CA SER E 31 19.72 29.27 11.66
C SER E 31 19.35 28.10 12.58
N GLY E 32 19.79 28.09 13.84
CA GLY E 32 19.57 26.88 14.65
C GLY E 32 18.69 27.04 15.87
N ASN E 33 18.80 26.09 16.79
CA ASN E 33 18.02 26.11 18.02
C ASN E 33 18.71 26.94 19.07
N TYR E 34 18.66 28.23 18.86
CA TYR E 34 19.35 29.20 19.67
C TYR E 34 18.48 30.37 20.05
N TYR E 35 18.91 31.03 21.11
CA TYR E 35 18.28 32.27 21.52
C TYR E 35 19.35 33.25 21.91
N TRP E 36 19.04 34.52 21.81
CA TRP E 36 19.98 35.54 22.20
C TRP E 36 19.51 36.29 23.41
N SER E 37 20.45 36.71 24.22
CA SER E 37 20.10 37.44 25.40
C SER E 37 21.09 38.49 25.72
N TRP E 38 20.67 39.38 26.59
CA TRP E 38 21.60 40.35 27.11
C TRP E 38 21.71 40.09 28.58
N ILE E 39 22.95 40.10 29.05
CA ILE E 39 23.27 39.85 30.44
C ILE E 39 23.94 41.08 31.02
N ARG E 40 23.48 41.53 32.15
CA ARG E 40 24.08 42.70 32.75
C ARG E 40 24.94 42.36 33.95
N GLN E 41 26.04 43.08 34.09
CA GLN E 41 26.86 42.89 35.26
C GLN E 41 27.36 44.19 35.87
N PRO E 42 26.65 44.75 36.86
CA PRO E 42 27.04 45.96 37.53
C PRO E 42 28.37 45.57 38.11
N ALA E 43 29.34 46.46 38.18
CA ALA E 43 30.60 46.01 38.72
C ALA E 43 30.41 45.52 40.13
N GLY E 44 31.03 44.39 40.44
CA GLY E 44 30.99 43.82 41.78
C GLY E 44 29.78 42.96 42.07
N GLU E 45 28.84 42.85 41.13
CA GLU E 45 27.62 42.08 41.35
C GLU E 45 27.50 40.84 40.46
N GLU E 46 26.42 40.10 40.69
CA GLU E 46 26.06 38.89 39.99
C GLU E 46 25.58 39.20 38.59
N LEU E 47 25.73 38.23 37.71
CA LEU E 47 25.23 38.35 36.36
C LEU E 47 23.72 38.33 36.42
N GLU E 48 23.07 39.21 35.65
CA GLU E 48 21.61 39.30 35.59
C GLU E 48 21.06 39.14 34.19
N CYS E 49 20.05 38.30 34.03
CA CYS E 49 19.43 38.16 32.72
C CYS E 49 18.52 39.36 32.51
N LEU E 50 18.67 40.09 31.40
CA LEU E 50 17.77 41.22 31.21
C LEU E 50 16.54 40.75 30.48
N GLY E 51 16.79 39.79 29.60
CA GLY E 51 15.77 39.22 28.76
C GLY E 51 16.38 38.41 27.63
N ARG E 52 15.50 37.68 26.94
CA ARG E 52 15.83 36.80 25.84
C ARG E 52 14.92 36.95 24.65
N ILE E 53 15.49 36.72 23.48
CA ILE E 53 14.74 36.65 22.25
C ILE E 53 15.11 35.36 21.53
N TYR E 54 14.11 34.66 21.09
CA TYR E 54 14.30 33.42 20.39
C TYR E 54 14.51 33.65 18.93
N THR E 55 15.13 32.71 18.26
CA THR E 55 15.39 32.76 16.83
C THR E 55 14.08 32.89 16.03
N THR E 56 12.97 32.47 16.63
CA THR E 56 11.65 32.52 16.03
C THR E 56 10.90 33.84 16.30
N GLY E 57 11.51 34.74 17.07
CA GLY E 57 10.92 36.04 17.41
C GLY E 57 10.19 36.12 18.76
N SER E 58 10.03 35.00 19.44
CA SER E 58 9.38 35.00 20.75
C SER E 58 10.27 35.68 21.78
N THR E 59 9.69 36.43 22.72
CA THR E 59 10.49 37.08 23.76
C THR E 59 10.01 36.85 25.18
N ASN E 60 10.97 36.99 26.09
CA ASN E 60 10.79 36.91 27.54
C ASN E 60 11.62 37.97 28.25
N TYR E 61 11.02 38.77 29.11
CA TYR E 61 11.79 39.80 29.79
C TYR E 61 11.68 39.65 31.30
N SER E 62 12.75 40.00 32.01
CA SER E 62 12.76 39.91 33.46
C SER E 62 11.78 40.91 34.10
N PRO E 63 11.07 40.55 35.19
CA PRO E 63 10.09 41.36 35.91
C PRO E 63 10.48 42.78 36.30
N SER E 64 11.74 43.03 36.63
CA SER E 64 12.15 44.36 37.05
C SER E 64 12.45 45.30 35.87
N LEU E 65 12.58 44.69 34.70
CA LEU E 65 12.94 45.33 33.46
C LEU E 65 11.89 45.34 32.38
N LYS E 66 10.96 44.40 32.40
CA LYS E 66 10.02 44.22 31.29
C LYS E 66 9.16 45.44 30.97
N SER E 67 8.93 46.34 31.94
CA SER E 67 8.14 47.52 31.64
C SER E 67 8.98 48.57 30.90
N ARG E 68 10.31 48.36 30.88
CA ARG E 68 11.28 49.25 30.28
C ARG E 68 12.11 48.68 29.13
N VAL E 69 12.29 47.35 29.05
CA VAL E 69 13.24 46.81 28.08
C VAL E 69 12.60 46.07 26.90
N THR E 70 13.14 46.35 25.73
CA THR E 70 12.80 45.69 24.48
C THR E 70 14.02 45.09 23.80
N ILE E 71 13.87 43.86 23.33
CA ILE E 71 14.93 43.19 22.58
C ILE E 71 14.34 42.82 21.22
N SER E 72 15.10 43.09 20.17
CA SER E 72 14.62 42.78 18.82
C SER E 72 15.64 42.10 17.93
N LEU E 73 15.12 41.40 16.91
CA LEU E 73 15.87 40.59 15.97
C LEU E 73 15.82 41.12 14.53
N GLU E 74 16.96 41.43 13.94
CA GLU E 74 17.05 41.93 12.56
C GLU E 74 17.77 40.92 11.66
N THR E 75 17.01 40.08 10.95
CA THR E 75 17.65 38.99 10.20
C THR E 75 18.53 39.43 9.07
N SER E 76 18.16 40.50 8.40
CA SER E 76 18.88 40.95 7.22
C SER E 76 20.29 41.43 7.49
N LYS E 77 20.59 41.76 8.74
CA LYS E 77 21.91 42.24 9.09
C LYS E 77 22.60 41.29 10.05
N ASN E 78 21.94 40.18 10.41
CA ASN E 78 22.44 39.32 11.47
C ASN E 78 22.68 40.12 12.76
N GLN E 79 21.71 40.97 13.13
CA GLN E 79 21.89 41.76 14.34
C GLN E 79 20.77 41.66 15.36
N PHE E 80 21.14 41.85 16.60
CA PHE E 80 20.20 41.96 17.70
C PHE E 80 20.39 43.24 18.44
N SER E 81 19.33 43.76 19.02
CA SER E 81 19.55 44.96 19.80
C SER E 81 18.73 45.06 21.05
N LEU E 82 19.36 45.75 21.99
CA LEU E 82 18.82 46.05 23.31
C LEU E 82 18.44 47.50 23.44
N ARG E 83 17.19 47.74 23.77
CA ARG E 83 16.67 49.07 24.01
C ARG E 83 16.10 49.20 25.41
N LEU E 84 16.73 50.01 26.25
CA LEU E 84 16.22 50.15 27.62
C LEU E 84 15.76 51.58 27.82
N ASN E 85 14.48 51.73 28.06
CA ASN E 85 13.88 53.03 28.19
C ASN E 85 13.98 53.49 29.62
N SER E 86 13.90 54.79 29.83
CA SER E 86 13.87 55.37 31.17
C SER E 86 15.04 54.90 32.06
N VAL E 87 16.26 55.05 31.56
CA VAL E 87 17.44 54.63 32.32
C VAL E 87 17.70 55.46 33.56
N THR E 88 18.26 54.83 34.56
CA THR E 88 18.66 55.53 35.78
C THR E 88 20.09 55.20 36.17
N ALA E 89 20.60 55.86 37.20
CA ALA E 89 21.99 55.65 37.61
C ALA E 89 22.29 54.20 37.98
N ALA E 90 21.30 53.51 38.51
CA ALA E 90 21.41 52.12 38.94
C ALA E 90 21.64 51.16 37.77
N ASP E 91 21.45 51.62 36.54
CA ASP E 91 21.59 50.78 35.37
C ASP E 91 23.03 50.85 34.83
N THR E 92 23.93 51.53 35.55
CA THR E 92 25.32 51.54 35.11
C THR E 92 25.85 50.12 35.26
N ALA E 93 26.37 49.56 34.18
CA ALA E 93 26.82 48.16 34.19
C ALA E 93 27.53 47.76 32.92
N VAL E 94 28.16 46.60 32.94
CA VAL E 94 28.65 46.02 31.70
C VAL E 94 27.53 45.21 31.07
N TYR E 95 27.26 45.46 29.80
CA TYR E 95 26.22 44.74 29.09
C TYR E 95 26.80 43.76 28.08
N TYR E 96 26.51 42.48 28.26
CA TYR E 96 27.06 41.46 27.39
C TYR E 96 26.01 40.90 26.45
N CYS E 97 26.43 40.58 25.21
CA CYS E 97 25.62 39.86 24.22
C CYS E 97 25.95 38.38 24.39
N ALA E 98 24.94 37.53 24.50
CA ALA E 98 25.22 36.11 24.64
C ALA E 98 24.27 35.24 23.82
N ARG E 99 24.81 34.13 23.34
CA ARG E 99 24.07 33.15 22.56
C ARG E 99 23.84 31.91 23.38
N GLY E 100 22.58 31.65 23.65
CA GLY E 100 22.19 30.50 24.45
C GLY E 100 21.85 29.34 23.54
N MET E 101 22.06 28.13 24.04
CA MET E 101 21.74 26.92 23.33
C MET E 101 20.41 26.47 23.80
N ASP E 102 19.44 26.38 22.92
CA ASP E 102 18.11 25.92 23.28
C ASP E 102 17.98 24.44 22.93
N PHE E 103 18.69 23.55 23.60
CA PHE E 103 18.60 22.17 23.20
C PHE E 103 17.75 21.63 24.30
N GLY E 104 16.83 20.75 24.05
CA GLY E 104 15.95 20.39 25.16
C GLY E 104 16.65 20.18 26.53
N PRO E 105 17.46 19.13 26.70
CA PRO E 105 18.22 18.78 27.88
C PRO E 105 19.33 19.75 28.28
N THR E 106 19.74 20.63 27.38
CA THR E 106 20.83 21.55 27.68
C THR E 106 20.45 22.99 27.43
N ASP E 107 20.58 23.80 28.45
CA ASP E 107 20.26 25.21 28.31
C ASP E 107 21.37 26.02 28.98
N ALA E 108 22.18 26.66 28.15
CA ALA E 108 23.37 27.38 28.64
C ALA E 108 23.83 28.47 27.69
N PHE E 109 24.60 29.43 28.23
CA PHE E 109 25.18 30.49 27.39
C PHE E 109 26.54 30.09 26.90
N ASP E 110 26.56 29.72 25.63
CA ASP E 110 27.72 29.16 24.96
C ASP E 110 28.67 30.22 24.47
N ILE E 111 28.14 31.23 23.82
CA ILE E 111 29.01 32.25 23.28
C ILE E 111 28.73 33.59 23.89
N TRP E 112 29.78 34.21 24.37
CA TRP E 112 29.67 35.53 24.96
C TRP E 112 30.46 36.52 24.13
N GLY E 113 29.97 37.74 24.09
CA GLY E 113 30.68 38.83 23.44
C GLY E 113 31.65 39.38 24.45
N GLN E 114 32.16 40.59 24.24
CA GLN E 114 33.17 41.07 25.16
C GLN E 114 32.62 41.89 26.30
N GLY E 115 31.48 42.52 26.07
CA GLY E 115 30.85 43.37 27.06
C GLY E 115 31.09 44.84 26.81
N THR E 116 30.02 45.61 26.79
CA THR E 116 30.11 47.04 26.58
C THR E 116 29.68 47.81 27.79
N MET E 117 30.51 48.74 28.21
CA MET E 117 30.17 49.48 29.41
C MET E 117 29.24 50.65 29.10
N VAL E 118 28.16 50.73 29.88
CA VAL E 118 27.24 51.84 29.74
C VAL E 118 27.10 52.53 31.08
N THR E 119 27.32 53.83 31.08
CA THR E 119 27.21 54.62 32.30
C THR E 119 26.01 55.50 32.23
N VAL E 120 25.25 55.57 33.32
CA VAL E 120 24.10 56.46 33.34
C VAL E 120 24.34 57.46 34.46
N SER E 121 24.35 58.75 34.13
CA SER E 121 24.61 59.76 35.16
C SER E 121 24.10 61.14 34.74
N SER E 122 24.00 62.10 35.70
CA SER E 122 23.56 63.50 35.51
C SER E 122 24.57 64.34 34.69
N ASP F 1 9.48 30.86 40.97
CA ASP F 1 10.88 31.27 41.00
C ASP F 1 11.65 30.50 42.08
N ILE F 2 12.92 30.14 41.75
CA ILE F 2 13.83 29.37 42.60
C ILE F 2 15.02 30.22 42.99
N GLN F 3 15.29 30.27 44.29
CA GLN F 3 16.39 31.05 44.86
C GLN F 3 17.67 30.25 44.89
N MET F 4 18.75 30.86 44.44
CA MET F 4 20.04 30.21 44.49
C MET F 4 20.94 30.65 45.62
N THR F 5 21.67 29.69 46.16
CA THR F 5 22.70 29.91 47.17
C THR F 5 24.01 29.29 46.73
N GLN F 6 25.10 30.01 46.87
CA GLN F 6 26.38 29.45 46.47
C GLN F 6 27.39 29.76 47.54
N SER F 7 28.22 28.79 47.88
CA SER F 7 29.23 29.00 48.89
C SER F 7 30.44 28.08 48.71
N PRO F 8 31.61 28.45 49.24
CA PRO F 8 32.05 29.63 49.99
C PRO F 8 31.94 30.88 49.13
N SER F 9 31.85 32.07 49.73
CA SER F 9 31.83 33.26 48.89
C SER F 9 33.20 33.41 48.24
N SER F 10 34.21 32.94 48.95
CA SER F 10 35.56 32.92 48.49
C SER F 10 36.30 31.84 49.23
N LEU F 11 37.34 31.34 48.62
CA LEU F 11 38.23 30.38 49.25
C LEU F 11 39.58 30.44 48.59
N SER F 12 40.65 30.45 49.38
CA SER F 12 41.95 30.43 48.76
C SER F 12 42.42 29.00 48.63
N ALA F 13 43.33 28.78 47.72
CA ALA F 13 43.93 27.47 47.54
C ALA F 13 45.28 27.58 46.87
N SER F 14 46.10 26.56 47.07
CA SER F 14 47.39 26.52 46.41
C SER F 14 47.26 25.86 45.08
N VAL F 15 48.24 26.08 44.23
CA VAL F 15 48.23 25.37 42.98
C VAL F 15 48.51 23.91 43.31
N GLY F 16 47.69 23.03 42.77
CA GLY F 16 47.74 21.60 43.01
C GLY F 16 46.69 21.11 44.01
N ASP F 17 46.04 22.02 44.72
CA ASP F 17 45.00 21.65 45.69
C ASP F 17 43.68 21.23 45.08
N ARG F 18 42.95 20.42 45.83
CA ARG F 18 41.60 20.03 45.45
C ARG F 18 40.64 21.12 45.87
N VAL F 19 39.81 21.59 44.94
CA VAL F 19 38.88 22.68 45.24
C VAL F 19 37.43 22.33 44.97
N THR F 20 36.56 22.51 45.95
CA THR F 20 35.15 22.23 45.69
C THR F 20 34.28 23.42 46.00
N ILE F 21 33.33 23.68 45.10
CA ILE F 21 32.37 24.77 45.22
C ILE F 21 30.94 24.21 45.28
N THR F 22 30.17 24.64 46.29
CA THR F 22 28.81 24.12 46.47
C THR F 22 27.75 25.10 45.99
N CYS F 23 26.74 24.60 45.24
CA CYS F 23 25.61 25.37 44.73
C CYS F 23 24.31 24.68 45.13
N ARG F 24 23.43 25.44 45.74
CA ARG F 24 22.17 24.91 46.23
C ARG F 24 20.93 25.60 45.72
N ALA F 25 19.98 24.80 45.31
CA ALA F 25 18.71 25.34 44.84
C ALA F 25 17.68 25.27 45.95
N SER F 26 16.86 26.29 46.11
CA SER F 26 15.78 26.23 47.10
C SER F 26 14.69 25.22 46.71
N GLN F 27 14.63 24.87 45.44
CA GLN F 27 13.69 23.89 44.90
C GLN F 27 14.43 23.04 43.92
N SER F 28 14.03 21.80 43.71
CA SER F 28 14.73 21.00 42.72
C SER F 28 14.68 21.56 41.32
N VAL F 29 15.82 21.50 40.65
CA VAL F 29 15.97 21.91 39.26
C VAL F 29 16.44 20.74 38.42
N SER F 30 16.27 19.54 38.94
CA SER F 30 16.70 18.35 38.24
C SER F 30 18.18 18.38 37.90
N SER F 31 18.52 18.25 36.63
CA SER F 31 19.88 18.25 36.15
C SER F 31 20.23 19.54 35.42
N TYR F 32 19.31 20.51 35.42
CA TYR F 32 19.48 21.74 34.67
C TYR F 32 20.26 22.79 35.40
N LEU F 33 21.48 22.46 35.77
CA LEU F 33 22.35 23.41 36.42
C LEU F 33 23.64 23.48 35.61
N ASN F 34 24.02 24.65 35.14
CA ASN F 34 25.26 24.74 34.40
C ASN F 34 26.28 25.51 35.25
N TRP F 35 27.55 25.58 34.82
CA TRP F 35 28.58 26.35 35.52
C TRP F 35 29.46 27.17 34.57
N TYR F 36 29.88 28.36 35.03
CA TYR F 36 30.75 29.28 34.29
C TYR F 36 31.99 29.71 35.05
N GLN F 37 33.06 29.97 34.32
CA GLN F 37 34.30 30.51 34.87
C GLN F 37 34.54 31.93 34.37
N GLN F 38 34.45 32.93 35.24
CA GLN F 38 34.66 34.31 34.82
C GLN F 38 36.00 34.85 35.28
N ARG F 39 36.80 35.35 34.35
CA ARG F 39 38.07 35.91 34.76
C ARG F 39 37.81 37.39 34.92
N SER F 40 38.50 38.06 35.83
CA SER F 40 38.21 39.47 35.95
C SER F 40 38.53 40.19 34.65
N GLY F 41 37.62 41.09 34.26
CA GLY F 41 37.78 41.89 33.06
C GLY F 41 37.29 41.21 31.78
N LYS F 42 36.82 39.97 31.88
CA LYS F 42 36.37 39.22 30.72
C LYS F 42 34.96 38.67 30.89
N ALA F 43 34.30 38.38 29.77
CA ALA F 43 33.00 37.78 29.83
C ALA F 43 33.16 36.36 30.39
N PRO F 44 32.16 35.80 31.11
CA PRO F 44 32.13 34.45 31.62
C PRO F 44 32.25 33.39 30.54
N ARG F 45 32.96 32.32 30.83
CA ARG F 45 33.11 31.21 29.90
C ARG F 45 32.37 29.98 30.42
N LEU F 46 31.67 29.27 29.55
CA LEU F 46 30.96 28.07 29.99
C LEU F 46 31.88 26.90 30.26
N LEU F 47 31.73 26.27 31.44
CA LEU F 47 32.50 25.10 31.80
C LEU F 47 31.69 23.84 31.74
N ILE F 48 30.54 23.88 32.38
CA ILE F 48 29.63 22.74 32.51
C ILE F 48 28.31 23.13 31.91
N TYR F 49 27.74 22.33 31.02
CA TYR F 49 26.47 22.75 30.46
C TYR F 49 25.26 22.04 31.08
N THR F 50 25.46 20.85 31.62
CA THR F 50 24.39 20.19 32.38
C THR F 50 25.15 19.61 33.54
N VAL F 51 24.52 19.22 34.63
CA VAL F 51 25.40 18.70 35.66
C VAL F 51 26.18 17.52 35.12
N THR F 52 27.50 17.52 35.41
CA THR F 52 28.57 16.58 35.03
C THR F 52 29.10 16.70 33.60
N ASN F 53 28.39 17.39 32.71
CA ASN F 53 28.78 17.47 31.30
C ASN F 53 29.55 18.73 30.99
N PHE F 54 30.84 18.58 30.65
CA PHE F 54 31.67 19.76 30.41
C PHE F 54 31.80 20.12 28.95
N GLN F 55 32.07 21.39 28.72
CA GLN F 55 32.23 21.96 27.40
C GLN F 55 33.54 21.60 26.75
N SER F 56 33.51 21.43 25.44
CA SER F 56 34.75 21.14 24.74
C SER F 56 35.75 22.25 24.99
N GLY F 57 36.99 21.88 25.26
CA GLY F 57 38.04 22.83 25.53
C GLY F 57 38.24 23.04 27.03
N VAL F 58 37.30 22.53 27.83
CA VAL F 58 37.37 22.62 29.26
C VAL F 58 38.27 21.50 29.75
N PRO F 59 39.29 21.78 30.54
CA PRO F 59 40.19 20.81 31.08
C PRO F 59 39.41 19.76 31.85
N SER F 60 39.90 18.52 31.79
CA SER F 60 39.29 17.35 32.43
C SER F 60 39.29 17.45 33.95
N ARG F 61 40.07 18.39 34.48
CA ARG F 61 40.11 18.63 35.90
C ARG F 61 38.79 19.21 36.41
N PHE F 62 37.93 19.73 35.52
CA PHE F 62 36.64 20.27 35.95
C PHE F 62 35.55 19.23 35.85
N SER F 63 35.08 18.80 37.00
CA SER F 63 34.10 17.73 37.07
C SER F 63 32.90 18.09 37.91
N GLY F 64 31.74 18.13 37.27
CA GLY F 64 30.53 18.47 37.99
C GLY F 64 29.92 17.22 38.59
N SER F 65 29.08 17.40 39.60
CA SER F 65 28.33 16.30 40.20
C SER F 65 27.10 16.81 40.92
N GLY F 66 26.20 15.91 41.28
CA GLY F 66 25.03 16.29 42.09
C GLY F 66 23.71 16.22 41.36
N SER F 67 22.64 16.56 42.08
CA SER F 67 21.29 16.47 41.54
C SER F 67 20.19 17.16 42.35
N GLY F 68 19.20 17.72 41.66
CA GLY F 68 18.02 18.24 42.31
C GLY F 68 18.29 19.55 42.98
N THR F 69 18.73 19.48 44.22
CA THR F 69 18.99 20.68 44.97
C THR F 69 20.42 20.88 45.35
N ASP F 70 21.23 19.85 45.31
CA ASP F 70 22.60 19.98 45.78
C ASP F 70 23.62 19.55 44.76
N PHE F 71 24.40 20.54 44.32
CA PHE F 71 25.36 20.35 43.25
C PHE F 71 26.76 20.81 43.65
N THR F 72 27.77 20.15 43.09
CA THR F 72 29.16 20.52 43.33
C THR F 72 29.99 20.67 42.06
N LEU F 73 30.87 21.68 42.04
CA LEU F 73 31.86 21.80 40.99
C LEU F 73 33.21 21.48 41.58
N THR F 74 33.88 20.46 41.08
CA THR F 74 35.17 20.09 41.63
C THR F 74 36.32 20.32 40.67
N ILE F 75 37.36 20.97 41.15
CA ILE F 75 38.56 21.15 40.35
C ILE F 75 39.51 20.14 40.96
N SER F 76 39.87 19.11 40.20
CA SER F 76 40.64 18.04 40.81
C SER F 76 42.02 18.45 41.28
N SER F 77 42.63 19.40 40.57
CA SER F 77 43.95 19.94 40.87
C SER F 77 44.03 21.36 40.34
N LEU F 78 43.99 22.34 41.23
CA LEU F 78 43.92 23.74 40.84
C LEU F 78 45.13 24.23 40.08
N GLN F 79 44.90 24.90 38.96
CA GLN F 79 45.98 25.44 38.16
C GLN F 79 46.07 26.96 38.26
N PRO F 80 47.17 27.61 37.86
CA PRO F 80 47.35 29.06 37.79
C PRO F 80 46.31 29.73 36.89
N GLU F 81 45.72 28.93 36.01
CA GLU F 81 44.72 29.35 35.04
C GLU F 81 43.33 29.45 35.63
N ASP F 82 43.14 28.94 36.84
CA ASP F 82 41.82 28.84 37.42
C ASP F 82 41.45 29.91 38.43
N PHE F 83 42.24 30.94 38.55
CA PHE F 83 41.88 31.93 39.53
C PHE F 83 40.87 32.86 38.88
N ALA F 84 39.62 32.49 39.16
CA ALA F 84 38.40 32.99 38.56
C ALA F 84 37.24 32.98 39.53
N THR F 85 36.17 33.69 39.16
CA THR F 85 34.94 33.65 39.94
C THR F 85 34.02 32.64 39.27
N TYR F 86 33.57 31.64 40.01
CA TYR F 86 32.74 30.62 39.40
C TYR F 86 31.29 30.84 39.69
N TYR F 87 30.46 30.69 38.69
CA TYR F 87 29.03 30.87 38.87
C TYR F 87 28.29 29.63 38.44
N CYS F 88 27.16 29.35 39.11
CA CYS F 88 26.23 28.29 38.75
C CYS F 88 24.96 28.97 38.24
N GLN F 89 24.24 28.32 37.32
CA GLN F 89 22.98 28.86 36.79
C GLN F 89 21.89 27.81 36.65
N GLU F 90 20.72 28.15 37.13
CA GLU F 90 19.58 27.22 37.09
C GLU F 90 18.67 27.55 35.95
N SER F 91 18.66 26.68 34.96
CA SER F 91 17.94 26.93 33.72
C SER F 91 16.63 26.20 33.62
N TYR F 92 16.22 25.62 34.73
CA TYR F 92 14.96 24.90 34.81
C TYR F 92 13.78 25.86 34.68
N THR F 93 13.85 26.98 35.38
CA THR F 93 12.79 27.99 35.41
C THR F 93 12.89 29.01 34.29
N SER F 94 11.82 29.81 34.13
CA SER F 94 11.80 30.85 33.12
C SER F 94 12.82 31.96 33.36
N ARG F 95 13.16 32.20 34.62
CA ARG F 95 14.18 33.18 34.95
C ARG F 95 15.47 32.44 35.12
N LEU F 96 16.40 32.64 34.21
CA LEU F 96 17.62 31.86 34.24
C LEU F 96 18.61 32.50 35.19
N THR F 97 18.39 32.32 36.48
CA THR F 97 19.19 33.05 37.44
C THR F 97 20.52 32.40 37.74
N PHE F 98 21.41 33.23 38.28
CA PHE F 98 22.75 32.84 38.65
C PHE F 98 22.92 32.89 40.16
N GLY F 99 23.87 32.10 40.64
CA GLY F 99 24.21 32.11 42.05
C GLY F 99 25.10 33.31 42.34
N GLY F 100 25.51 33.44 43.58
CA GLY F 100 26.32 34.57 44.04
C GLY F 100 27.70 34.69 43.41
N GLY F 101 28.33 33.56 43.12
CA GLY F 101 29.67 33.57 42.57
C GLY F 101 30.71 33.25 43.64
N THR F 102 31.60 32.31 43.35
CA THR F 102 32.63 31.93 44.30
C THR F 102 34.00 32.27 43.81
N LYS F 103 34.72 33.06 44.57
CA LYS F 103 36.04 33.47 44.12
C LYS F 103 37.13 32.54 44.58
N VAL F 104 37.92 32.04 43.65
CA VAL F 104 39.03 31.21 44.05
C VAL F 104 40.25 32.12 44.11
N GLU F 105 40.86 32.18 45.27
CA GLU F 105 41.97 33.08 45.54
C GLU F 105 43.30 32.35 45.62
N ILE F 106 44.38 33.06 45.33
CA ILE F 106 45.70 32.44 45.40
C ILE F 106 46.21 32.41 46.85
N LYS F 107 46.62 31.22 47.35
CA LYS F 107 47.22 31.00 48.68
C LYS F 107 48.75 31.08 48.55
N ASP G 16 -72.82 -35.94 -17.85
CA ASP G 16 -72.14 -35.80 -16.57
C ASP G 16 -71.00 -34.75 -16.67
N GLN G 17 -70.29 -34.50 -15.54
CA GLN G 17 -69.27 -33.44 -15.42
C GLN G 17 -67.87 -33.65 -15.98
N ILE G 18 -67.27 -32.52 -16.30
CA ILE G 18 -65.88 -32.42 -16.69
C ILE G 18 -65.18 -31.44 -15.72
N CYS G 19 -64.24 -31.94 -14.88
CA CYS G 19 -63.53 -31.14 -13.89
C CYS G 19 -62.18 -30.69 -14.41
N ILE G 20 -61.78 -29.50 -13.97
CA ILE G 20 -60.49 -28.92 -14.30
C ILE G 20 -59.65 -28.78 -13.07
N GLY G 21 -58.43 -29.27 -13.15
CA GLY G 21 -57.56 -29.22 -12.01
C GLY G 21 -56.11 -29.38 -12.38
N TYR G 22 -55.33 -29.81 -11.40
CA TYR G 22 -53.91 -29.88 -11.55
C TYR G 22 -53.29 -31.02 -10.81
N HIS G 23 -52.05 -31.31 -11.17
CA HIS G 23 -51.19 -32.36 -10.62
C HIS G 23 -50.89 -32.27 -9.13
N ALA G 24 -50.92 -33.41 -8.46
CA ALA G 24 -50.50 -33.50 -7.05
C ALA G 24 -49.65 -34.72 -6.92
N ASN G 25 -48.78 -34.77 -5.93
CA ASN G 25 -47.98 -35.96 -5.78
C ASN G 25 -47.69 -36.22 -4.28
N ASN G 26 -46.70 -37.09 -3.98
CA ASN G 26 -46.29 -37.49 -2.62
C ASN G 26 -45.10 -36.67 -2.10
N SER G 27 -44.72 -35.53 -2.75
CA SER G 27 -43.61 -34.66 -2.34
C SER G 27 -43.86 -33.97 -1.02
N THR G 28 -42.82 -33.91 -0.21
CA THR G 28 -42.83 -33.21 1.05
C THR G 28 -41.78 -32.13 1.02
N GLU G 29 -41.33 -31.79 -0.19
CA GLU G 29 -40.32 -30.76 -0.39
C GLU G 29 -40.93 -29.40 -0.14
N LYS G 30 -40.34 -28.60 0.75
CA LYS G 30 -40.91 -27.30 1.04
C LYS G 30 -40.02 -26.13 0.68
N VAL G 31 -40.66 -25.04 0.24
CA VAL G 31 -40.00 -23.79 -0.10
C VAL G 31 -40.61 -22.61 0.62
N ASP G 32 -39.87 -21.51 0.69
CA ASP G 32 -40.40 -20.29 1.26
C ASP G 32 -40.69 -19.27 0.17
N THR G 33 -41.62 -18.37 0.44
CA THR G 33 -41.96 -17.29 -0.46
C THR G 33 -42.01 -16.02 0.36
N ILE G 34 -42.29 -14.91 -0.28
CA ILE G 34 -42.44 -13.64 0.40
C ILE G 34 -43.60 -13.65 1.39
N LEU G 35 -44.72 -14.23 1.00
CA LEU G 35 -45.91 -14.23 1.84
C LEU G 35 -46.10 -15.48 2.70
N GLU G 36 -45.51 -16.60 2.30
CA GLU G 36 -45.70 -17.88 2.98
C GLU G 36 -44.40 -18.55 3.38
N ARG G 37 -44.45 -19.41 4.38
CA ARG G 37 -43.27 -20.18 4.78
C ARG G 37 -43.68 -21.65 4.84
N ASN G 38 -42.72 -22.60 4.64
CA ASN G 38 -42.94 -24.06 4.70
C ASN G 38 -44.06 -24.52 3.71
N VAL G 39 -44.00 -24.07 2.43
CA VAL G 39 -44.97 -24.38 1.39
C VAL G 39 -44.55 -25.62 0.65
N THR G 40 -45.40 -26.63 0.61
CA THR G 40 -45.01 -27.87 -0.05
C THR G 40 -45.23 -27.72 -1.54
N VAL G 41 -44.25 -28.14 -2.34
CA VAL G 41 -44.36 -28.09 -3.79
C VAL G 41 -44.14 -29.46 -4.40
N THR G 42 -44.68 -29.65 -5.61
CA THR G 42 -44.56 -30.95 -6.26
C THR G 42 -43.15 -31.21 -6.75
N HIS G 43 -42.46 -30.13 -7.13
CA HIS G 43 -41.11 -30.22 -7.66
C HIS G 43 -40.34 -28.96 -7.27
N ALA G 44 -39.04 -29.10 -7.06
CA ALA G 44 -38.21 -27.95 -6.76
C ALA G 44 -36.79 -28.16 -7.21
N LYS G 45 -36.07 -27.07 -7.40
CA LYS G 45 -34.68 -27.12 -7.77
C LYS G 45 -33.82 -26.34 -6.81
N ASP G 46 -32.82 -27.01 -6.30
CA ASP G 46 -31.89 -26.41 -5.39
C ASP G 46 -30.81 -25.72 -6.19
N ILE G 47 -30.68 -24.41 -6.06
CA ILE G 47 -29.71 -23.68 -6.88
C ILE G 47 -28.49 -23.27 -6.10
N LEU G 48 -28.37 -23.83 -4.89
CA LEU G 48 -27.22 -23.60 -4.04
C LEU G 48 -26.40 -24.86 -4.00
N GLU G 49 -25.18 -24.82 -4.47
CA GLU G 49 -24.38 -26.01 -4.45
C GLU G 49 -23.76 -26.20 -3.08
N LYS G 50 -24.08 -27.33 -2.46
CA LYS G 50 -23.60 -27.59 -1.12
C LYS G 50 -22.53 -28.67 -1.01
N THR G 51 -22.30 -29.48 -2.05
CA THR G 51 -21.37 -30.59 -1.86
C THR G 51 -20.19 -30.62 -2.81
N HIS G 52 -19.00 -30.73 -2.23
CA HIS G 52 -17.78 -30.82 -2.99
C HIS G 52 -17.27 -32.27 -3.05
N ASN G 53 -16.18 -32.49 -3.80
CA ASN G 53 -15.60 -33.81 -4.00
C ASN G 53 -14.81 -34.35 -2.83
N GLY G 54 -14.22 -33.48 -2.04
CA GLY G 54 -13.35 -33.88 -0.95
C GLY G 54 -11.93 -34.09 -1.44
N LYS G 55 -11.73 -33.90 -2.74
CA LYS G 55 -10.45 -34.10 -3.37
C LYS G 55 -9.88 -32.82 -3.87
N LEU G 56 -8.58 -32.76 -3.87
CA LEU G 56 -7.88 -31.65 -4.49
C LEU G 56 -7.57 -32.14 -5.89
N CYS G 57 -8.06 -31.41 -6.92
CA CYS G 57 -8.00 -31.78 -8.34
C CYS G 57 -7.14 -30.83 -9.16
N LYS G 58 -6.91 -31.22 -10.41
CA LYS G 58 -6.21 -30.37 -11.35
C LYS G 58 -7.22 -29.33 -11.77
N LEU G 59 -6.78 -28.12 -12.02
CA LEU G 59 -7.72 -27.08 -12.40
C LEU G 59 -7.60 -26.81 -13.89
N ASN G 60 -8.69 -27.07 -14.61
CA ASN G 60 -8.72 -26.95 -16.07
C ASN G 60 -7.64 -27.78 -16.74
N GLY G 61 -7.37 -28.96 -16.19
CA GLY G 61 -6.40 -29.90 -16.73
C GLY G 61 -4.95 -29.68 -16.28
N ILE G 62 -4.68 -28.62 -15.54
CA ILE G 62 -3.34 -28.31 -15.10
C ILE G 62 -3.26 -28.48 -13.59
N PRO G 63 -2.33 -29.26 -13.05
CA PRO G 63 -2.22 -29.55 -11.64
C PRO G 63 -1.74 -28.32 -10.91
N PRO G 64 -1.87 -28.27 -9.60
CA PRO G 64 -1.27 -27.33 -8.73
C PRO G 64 0.19 -27.60 -8.52
N LEU G 65 0.89 -26.61 -8.06
CA LEU G 65 2.23 -26.85 -7.60
C LEU G 65 2.05 -27.44 -6.22
N GLU G 66 2.67 -28.55 -5.92
CA GLU G 66 2.48 -29.12 -4.59
C GLU G 66 3.70 -28.92 -3.73
N LEU G 67 3.65 -27.96 -2.82
CA LEU G 67 4.82 -27.66 -2.00
C LEU G 67 4.88 -28.54 -0.77
N GLY G 68 3.76 -29.14 -0.40
CA GLY G 68 3.78 -29.94 0.81
C GLY G 68 4.11 -29.08 2.02
N ASP G 69 5.18 -29.47 2.72
CA ASP G 69 5.64 -28.79 3.93
C ASP G 69 6.51 -27.54 3.76
N CYS G 70 6.86 -27.18 2.51
CA CYS G 70 7.73 -26.05 2.14
C CYS G 70 6.93 -24.77 1.90
N SER G 71 7.61 -23.66 2.09
CA SER G 71 7.07 -22.36 1.77
C SER G 71 7.58 -21.99 0.39
N ILE G 72 7.07 -20.90 -0.18
CA ILE G 72 7.59 -20.45 -1.47
C ILE G 72 9.06 -20.10 -1.39
N ALA G 73 9.47 -19.39 -0.34
CA ALA G 73 10.87 -19.04 -0.25
C ALA G 73 11.70 -20.30 -0.12
N GLY G 74 11.22 -21.29 0.61
CA GLY G 74 11.97 -22.52 0.77
C GLY G 74 12.22 -23.15 -0.59
N TRP G 75 11.16 -23.28 -1.38
CA TRP G 75 11.25 -23.87 -2.69
C TRP G 75 12.18 -23.16 -3.64
N LEU G 76 12.08 -21.83 -3.72
CA LEU G 76 12.89 -21.06 -4.66
C LEU G 76 14.32 -20.87 -4.23
N LEU G 77 14.56 -20.78 -2.94
CA LEU G 77 15.92 -20.59 -2.49
C LEU G 77 16.60 -21.93 -2.51
N GLY G 78 15.85 -23.00 -2.32
CA GLY G 78 16.45 -24.31 -2.31
C GLY G 78 16.74 -24.81 -0.91
N ASN G 79 15.79 -24.65 -0.01
CA ASN G 79 15.96 -25.17 1.33
C ASN G 79 16.41 -26.61 1.14
N PRO G 80 17.44 -27.09 1.82
CA PRO G 80 17.96 -28.43 1.69
C PRO G 80 16.91 -29.50 1.85
N GLU G 81 15.82 -29.19 2.54
CA GLU G 81 14.72 -30.13 2.79
C GLU G 81 13.58 -30.14 1.75
N CYS G 82 13.67 -29.30 0.68
CA CYS G 82 12.68 -29.09 -0.38
C CYS G 82 13.20 -29.62 -1.72
N ASP G 83 14.06 -30.63 -1.71
CA ASP G 83 14.63 -31.10 -2.97
C ASP G 83 13.75 -32.12 -3.69
N ARG G 84 12.55 -32.34 -3.18
CA ARG G 84 11.58 -33.20 -3.82
C ARG G 84 10.58 -32.35 -4.59
N LEU G 85 10.76 -31.04 -4.55
CA LEU G 85 9.85 -30.12 -5.23
C LEU G 85 10.41 -29.64 -6.55
N LEU G 86 11.51 -30.25 -6.95
CA LEU G 86 12.24 -29.85 -8.14
C LEU G 86 11.62 -30.40 -9.41
N SER G 87 10.52 -31.13 -9.23
CA SER G 87 9.75 -31.67 -10.32
C SER G 87 9.07 -30.55 -11.10
N VAL G 88 8.80 -29.42 -10.44
CA VAL G 88 8.22 -28.25 -11.09
C VAL G 88 7.26 -28.57 -12.27
N PRO G 89 6.13 -29.24 -12.04
CA PRO G 89 5.15 -29.56 -13.06
C PRO G 89 4.48 -28.28 -13.41
N GLU G 90 3.91 -28.14 -14.59
CA GLU G 90 3.17 -26.91 -14.90
C GLU G 90 2.02 -26.76 -13.93
N TRP G 91 1.80 -25.56 -13.39
CA TRP G 91 0.76 -25.40 -12.42
C TRP G 91 -0.23 -24.28 -12.65
N SER G 92 -1.45 -24.46 -12.17
CA SER G 92 -2.46 -23.41 -12.32
C SER G 92 -2.85 -22.73 -11.04
N TYR G 93 -2.36 -23.23 -9.92
CA TYR G 93 -2.58 -22.68 -8.60
C TYR G 93 -1.48 -23.23 -7.75
N ILE G 94 -1.23 -22.64 -6.60
CA ILE G 94 -0.22 -23.22 -5.72
C ILE G 94 -0.84 -23.80 -4.50
N MET G 95 -0.48 -25.03 -4.19
CA MET G 95 -0.98 -25.70 -3.01
C MET G 95 0.11 -25.70 -1.94
N GLU G 96 -0.21 -25.12 -0.80
CA GLU G 96 0.76 -24.96 0.28
C GLU G 96 0.16 -25.31 1.62
N LYS G 97 0.90 -26.01 2.47
CA LYS G 97 0.41 -26.28 3.80
C LYS G 97 0.37 -24.99 4.58
N GLU G 98 -0.69 -24.76 5.36
CA GLU G 98 -0.73 -23.55 6.17
C GLU G 98 0.35 -23.63 7.21
N ASN G 99 1.05 -22.53 7.45
CA ASN G 99 2.13 -22.51 8.43
C ASN G 99 3.16 -23.58 8.12
N PRO G 100 3.80 -23.55 6.94
CA PRO G 100 4.73 -24.52 6.45
C PRO G 100 5.97 -24.47 7.32
N ARG G 101 6.67 -25.57 7.37
CA ARG G 101 7.89 -25.69 8.16
C ARG G 101 9.15 -25.38 7.39
N ASP G 102 9.25 -25.89 6.19
CA ASP G 102 10.49 -25.80 5.44
C ASP G 102 10.58 -24.49 4.66
N GLY G 103 10.86 -23.45 5.41
CA GLY G 103 10.92 -22.09 4.91
C GLY G 103 12.36 -21.65 4.79
N LEU G 104 12.76 -20.71 5.62
CA LEU G 104 14.14 -20.28 5.56
C LEU G 104 14.87 -21.01 6.67
N CYS G 105 15.80 -21.93 6.33
CA CYS G 105 16.57 -22.73 7.27
C CYS G 105 17.55 -21.86 8.03
N TYR G 106 17.96 -20.79 7.41
CA TYR G 106 18.82 -19.83 8.02
C TYR G 106 17.82 -18.72 8.31
N PRO G 107 17.70 -18.21 9.53
CA PRO G 107 16.69 -17.23 9.87
C PRO G 107 16.86 -16.02 9.03
N GLY G 108 15.76 -15.39 8.67
CA GLY G 108 15.86 -14.24 7.82
C GLY G 108 14.50 -13.71 7.45
N SER G 109 14.48 -12.89 6.43
CA SER G 109 13.28 -12.25 5.93
C SER G 109 13.36 -12.17 4.43
N PHE G 110 12.22 -11.95 3.80
CA PHE G 110 12.21 -11.86 2.36
C PHE G 110 11.40 -10.62 2.02
N ASN G 111 11.98 -9.70 1.28
CA ASN G 111 11.34 -8.44 0.93
C ASN G 111 10.33 -8.64 -0.15
N ASP G 112 9.22 -7.93 -0.07
CA ASP G 112 8.22 -8.02 -1.10
C ASP G 112 7.87 -9.47 -1.33
N TYR G 113 7.74 -10.20 -0.25
CA TYR G 113 7.45 -11.61 -0.30
C TYR G 113 6.06 -11.85 -0.76
N GLU G 114 5.12 -11.07 -0.27
CA GLU G 114 3.74 -11.23 -0.66
C GLU G 114 3.56 -10.94 -2.13
N GLU G 115 4.31 -9.97 -2.63
CA GLU G 115 4.22 -9.61 -4.03
C GLU G 115 4.76 -10.76 -4.86
N LEU G 116 5.83 -11.41 -4.40
CA LEU G 116 6.34 -12.56 -5.13
C LEU G 116 5.37 -13.71 -5.06
N LYS G 117 4.77 -13.96 -3.89
CA LYS G 117 3.82 -15.05 -3.79
C LYS G 117 2.69 -14.87 -4.78
N HIS G 118 2.24 -13.62 -4.96
CA HIS G 118 1.21 -13.30 -5.92
C HIS G 118 1.72 -13.55 -7.33
N LEU G 119 2.92 -13.07 -7.65
CA LEU G 119 3.47 -13.25 -8.99
C LEU G 119 3.50 -14.69 -9.41
N LEU G 120 3.95 -15.55 -8.53
CA LEU G 120 4.16 -16.94 -8.85
C LEU G 120 2.91 -17.73 -9.06
N SER G 121 1.76 -17.24 -8.67
CA SER G 121 0.59 -18.05 -8.86
C SER G 121 0.25 -18.11 -10.35
N SER G 122 0.72 -17.12 -11.13
CA SER G 122 0.46 -16.99 -12.56
C SER G 122 1.45 -17.77 -13.38
N VAL G 123 2.50 -18.20 -12.74
CA VAL G 123 3.56 -18.76 -13.52
C VAL G 123 3.29 -20.15 -13.73
N LYS G 124 2.59 -20.44 -14.79
CA LYS G 124 2.25 -21.82 -14.91
C LYS G 124 3.54 -22.65 -15.00
N HIS G 125 4.65 -22.13 -15.55
CA HIS G 125 5.83 -22.98 -15.51
C HIS G 125 7.15 -22.21 -15.57
N PHE G 126 8.08 -22.73 -14.79
CA PHE G 126 9.45 -22.27 -14.71
C PHE G 126 10.45 -23.18 -15.30
N GLU G 127 11.44 -22.57 -15.89
CA GLU G 127 12.61 -23.32 -16.24
C GLU G 127 13.72 -22.80 -15.36
N LYS G 128 14.36 -23.67 -14.60
CA LYS G 128 15.42 -23.17 -13.74
C LYS G 128 16.68 -23.08 -14.59
N VAL G 129 17.29 -21.92 -14.61
CA VAL G 129 18.44 -21.65 -15.46
C VAL G 129 19.70 -21.28 -14.72
N LYS G 130 20.80 -21.94 -15.05
CA LYS G 130 22.03 -21.65 -14.34
C LYS G 130 22.73 -20.41 -14.87
N ILE G 131 22.33 -19.28 -14.31
CA ILE G 131 22.81 -17.98 -14.70
C ILE G 131 24.27 -17.69 -14.35
N LEU G 132 24.65 -17.97 -13.11
CA LEU G 132 25.99 -17.63 -12.64
C LEU G 132 26.65 -18.83 -12.02
N PRO G 133 27.24 -19.74 -12.79
CA PRO G 133 27.76 -20.99 -12.29
C PRO G 133 28.62 -20.66 -11.12
N LYS G 134 28.50 -21.43 -10.06
CA LYS G 134 29.23 -21.10 -8.84
C LYS G 134 30.73 -21.19 -8.97
N ASP G 135 31.23 -21.82 -10.01
CA ASP G 135 32.66 -21.94 -10.20
C ASP G 135 33.27 -20.74 -10.92
N ARG G 136 32.46 -19.71 -11.20
CA ARG G 136 32.99 -18.52 -11.84
C ARG G 136 33.68 -17.62 -10.82
N TRP G 137 33.31 -17.73 -9.55
CA TRP G 137 33.91 -16.86 -8.55
C TRP G 137 35.16 -17.50 -8.02
N THR G 138 36.20 -17.42 -8.83
CA THR G 138 37.45 -18.11 -8.58
C THR G 138 38.27 -17.50 -7.46
N GLN G 139 37.91 -16.28 -7.08
CA GLN G 139 38.60 -15.57 -6.02
C GLN G 139 37.82 -15.54 -4.71
N HIS G 140 36.74 -16.31 -4.61
CA HIS G 140 35.93 -16.30 -3.40
C HIS G 140 35.65 -17.71 -2.95
N THR G 141 35.34 -17.87 -1.69
CA THR G 141 34.95 -19.19 -1.26
C THR G 141 33.48 -19.32 -1.56
N THR G 142 33.12 -20.39 -2.26
CA THR G 142 31.75 -20.68 -2.68
C THR G 142 31.19 -21.94 -2.05
N THR G 143 31.91 -22.42 -1.05
CA THR G 143 31.65 -23.68 -0.37
C THR G 143 31.18 -23.55 1.07
N GLY G 144 30.66 -22.40 1.46
CA GLY G 144 30.23 -22.21 2.82
C GLY G 144 28.85 -22.80 3.02
N GLY G 145 28.31 -22.60 4.21
CA GLY G 145 27.01 -23.15 4.57
C GLY G 145 26.77 -22.85 6.02
N SER G 146 25.81 -23.52 6.62
CA SER G 146 25.47 -23.30 8.01
C SER G 146 24.93 -24.56 8.65
N ARG G 147 25.17 -24.73 9.95
CA ARG G 147 24.63 -25.92 10.61
C ARG G 147 23.12 -25.81 10.69
N ALA G 148 22.61 -24.60 10.57
CA ALA G 148 21.17 -24.36 10.60
C ALA G 148 20.41 -25.09 9.47
N CYS G 149 21.08 -25.30 8.31
CA CYS G 149 20.58 -25.89 7.07
C CYS G 149 21.19 -27.29 6.91
N ALA G 150 21.81 -27.82 7.95
CA ALA G 150 22.55 -29.07 7.86
C ALA G 150 21.74 -30.25 7.43
N VAL G 151 22.41 -31.10 6.66
CA VAL G 151 21.84 -32.34 6.17
C VAL G 151 22.71 -33.48 6.68
N SER G 152 22.07 -34.41 7.37
CA SER G 152 22.75 -35.56 7.95
C SER G 152 23.90 -35.14 8.86
N GLY G 153 23.69 -34.05 9.58
CA GLY G 153 24.65 -33.53 10.54
C GLY G 153 25.73 -32.63 9.95
N ASN G 154 25.81 -32.50 8.64
CA ASN G 154 26.86 -31.69 8.07
C ASN G 154 26.31 -30.33 7.61
N PRO G 155 27.02 -29.21 7.77
CA PRO G 155 26.58 -27.90 7.36
C PRO G 155 26.25 -27.88 5.89
N SER G 156 25.22 -27.13 5.53
CA SER G 156 24.82 -27.04 4.15
C SER G 156 24.17 -25.70 3.88
N PHE G 157 23.54 -25.54 2.74
CA PHE G 157 22.96 -24.23 2.45
C PHE G 157 21.88 -24.35 1.44
N PHE G 158 21.27 -23.23 1.12
CA PHE G 158 20.25 -23.22 0.14
C PHE G 158 20.90 -23.66 -1.15
N ARG G 159 20.25 -24.58 -1.84
CA ARG G 159 20.77 -25.19 -3.04
C ARG G 159 20.88 -24.31 -4.26
N ASN G 160 20.09 -23.25 -4.36
CA ASN G 160 20.16 -22.43 -5.56
C ASN G 160 21.01 -21.17 -5.41
N MET G 161 21.76 -21.05 -4.30
CA MET G 161 22.55 -19.84 -4.04
C MET G 161 23.95 -20.07 -3.53
N VAL G 162 24.78 -19.08 -3.72
CA VAL G 162 26.15 -19.12 -3.30
C VAL G 162 26.47 -18.13 -2.20
N TRP G 163 26.93 -18.62 -1.07
CA TRP G 163 27.29 -17.73 0.01
C TRP G 163 28.72 -17.35 -0.21
N LEU G 164 28.97 -16.13 -0.63
CA LEU G 164 30.34 -15.78 -0.97
C LEU G 164 31.07 -15.24 0.22
N THR G 165 32.18 -15.86 0.55
CA THR G 165 32.99 -15.40 1.67
C THR G 165 34.39 -15.19 1.20
N LYS G 166 35.22 -14.74 2.15
CA LYS G 166 36.62 -14.39 1.84
C LYS G 166 37.50 -15.62 1.55
N LYS G 167 38.44 -15.47 0.64
CA LYS G 167 39.42 -16.49 0.28
C LYS G 167 40.77 -15.90 0.59
N GLY G 168 41.69 -16.70 1.10
CA GLY G 168 42.98 -16.15 1.41
C GLY G 168 42.85 -15.08 2.48
N SER G 169 43.36 -13.90 2.19
CA SER G 169 43.30 -12.80 3.14
C SER G 169 42.35 -11.71 2.70
N ASN G 170 41.52 -11.96 1.69
CA ASN G 170 40.67 -10.85 1.27
C ASN G 170 39.35 -11.22 0.62
N TYR G 171 38.58 -10.20 0.27
CA TYR G 171 37.31 -10.32 -0.40
C TYR G 171 37.34 -9.34 -1.58
N PRO G 172 37.87 -9.71 -2.73
CA PRO G 172 37.98 -8.87 -3.87
C PRO G 172 36.58 -8.47 -4.22
N VAL G 173 36.39 -7.32 -4.82
CA VAL G 173 35.02 -6.95 -5.10
C VAL G 173 34.45 -8.03 -5.98
N ALA G 174 33.32 -8.55 -5.58
CA ALA G 174 32.69 -9.60 -6.30
C ALA G 174 31.83 -8.99 -7.35
N LYS G 175 32.00 -9.41 -8.59
CA LYS G 175 31.21 -8.88 -9.66
C LYS G 175 30.69 -9.96 -10.54
N GLY G 176 29.58 -9.69 -11.19
CA GLY G 176 29.07 -10.60 -12.20
C GLY G 176 27.83 -10.05 -12.84
N SER G 177 27.49 -10.59 -13.98
CA SER G 177 26.32 -10.10 -14.67
C SER G 177 25.74 -11.12 -15.59
N TYR G 178 24.52 -10.86 -15.99
CA TYR G 178 23.83 -11.70 -16.94
C TYR G 178 22.96 -10.88 -17.88
N ASN G 179 23.04 -11.15 -19.22
CA ASN G 179 22.36 -10.38 -20.27
C ASN G 179 20.96 -10.92 -20.71
N ASN G 180 20.40 -11.91 -20.00
CA ASN G 180 19.06 -12.48 -20.25
C ASN G 180 18.71 -12.78 -21.69
N THR G 181 19.48 -13.66 -22.28
CA THR G 181 19.35 -14.05 -23.67
C THR G 181 18.59 -15.36 -23.77
N SER G 182 17.97 -15.74 -22.66
CA SER G 182 17.20 -16.97 -22.46
C SER G 182 15.93 -16.99 -23.28
N GLY G 183 15.51 -15.82 -23.73
CA GLY G 183 14.32 -15.69 -24.55
C GLY G 183 13.08 -15.26 -23.78
N GLU G 184 13.16 -15.18 -22.46
CA GLU G 184 12.02 -14.76 -21.66
C GLU G 184 12.47 -14.15 -20.32
N GLN G 185 11.60 -13.35 -19.73
CA GLN G 185 11.81 -12.65 -18.46
C GLN G 185 12.17 -13.60 -17.33
N MET G 186 13.16 -13.20 -16.53
CA MET G 186 13.60 -14.04 -15.44
C MET G 186 13.50 -13.46 -14.05
N LEU G 187 13.17 -14.33 -13.14
CA LEU G 187 13.13 -14.03 -11.73
C LEU G 187 14.45 -14.31 -11.06
N ILE G 188 15.03 -13.26 -10.52
CA ILE G 188 16.32 -13.37 -9.89
C ILE G 188 16.21 -12.98 -8.44
N ILE G 189 16.71 -13.87 -7.58
CA ILE G 189 16.67 -13.70 -6.13
C ILE G 189 18.06 -13.67 -5.55
N TRP G 190 18.33 -12.73 -4.69
CA TRP G 190 19.65 -12.62 -4.08
C TRP G 190 19.50 -12.09 -2.70
N GLY G 191 20.56 -12.09 -1.90
CA GLY G 191 20.36 -11.50 -0.58
C GLY G 191 21.60 -11.00 0.11
N VAL G 192 21.37 -10.44 1.28
CA VAL G 192 22.40 -9.85 2.11
C VAL G 192 22.45 -10.49 3.48
N HIS G 193 23.65 -10.82 3.90
CA HIS G 193 23.83 -11.41 5.20
C HIS G 193 24.12 -10.37 6.26
N HIS G 194 23.35 -10.38 7.34
CA HIS G 194 23.49 -9.49 8.48
C HIS G 194 24.05 -10.22 9.72
N PRO G 195 25.34 -10.09 10.05
CA PRO G 195 26.05 -10.70 11.16
C PRO G 195 25.56 -10.13 12.47
N ASN G 196 25.80 -10.82 13.58
CA ASN G 196 25.40 -10.18 14.84
C ASN G 196 26.62 -9.72 15.62
N ASP G 197 27.73 -9.60 14.93
CA ASP G 197 28.98 -9.22 15.55
C ASP G 197 29.97 -8.63 14.55
N GLU G 198 30.94 -7.91 15.06
CA GLU G 198 32.00 -7.40 14.22
C GLU G 198 32.93 -8.53 13.92
N THR G 199 33.11 -9.40 14.90
CA THR G 199 34.00 -10.53 14.71
C THR G 199 33.49 -11.36 13.57
N GLU G 200 32.19 -11.61 13.53
CA GLU G 200 31.61 -12.39 12.46
C GLU G 200 31.81 -11.72 11.13
N GLN G 201 31.62 -10.40 11.06
CA GLN G 201 31.81 -9.70 9.80
C GLN G 201 33.23 -9.81 9.31
N ARG G 202 34.19 -9.66 10.19
CA ARG G 202 35.55 -9.75 9.73
C ARG G 202 35.94 -11.17 9.37
N THR G 203 35.51 -12.13 10.15
CA THR G 203 35.89 -13.50 9.92
C THR G 203 35.37 -13.98 8.57
N LEU G 204 34.16 -13.61 8.21
CA LEU G 204 33.67 -14.09 6.94
C LEU G 204 33.96 -13.19 5.75
N TYR G 205 34.03 -11.85 5.92
CA TYR G 205 34.18 -11.02 4.74
C TYR G 205 35.40 -10.10 4.66
N GLN G 206 36.26 -10.06 5.67
CA GLN G 206 37.44 -9.19 5.76
C GLN G 206 37.15 -7.71 5.95
N ASN G 207 36.36 -7.16 5.05
CA ASN G 207 35.96 -5.76 5.06
C ASN G 207 34.81 -5.57 6.01
N VAL G 208 34.73 -4.41 6.66
CA VAL G 208 33.59 -4.14 7.53
C VAL G 208 32.59 -3.15 6.93
N GLY G 209 33.04 -2.06 6.35
CA GLY G 209 32.12 -1.07 5.78
C GLY G 209 31.66 -1.49 4.39
N THR G 210 30.99 -2.62 4.32
CA THR G 210 30.60 -3.24 3.07
C THR G 210 29.24 -2.82 2.57
N TYR G 211 29.00 -3.15 1.32
CA TYR G 211 27.72 -2.93 0.67
C TYR G 211 27.49 -3.96 -0.41
N VAL G 212 26.23 -4.09 -0.77
CA VAL G 212 25.80 -4.90 -1.89
C VAL G 212 24.96 -4.05 -2.85
N SER G 213 25.35 -4.05 -4.11
CA SER G 213 24.68 -3.23 -5.12
C SER G 213 24.24 -4.03 -6.31
N VAL G 214 22.97 -3.90 -6.63
CA VAL G 214 22.40 -4.63 -7.75
C VAL G 214 21.57 -3.74 -8.66
N GLY G 215 21.71 -3.89 -9.96
CA GLY G 215 20.82 -3.11 -10.81
C GLY G 215 20.68 -3.60 -12.24
N THR G 216 19.65 -3.07 -12.89
CA THR G 216 19.20 -3.40 -14.24
C THR G 216 18.83 -2.09 -14.92
N SER G 217 18.15 -2.15 -16.06
CA SER G 217 17.74 -0.91 -16.70
C SER G 217 16.64 -0.21 -15.88
N THR G 218 15.95 -0.95 -15.00
CA THR G 218 14.89 -0.37 -14.18
C THR G 218 15.16 -0.44 -12.66
N LEU G 219 16.03 -1.33 -12.24
CA LEU G 219 16.33 -1.55 -10.83
C LEU G 219 17.59 -0.83 -10.41
N ASN G 220 17.52 -0.15 -9.29
CA ASN G 220 18.67 0.51 -8.73
C ASN G 220 18.63 0.30 -7.23
N LYS G 221 19.28 -0.76 -6.75
CA LYS G 221 19.19 -1.10 -5.35
C LYS G 221 20.53 -1.24 -4.65
N ARG G 222 20.68 -0.57 -3.54
CA ARG G 222 21.91 -0.70 -2.77
C ARG G 222 21.59 -0.80 -1.31
N SER G 223 22.26 -1.70 -0.63
CA SER G 223 22.07 -1.86 0.80
C SER G 223 23.34 -2.25 1.50
N THR G 224 23.36 -2.05 2.80
CA THR G 224 24.51 -2.39 3.61
C THR G 224 24.05 -3.33 4.69
N PRO G 225 24.91 -4.17 5.26
CA PRO G 225 24.58 -5.04 6.34
C PRO G 225 24.37 -4.29 7.63
N ASP G 226 23.48 -4.81 8.44
CA ASP G 226 23.18 -4.33 9.77
C ASP G 226 23.81 -5.23 10.80
N ILE G 227 24.89 -4.79 11.43
CA ILE G 227 25.55 -5.66 12.39
C ILE G 227 25.07 -5.29 13.77
N ALA G 228 24.35 -6.20 14.39
CA ALA G 228 23.77 -5.91 15.70
C ALA G 228 23.36 -7.15 16.46
N THR G 229 23.26 -7.04 17.77
CA THR G 229 22.77 -8.16 18.56
C THR G 229 21.30 -8.41 18.36
N ARG G 230 20.97 -9.66 18.07
CA ARG G 230 19.62 -10.10 17.84
C ARG G 230 19.40 -11.40 18.61
N PRO G 231 18.16 -11.77 18.95
CA PRO G 231 17.79 -13.04 19.55
C PRO G 231 18.15 -14.16 18.62
N LYS G 232 18.46 -15.32 19.18
CA LYS G 232 18.81 -16.44 18.34
C LYS G 232 17.59 -17.16 17.86
N VAL G 233 17.54 -17.41 16.56
CA VAL G 233 16.48 -18.15 15.93
C VAL G 233 17.12 -19.33 15.25
N ASN G 234 16.67 -20.53 15.58
CA ASN G 234 17.26 -21.75 15.04
C ASN G 234 18.76 -21.79 15.32
N GLY G 235 19.16 -21.29 16.47
CA GLY G 235 20.55 -21.29 16.89
C GLY G 235 21.38 -20.10 16.42
N GLN G 236 20.83 -19.28 15.51
CA GLN G 236 21.64 -18.19 14.92
C GLN G 236 21.13 -16.79 15.29
N GLY G 237 22.04 -15.87 15.63
CA GLY G 237 21.68 -14.48 15.90
C GLY G 237 21.79 -13.64 14.64
N GLY G 238 22.13 -14.29 13.55
CA GLY G 238 22.33 -13.61 12.28
C GLY G 238 21.04 -13.64 11.49
N ARG G 239 20.95 -12.81 10.47
CA ARG G 239 19.77 -12.84 9.62
C ARG G 239 20.10 -12.71 8.15
N MET G 240 19.41 -13.43 7.29
CA MET G 240 19.57 -13.18 5.85
C MET G 240 18.37 -12.48 5.28
N GLU G 241 18.61 -11.46 4.49
CA GLU G 241 17.57 -10.70 3.85
C GLU G 241 17.55 -10.92 2.35
N PHE G 242 16.43 -11.41 1.83
CA PHE G 242 16.36 -11.68 0.40
C PHE G 242 15.52 -10.69 -0.35
N SER G 243 15.94 -10.40 -1.57
CA SER G 243 15.24 -9.48 -2.46
C SER G 243 15.08 -10.10 -3.82
N TRP G 244 14.16 -9.59 -4.62
CA TRP G 244 14.03 -10.15 -5.94
C TRP G 244 13.65 -9.14 -6.98
N THR G 245 13.99 -9.45 -8.23
CA THR G 245 13.58 -8.63 -9.34
C THR G 245 13.26 -9.44 -10.54
N LEU G 246 12.68 -8.79 -11.55
CA LEU G 246 12.44 -9.44 -12.82
C LEU G 246 13.29 -8.76 -13.85
N LEU G 247 14.12 -9.55 -14.49
CA LEU G 247 15.01 -9.06 -15.51
C LEU G 247 14.32 -9.28 -16.84
N ASP G 248 14.15 -8.22 -17.62
CA ASP G 248 13.44 -8.37 -18.87
C ASP G 248 14.30 -8.94 -19.94
N MET G 249 13.75 -9.15 -21.10
CA MET G 249 14.54 -9.76 -22.13
C MET G 249 15.58 -8.83 -22.62
N TRP G 250 16.76 -9.36 -22.84
CA TRP G 250 17.92 -8.69 -23.36
C TRP G 250 18.45 -7.63 -22.42
N ASP G 251 17.93 -7.57 -21.20
CA ASP G 251 18.43 -6.64 -20.23
C ASP G 251 19.55 -7.29 -19.45
N THR G 252 20.41 -6.48 -18.86
CA THR G 252 21.51 -6.99 -18.06
C THR G 252 21.43 -6.68 -16.60
N ILE G 253 21.61 -7.69 -15.77
CA ILE G 253 21.65 -7.47 -14.34
C ILE G 253 23.08 -7.47 -13.89
N ASN G 254 23.44 -6.48 -13.12
CA ASN G 254 24.79 -6.35 -12.63
C ASN G 254 24.88 -6.39 -11.13
N PHE G 255 25.68 -7.32 -10.64
CA PHE G 255 25.91 -7.48 -9.23
C PHE G 255 27.28 -6.96 -8.87
N GLU G 256 27.36 -6.26 -7.76
CA GLU G 256 28.64 -5.81 -7.22
C GLU G 256 28.63 -5.88 -5.70
N SER G 257 29.67 -6.45 -5.11
CA SER G 257 29.71 -6.50 -3.67
C SER G 257 31.08 -6.46 -3.03
N THR G 258 31.15 -5.81 -1.88
CA THR G 258 32.38 -5.75 -1.11
C THR G 258 32.29 -6.63 0.11
N GLY G 259 31.20 -7.38 0.18
CA GLY G 259 30.94 -8.30 1.26
C GLY G 259 29.47 -8.51 1.49
N ASN G 260 29.17 -9.56 2.23
CA ASN G 260 27.83 -9.92 2.65
C ASN G 260 26.87 -10.27 1.52
N LEU G 261 27.37 -10.75 0.39
CA LEU G 261 26.51 -11.12 -0.73
C LEU G 261 26.27 -12.60 -0.88
N ILE G 262 25.01 -12.93 -1.03
CA ILE G 262 24.55 -14.25 -1.35
C ILE G 262 24.11 -14.14 -2.78
N ALA G 263 24.85 -14.74 -3.68
CA ALA G 263 24.61 -14.56 -5.09
C ALA G 263 23.77 -15.69 -5.59
N PRO G 264 22.89 -15.51 -6.54
CA PRO G 264 22.16 -16.59 -7.10
C PRO G 264 23.05 -17.42 -7.95
N GLU G 265 22.77 -18.71 -8.03
CA GLU G 265 23.43 -19.51 -9.04
C GLU G 265 22.42 -19.68 -10.14
N TYR G 266 21.16 -19.81 -9.74
CA TYR G 266 20.10 -20.03 -10.70
C TYR G 266 19.03 -18.95 -10.66
N GLY G 267 18.41 -18.70 -11.80
CA GLY G 267 17.25 -17.83 -11.82
C GLY G 267 16.12 -18.60 -12.41
N PHE G 268 14.94 -18.00 -12.50
CA PHE G 268 13.84 -18.76 -13.03
C PHE G 268 13.15 -18.09 -14.19
N LYS G 269 13.07 -18.80 -15.28
CA LYS G 269 12.44 -18.23 -16.45
C LYS G 269 10.95 -18.41 -16.37
N ILE G 270 10.20 -17.31 -16.46
CA ILE G 270 8.75 -17.31 -16.39
C ILE G 270 8.11 -17.19 -17.73
N SER G 271 7.47 -18.25 -18.20
CA SER G 271 6.97 -18.22 -19.57
C SER G 271 5.46 -18.28 -19.80
N LYS G 272 4.64 -18.26 -18.76
CA LYS G 272 3.21 -18.46 -18.98
C LYS G 272 2.29 -17.24 -18.75
N ARG G 273 2.59 -16.40 -17.77
CA ARG G 273 1.85 -15.16 -17.55
C ARG G 273 0.32 -15.16 -17.40
N GLY G 274 -0.25 -16.03 -16.57
CA GLY G 274 -1.71 -16.05 -16.35
C GLY G 274 -2.07 -15.33 -15.03
N SER G 275 -3.04 -15.86 -14.29
CA SER G 275 -3.43 -15.29 -12.99
C SER G 275 -4.02 -16.38 -12.10
N SER G 276 -3.65 -16.39 -10.82
CA SER G 276 -4.18 -17.36 -9.85
C SER G 276 -3.90 -16.97 -8.42
N GLY G 277 -4.11 -17.90 -7.50
CA GLY G 277 -3.82 -17.66 -6.09
C GLY G 277 -3.14 -18.85 -5.43
N ILE G 278 -3.07 -18.79 -4.11
CA ILE G 278 -2.45 -19.84 -3.31
C ILE G 278 -3.51 -20.41 -2.40
N MET G 279 -3.64 -21.71 -2.42
CA MET G 279 -4.61 -22.37 -1.58
C MET G 279 -3.92 -23.00 -0.42
N LYS G 280 -4.43 -22.75 0.77
CA LYS G 280 -3.83 -23.35 1.93
C LYS G 280 -4.61 -24.55 2.42
N THR G 281 -3.95 -25.69 2.34
CA THR G 281 -4.55 -26.97 2.69
C THR G 281 -3.52 -28.00 3.03
N GLU G 282 -3.90 -28.95 3.87
CA GLU G 282 -3.01 -30.02 4.28
C GLU G 282 -3.10 -31.29 3.43
N GLY G 283 -3.95 -31.28 2.41
CA GLY G 283 -4.14 -32.46 1.59
C GLY G 283 -3.15 -32.56 0.42
N THR G 284 -3.39 -33.51 -0.48
CA THR G 284 -2.54 -33.75 -1.63
C THR G 284 -3.37 -33.84 -2.90
N LEU G 285 -2.72 -33.72 -4.05
CA LEU G 285 -3.40 -33.82 -5.33
C LEU G 285 -3.79 -35.23 -5.71
N GLU G 286 -5.03 -35.38 -6.15
CA GLU G 286 -5.59 -36.60 -6.63
C GLU G 286 -5.69 -36.57 -8.15
N ASN G 287 -5.78 -37.72 -8.78
CA ASN G 287 -5.91 -37.71 -10.24
C ASN G 287 -7.37 -37.51 -10.69
N CYS G 288 -7.82 -36.25 -10.66
CA CYS G 288 -9.17 -35.77 -10.97
C CYS G 288 -9.08 -34.37 -11.55
N GLU G 289 -10.17 -33.89 -12.14
CA GLU G 289 -10.18 -32.54 -12.70
C GLU G 289 -11.40 -31.75 -12.30
N THR G 290 -11.20 -30.45 -12.18
CA THR G 290 -12.27 -29.54 -11.90
C THR G 290 -12.23 -28.26 -12.69
N LYS G 291 -13.25 -27.46 -12.46
CA LYS G 291 -13.44 -26.10 -12.99
C LYS G 291 -13.25 -25.00 -11.90
N CYS G 292 -13.57 -25.37 -10.62
CA CYS G 292 -13.55 -24.58 -9.39
C CYS G 292 -13.01 -25.46 -8.27
N GLN G 293 -12.06 -24.94 -7.50
CA GLN G 293 -11.45 -25.69 -6.43
C GLN G 293 -11.53 -24.97 -5.09
N THR G 294 -11.95 -25.64 -4.00
CA THR G 294 -11.92 -24.96 -2.71
C THR G 294 -10.89 -25.75 -1.87
N PRO G 295 -10.40 -25.26 -0.73
CA PRO G 295 -9.51 -25.97 0.19
C PRO G 295 -10.10 -27.26 0.75
N LEU G 296 -11.42 -27.43 0.68
CA LEU G 296 -12.05 -28.62 1.22
C LEU G 296 -12.22 -29.66 0.16
N GLY G 297 -11.92 -29.31 -1.07
CA GLY G 297 -12.12 -30.16 -2.21
C GLY G 297 -12.79 -29.43 -3.38
N ALA G 298 -12.71 -30.03 -4.54
CA ALA G 298 -13.24 -29.46 -5.78
C ALA G 298 -14.74 -29.40 -5.89
N ILE G 299 -15.22 -28.40 -6.62
CA ILE G 299 -16.64 -28.25 -6.92
C ILE G 299 -16.89 -28.41 -8.42
N ASN G 300 -17.82 -29.30 -8.81
CA ASN G 300 -18.20 -29.54 -10.21
C ASN G 300 -19.72 -29.36 -10.34
N THR G 301 -20.15 -28.09 -10.54
CA THR G 301 -21.58 -27.72 -10.60
C THR G 301 -21.86 -26.70 -11.67
N THR G 302 -23.14 -26.52 -11.93
CA THR G 302 -23.64 -25.54 -12.88
C THR G 302 -24.51 -24.51 -12.19
N LEU G 303 -24.67 -24.62 -10.88
CA LEU G 303 -25.57 -23.74 -10.17
C LEU G 303 -24.89 -22.39 -9.91
N PRO G 304 -25.65 -21.27 -9.85
CA PRO G 304 -25.17 -19.92 -9.63
C PRO G 304 -24.64 -19.59 -8.25
N PHE G 305 -25.02 -20.33 -7.21
CA PHE G 305 -24.53 -19.99 -5.88
C PHE G 305 -24.00 -21.23 -5.20
N HIS G 306 -23.08 -21.07 -4.25
CA HIS G 306 -22.60 -22.21 -3.46
C HIS G 306 -22.31 -21.77 -2.05
N ASN G 307 -22.26 -22.71 -1.13
CA ASN G 307 -21.91 -22.38 0.23
C ASN G 307 -20.80 -23.26 0.77
N VAL G 308 -19.88 -23.70 -0.08
CA VAL G 308 -18.87 -24.64 0.39
C VAL G 308 -17.76 -24.01 1.20
N HIS G 309 -17.17 -22.95 0.68
CA HIS G 309 -16.09 -22.29 1.38
C HIS G 309 -15.93 -20.90 0.79
N PRO G 310 -15.64 -19.85 1.57
CA PRO G 310 -15.41 -18.52 1.06
C PRO G 310 -14.16 -18.31 0.21
N LEU G 311 -13.14 -19.16 0.28
CA LEU G 311 -11.95 -18.92 -0.52
C LEU G 311 -11.83 -19.95 -1.60
N THR G 312 -11.92 -19.52 -2.84
CA THR G 312 -11.86 -20.46 -3.94
C THR G 312 -10.90 -19.99 -5.01
N ILE G 313 -10.43 -20.94 -5.82
CA ILE G 313 -9.64 -20.61 -7.01
C ILE G 313 -10.28 -21.27 -8.21
N GLY G 314 -10.56 -20.51 -9.25
CA GLY G 314 -11.17 -21.09 -10.43
C GLY G 314 -12.34 -20.29 -10.89
N GLU G 315 -13.13 -20.86 -11.79
CA GLU G 315 -14.30 -20.17 -12.29
C GLU G 315 -15.47 -20.72 -11.47
N CYS G 316 -15.86 -19.99 -10.40
CA CYS G 316 -16.76 -20.45 -9.34
C CYS G 316 -18.13 -19.73 -9.28
N PRO G 317 -19.16 -20.38 -8.69
CA PRO G 317 -20.47 -19.83 -8.39
C PRO G 317 -20.27 -18.79 -7.32
N LYS G 318 -21.25 -17.92 -7.09
CA LYS G 318 -21.07 -16.92 -6.06
C LYS G 318 -21.25 -17.57 -4.69
N TYR G 319 -20.45 -17.17 -3.72
CA TYR G 319 -20.56 -17.69 -2.37
C TYR G 319 -21.59 -16.90 -1.62
N VAL G 320 -22.49 -17.60 -0.92
CA VAL G 320 -23.50 -16.93 -0.10
C VAL G 320 -23.57 -17.47 1.30
N LYS G 321 -24.02 -16.63 2.23
CA LYS G 321 -24.21 -17.08 3.59
C LYS G 321 -25.61 -17.63 3.72
N SER G 322 -25.82 -18.77 3.12
CA SER G 322 -27.13 -19.37 3.11
C SER G 322 -27.04 -20.85 3.09
N GLU G 323 -28.02 -21.46 3.70
CA GLU G 323 -28.15 -22.90 3.77
C GLU G 323 -29.06 -23.45 2.71
N LYS G 324 -29.90 -22.61 2.13
CA LYS G 324 -30.90 -23.13 1.23
C LYS G 324 -31.51 -22.12 0.26
N LEU G 325 -31.25 -22.31 -1.03
CA LEU G 325 -31.83 -21.45 -2.04
C LEU G 325 -32.60 -22.35 -2.96
N VAL G 326 -33.88 -22.48 -2.73
CA VAL G 326 -34.62 -23.44 -3.53
C VAL G 326 -35.77 -22.80 -4.26
N LEU G 327 -35.77 -23.01 -5.57
CA LEU G 327 -36.80 -22.46 -6.42
C LEU G 327 -37.87 -23.48 -6.61
N ALA G 328 -39.10 -23.07 -6.51
CA ALA G 328 -40.18 -23.97 -6.80
C ALA G 328 -40.16 -24.14 -8.29
N THR G 329 -40.43 -25.33 -8.79
CA THR G 329 -40.49 -25.47 -10.22
C THR G 329 -41.82 -26.07 -10.49
N GLY G 330 -42.36 -26.65 -9.43
CA GLY G 330 -43.61 -27.36 -9.51
C GLY G 330 -44.80 -26.52 -9.05
N LEU G 331 -45.88 -27.21 -8.75
CA LEU G 331 -47.12 -26.61 -8.37
C LEU G 331 -47.20 -26.64 -6.86
N ARG G 332 -48.03 -25.83 -6.24
CA ARG G 332 -48.16 -26.04 -4.82
C ARG G 332 -48.71 -27.46 -4.68
N ASN G 333 -48.14 -28.27 -3.82
CA ASN G 333 -48.59 -29.66 -3.69
C ASN G 333 -49.73 -29.71 -2.72
N VAL G 334 -50.87 -29.23 -3.14
CA VAL G 334 -51.97 -29.19 -2.23
C VAL G 334 -52.55 -30.58 -2.09
N PRO G 335 -52.55 -31.18 -0.87
CA PRO G 335 -52.99 -32.52 -0.56
C PRO G 335 -54.49 -32.61 -0.42
N ILE G 346 -62.46 -36.85 -9.27
CA ILE G 346 -63.74 -36.14 -9.09
C ILE G 346 -63.44 -34.84 -8.38
N ALA G 347 -62.24 -34.76 -7.80
CA ALA G 347 -61.90 -33.56 -7.01
C ALA G 347 -61.86 -32.32 -7.90
N GLY G 348 -62.38 -31.21 -7.41
CA GLY G 348 -62.22 -29.94 -8.14
C GLY G 348 -60.81 -29.40 -8.01
N PHE G 349 -60.37 -28.56 -8.93
CA PHE G 349 -59.06 -27.90 -8.80
C PHE G 349 -59.11 -27.03 -7.55
N ILE G 350 -60.26 -26.43 -7.27
CA ILE G 350 -60.34 -25.47 -6.14
C ILE G 350 -59.98 -26.20 -4.83
N GLU G 351 -60.46 -27.42 -4.64
CA GLU G 351 -60.11 -28.22 -3.43
C GLU G 351 -58.60 -28.57 -3.33
N GLY G 352 -57.91 -28.96 -4.41
CA GLY G 352 -56.50 -29.41 -4.31
C GLY G 352 -56.04 -30.23 -5.50
N GLY G 353 -54.76 -30.55 -5.58
CA GLY G 353 -54.28 -31.23 -6.80
C GLY G 353 -54.90 -32.58 -6.99
N TRP G 354 -55.49 -32.88 -8.15
CA TRP G 354 -55.96 -34.28 -8.31
C TRP G 354 -54.70 -35.13 -8.24
N GLN G 355 -54.68 -36.19 -7.44
CA GLN G 355 -53.53 -37.14 -7.42
C GLN G 355 -53.43 -37.87 -8.76
N GLY G 356 -54.56 -38.27 -9.32
CA GLY G 356 -54.58 -39.15 -10.50
C GLY G 356 -53.96 -38.62 -11.76
N MET G 357 -54.18 -37.34 -12.11
CA MET G 357 -53.59 -36.95 -13.41
C MET G 357 -52.08 -37.10 -13.24
N VAL G 358 -51.40 -37.79 -14.15
CA VAL G 358 -49.91 -37.88 -14.11
C VAL G 358 -49.31 -37.37 -15.42
N ASP G 359 -50.13 -37.01 -16.41
CA ASP G 359 -49.59 -36.70 -17.76
C ASP G 359 -49.46 -35.20 -18.02
N GLY G 360 -49.18 -34.40 -16.99
CA GLY G 360 -49.01 -32.98 -17.12
C GLY G 360 -49.50 -32.24 -15.90
N TRP G 361 -49.17 -30.96 -15.83
CA TRP G 361 -49.55 -30.13 -14.71
C TRP G 361 -50.98 -29.70 -14.66
N TYR G 362 -51.63 -29.51 -15.80
CA TYR G 362 -53.00 -29.05 -15.70
C TYR G 362 -53.79 -29.97 -16.56
N GLY G 363 -55.04 -30.25 -16.21
CA GLY G 363 -55.82 -31.19 -17.01
C GLY G 363 -57.27 -31.37 -16.62
N TYR G 364 -57.88 -32.40 -17.20
CA TYR G 364 -59.29 -32.73 -17.09
C TYR G 364 -59.63 -34.11 -16.53
N HIS G 365 -60.82 -34.20 -15.92
CA HIS G 365 -61.40 -35.43 -15.37
C HIS G 365 -62.29 -36.27 -16.33
N HIS G 366 -62.99 -35.62 -17.26
CA HIS G 366 -63.86 -36.32 -18.23
C HIS G 366 -64.85 -37.35 -17.70
N SER G 367 -65.65 -37.07 -16.70
CA SER G 367 -66.49 -38.16 -16.18
C SER G 367 -67.80 -38.39 -16.88
N ASN G 368 -67.74 -38.91 -18.09
CA ASN G 368 -68.95 -39.19 -18.85
C ASN G 368 -69.38 -40.63 -18.55
N ASP G 369 -70.45 -41.09 -19.19
CA ASP G 369 -71.00 -42.42 -18.93
C ASP G 369 -70.12 -43.56 -19.43
N GLN G 370 -69.10 -43.23 -20.20
CA GLN G 370 -68.20 -44.23 -20.76
C GLN G 370 -66.97 -44.41 -19.87
N GLY G 371 -66.77 -43.53 -18.88
CA GLY G 371 -65.63 -43.69 -17.95
C GLY G 371 -64.93 -42.39 -17.58
N SER G 372 -64.14 -42.38 -16.51
CA SER G 372 -63.45 -41.15 -16.05
C SER G 372 -61.94 -41.28 -16.18
N GLY G 373 -61.30 -40.35 -16.87
CA GLY G 373 -59.84 -40.40 -17.08
C GLY G 373 -59.23 -39.03 -16.96
N TYR G 374 -57.94 -38.97 -16.64
CA TYR G 374 -57.31 -37.66 -16.41
C TYR G 374 -56.42 -37.33 -17.60
N ALA G 375 -56.67 -36.20 -18.25
CA ALA G 375 -55.87 -35.81 -19.44
C ALA G 375 -55.21 -34.44 -19.23
N ALA G 376 -53.91 -34.31 -19.48
CA ALA G 376 -53.28 -32.98 -19.43
C ALA G 376 -53.81 -32.08 -20.55
N ASP G 377 -54.02 -30.78 -20.29
CA ASP G 377 -54.42 -29.84 -21.35
C ASP G 377 -53.13 -29.49 -22.04
N LYS G 378 -52.79 -30.24 -23.06
CA LYS G 378 -51.47 -30.11 -23.66
C LYS G 378 -51.03 -28.69 -23.86
N GLU G 379 -51.92 -27.80 -24.25
CA GLU G 379 -51.47 -26.44 -24.48
C GLU G 379 -51.11 -25.75 -23.17
N SER G 380 -51.92 -25.92 -22.14
CA SER G 380 -51.65 -25.24 -20.88
C SER G 380 -50.39 -25.76 -20.25
N THR G 381 -50.25 -27.09 -20.22
CA THR G 381 -49.11 -27.69 -19.59
C THR G 381 -47.85 -27.34 -20.31
N GLN G 382 -47.86 -27.41 -21.63
CA GLN G 382 -46.64 -27.14 -22.33
C GLN G 382 -46.21 -25.71 -22.21
N LYS G 383 -47.15 -24.77 -22.23
CA LYS G 383 -46.73 -23.39 -22.12
C LYS G 383 -46.18 -23.10 -20.74
N ALA G 384 -46.85 -23.63 -19.70
CA ALA G 384 -46.37 -23.38 -18.37
C ALA G 384 -45.02 -24.02 -18.14
N PHE G 385 -44.84 -25.19 -18.72
CA PHE G 385 -43.61 -25.94 -18.58
C PHE G 385 -42.46 -25.14 -19.14
N ASP G 386 -42.65 -24.61 -20.35
CA ASP G 386 -41.59 -23.84 -20.96
C ASP G 386 -41.34 -22.56 -20.20
N GLY G 387 -42.39 -21.96 -19.65
CA GLY G 387 -42.25 -20.76 -18.85
C GLY G 387 -41.36 -21.02 -17.65
N ILE G 388 -41.63 -22.10 -16.92
CA ILE G 388 -40.82 -22.41 -15.76
C ILE G 388 -39.39 -22.73 -16.15
N THR G 389 -39.20 -23.47 -17.22
CA THR G 389 -37.85 -23.80 -17.63
C THR G 389 -37.06 -22.54 -17.94
N ASN G 390 -37.68 -21.60 -18.66
CA ASN G 390 -36.97 -20.38 -18.99
C ASN G 390 -36.66 -19.59 -17.75
N LYS G 391 -37.57 -19.57 -16.78
CA LYS G 391 -37.36 -18.85 -15.54
C LYS G 391 -36.15 -19.34 -14.79
N VAL G 392 -36.04 -20.65 -14.70
CA VAL G 392 -34.94 -21.24 -14.00
C VAL G 392 -33.66 -20.92 -14.73
N ASN G 393 -33.68 -21.00 -16.05
CA ASN G 393 -32.50 -20.69 -16.80
C ASN G 393 -32.15 -19.21 -16.73
N SER G 394 -33.11 -18.30 -16.61
CA SER G 394 -32.70 -16.90 -16.51
C SER G 394 -31.92 -16.68 -15.23
N VAL G 395 -32.37 -17.30 -14.14
CA VAL G 395 -31.69 -17.14 -12.86
C VAL G 395 -30.28 -17.70 -12.90
N ILE G 396 -30.12 -18.86 -13.53
CA ILE G 396 -28.83 -19.53 -13.57
C ILE G 396 -27.90 -19.05 -14.68
N GLU G 397 -28.40 -18.97 -15.91
CA GLU G 397 -27.59 -18.61 -17.06
C GLU G 397 -27.17 -17.16 -17.10
N LYS G 398 -27.88 -16.25 -16.44
CA LYS G 398 -27.46 -14.87 -16.46
C LYS G 398 -26.40 -14.60 -15.41
N MET G 399 -26.03 -15.59 -14.61
CA MET G 399 -25.00 -15.31 -13.64
C MET G 399 -23.67 -15.36 -14.33
N ASN G 400 -22.90 -14.30 -14.20
CA ASN G 400 -21.62 -14.29 -14.83
C ASN G 400 -20.59 -14.92 -13.97
N THR G 401 -19.68 -15.62 -14.60
CA THR G 401 -18.56 -16.20 -13.93
C THR G 401 -17.32 -15.82 -14.70
N GLN G 402 -16.20 -15.88 -14.03
CA GLN G 402 -14.92 -15.62 -14.65
C GLN G 402 -13.91 -16.24 -13.76
N PHE G 403 -12.70 -16.42 -14.24
CA PHE G 403 -11.70 -16.92 -13.33
C PHE G 403 -11.38 -15.90 -12.27
N GLU G 404 -11.36 -16.36 -11.03
CA GLU G 404 -10.97 -15.57 -9.88
C GLU G 404 -10.09 -16.34 -8.95
N ALA G 405 -9.31 -15.62 -8.18
CA ALA G 405 -8.60 -16.26 -7.10
C ALA G 405 -8.86 -15.40 -5.88
N VAL G 406 -9.61 -15.96 -4.96
CA VAL G 406 -10.05 -15.27 -3.77
C VAL G 406 -9.16 -15.61 -2.62
N GLY G 407 -8.69 -14.58 -1.95
CA GLY G 407 -7.76 -14.70 -0.85
C GLY G 407 -6.43 -14.13 -1.34
N LYS G 408 -5.91 -13.20 -0.57
CA LYS G 408 -4.68 -12.51 -0.90
C LYS G 408 -3.75 -12.56 0.29
N GLU G 409 -2.47 -12.53 0.02
CA GLU G 409 -1.48 -12.59 1.07
C GLU G 409 -1.06 -11.20 1.48
N PHE G 410 -1.16 -10.88 2.76
CA PHE G 410 -0.76 -9.58 3.27
C PHE G 410 0.19 -9.75 4.43
N SER G 411 1.11 -8.80 4.61
CA SER G 411 2.07 -8.84 5.71
C SER G 411 1.42 -8.30 6.95
N ASN G 412 2.12 -8.38 8.07
CA ASN G 412 1.57 -7.91 9.33
C ASN G 412 1.55 -6.41 9.47
N LEU G 413 2.08 -5.68 8.51
CA LEU G 413 2.06 -4.23 8.52
C LEU G 413 1.08 -3.69 7.51
N GLU G 414 0.28 -4.57 6.96
CA GLU G 414 -0.73 -4.23 5.99
C GLU G 414 -2.10 -4.51 6.51
N ARG G 415 -2.34 -4.49 7.80
CA ARG G 415 -3.65 -4.85 8.29
C ARG G 415 -4.68 -3.86 7.80
N ARG G 416 -4.33 -2.59 7.68
CA ARG G 416 -5.33 -1.65 7.20
C ARG G 416 -5.74 -1.93 5.76
N LEU G 417 -4.92 -2.69 5.00
CA LEU G 417 -5.21 -3.04 3.62
C LEU G 417 -5.93 -4.39 3.58
N GLU G 418 -5.51 -5.31 4.42
CA GLU G 418 -6.10 -6.63 4.50
C GLU G 418 -7.55 -6.49 4.83
N ASN G 419 -7.84 -5.51 5.68
CA ASN G 419 -9.17 -5.20 6.10
C ASN G 419 -10.03 -4.68 4.95
N LEU G 420 -9.44 -4.09 3.91
CA LEU G 420 -10.26 -3.60 2.82
C LEU G 420 -10.59 -4.79 1.99
N ASN G 421 -9.64 -5.70 1.83
CA ASN G 421 -9.93 -6.89 1.05
C ASN G 421 -11.04 -7.65 1.74
N LYS G 422 -10.99 -7.71 3.06
CA LYS G 422 -12.01 -8.37 3.81
C LYS G 422 -13.31 -7.66 3.58
N LYS G 423 -13.33 -6.33 3.64
CA LYS G 423 -14.57 -5.63 3.44
C LYS G 423 -15.15 -5.89 2.08
N MET G 424 -14.36 -5.92 0.99
CA MET G 424 -15.02 -6.21 -0.28
C MET G 424 -15.63 -7.57 -0.25
N GLU G 425 -14.95 -8.55 0.32
CA GLU G 425 -15.52 -9.87 0.31
C GLU G 425 -16.80 -9.94 1.13
N ASP G 426 -16.83 -9.27 2.29
CA ASP G 426 -18.00 -9.32 3.14
C ASP G 426 -19.12 -8.50 2.53
N GLY G 427 -18.74 -7.41 1.89
CA GLY G 427 -19.64 -6.49 1.25
C GLY G 427 -20.37 -7.16 0.11
N PHE G 428 -19.62 -7.78 -0.78
CA PHE G 428 -20.23 -8.43 -1.92
C PHE G 428 -21.00 -9.62 -1.45
N LEU G 429 -20.55 -10.26 -0.38
CA LEU G 429 -21.24 -11.40 0.14
C LEU G 429 -22.60 -10.99 0.65
N ASP G 430 -22.72 -9.87 1.37
CA ASP G 430 -24.04 -9.46 1.84
C ASP G 430 -24.90 -9.06 0.67
N VAL G 431 -24.33 -8.46 -0.36
CA VAL G 431 -25.13 -8.09 -1.51
C VAL G 431 -25.69 -9.31 -2.20
N TRP G 432 -24.84 -10.31 -2.43
CA TRP G 432 -25.30 -11.49 -3.12
C TRP G 432 -26.21 -12.34 -2.26
N THR G 433 -25.98 -12.41 -0.96
CA THR G 433 -26.81 -13.24 -0.12
C THR G 433 -28.19 -12.63 -0.04
N TYR G 434 -28.27 -11.31 0.15
CA TYR G 434 -29.55 -10.65 0.28
C TYR G 434 -30.29 -10.75 -1.02
N ASN G 435 -29.61 -10.49 -2.14
CA ASN G 435 -30.28 -10.56 -3.41
C ASN G 435 -30.69 -11.97 -3.75
N ALA G 436 -29.86 -12.97 -3.45
CA ALA G 436 -30.18 -14.34 -3.78
C ALA G 436 -31.37 -14.81 -2.99
N GLU G 437 -31.46 -14.44 -1.73
CA GLU G 437 -32.59 -14.89 -0.97
C GLU G 437 -33.85 -14.17 -1.37
N LEU G 438 -33.79 -12.88 -1.67
CA LEU G 438 -35.01 -12.23 -2.10
C LEU G 438 -35.37 -12.66 -3.49
N LEU G 439 -34.39 -12.97 -4.33
CA LEU G 439 -34.72 -13.40 -5.66
C LEU G 439 -35.46 -14.71 -5.58
N VAL G 440 -35.00 -15.61 -4.73
CA VAL G 440 -35.69 -16.87 -4.61
C VAL G 440 -37.07 -16.68 -4.02
N LEU G 441 -37.21 -15.86 -2.98
CA LEU G 441 -38.53 -15.70 -2.40
C LEU G 441 -39.48 -15.00 -3.35
N MET G 442 -39.01 -14.00 -4.09
CA MET G 442 -39.89 -13.30 -5.01
C MET G 442 -40.27 -14.21 -6.13
N GLU G 443 -39.33 -15.01 -6.61
CA GLU G 443 -39.66 -15.86 -7.70
C GLU G 443 -40.59 -16.95 -7.24
N ASN G 444 -40.42 -17.48 -6.03
CA ASN G 444 -41.32 -18.54 -5.65
C ASN G 444 -42.74 -18.03 -5.49
N GLU G 445 -42.93 -16.79 -5.05
CA GLU G 445 -44.30 -16.32 -4.93
C GLU G 445 -44.87 -16.12 -6.33
N ARG G 446 -44.06 -15.61 -7.26
CA ARG G 446 -44.54 -15.40 -8.61
C ARG G 446 -44.85 -16.71 -9.29
N THR G 447 -44.05 -17.74 -8.99
CA THR G 447 -44.20 -19.06 -9.55
C THR G 447 -45.47 -19.69 -9.10
N LEU G 448 -45.76 -19.61 -7.82
CA LEU G 448 -46.95 -20.24 -7.37
C LEU G 448 -48.16 -19.48 -7.86
N ASP G 449 -48.07 -18.14 -7.94
CA ASP G 449 -49.20 -17.38 -8.43
C ASP G 449 -49.44 -17.70 -9.90
N PHE G 450 -48.36 -17.89 -10.65
CA PHE G 450 -48.39 -18.26 -12.05
C PHE G 450 -49.14 -19.55 -12.23
N HIS G 451 -48.80 -20.56 -11.46
CA HIS G 451 -49.46 -21.82 -11.61
C HIS G 451 -50.92 -21.74 -11.24
N ASP G 452 -51.25 -20.98 -10.20
CA ASP G 452 -52.64 -20.88 -9.81
C ASP G 452 -53.45 -20.11 -10.85
N SER G 453 -52.86 -19.08 -11.46
CA SER G 453 -53.60 -18.34 -12.45
C SER G 453 -53.73 -19.16 -13.72
N ASN G 454 -52.78 -20.07 -13.99
CA ASN G 454 -52.87 -20.88 -15.19
C ASN G 454 -54.03 -21.84 -15.12
N VAL G 455 -54.29 -22.41 -13.95
CA VAL G 455 -55.41 -23.32 -13.89
C VAL G 455 -56.72 -22.54 -13.93
N LYS G 456 -56.78 -21.36 -13.33
CA LYS G 456 -57.99 -20.55 -13.44
C LYS G 456 -58.22 -20.12 -14.88
N ASN G 457 -57.14 -19.78 -15.59
CA ASN G 457 -57.26 -19.34 -16.96
C ASN G 457 -57.80 -20.47 -17.80
N LEU G 458 -57.42 -21.70 -17.49
CA LEU G 458 -57.94 -22.82 -18.21
C LEU G 458 -59.41 -22.97 -17.93
N TYR G 459 -59.81 -22.79 -16.67
CA TYR G 459 -61.22 -22.89 -16.32
C TYR G 459 -62.02 -21.89 -17.12
N ASP G 460 -61.54 -20.65 -17.21
CA ASP G 460 -62.27 -19.65 -17.96
C ASP G 460 -62.26 -19.95 -19.45
N LYS G 461 -61.15 -20.45 -20.01
CA LYS G 461 -61.14 -20.78 -21.42
C LYS G 461 -62.30 -21.72 -21.71
N VAL G 462 -62.45 -22.71 -20.84
CA VAL G 462 -63.49 -23.68 -20.98
C VAL G 462 -64.87 -23.07 -20.75
N ARG G 463 -65.01 -22.25 -19.72
CA ARG G 463 -66.29 -21.63 -19.39
C ARG G 463 -66.81 -20.80 -20.55
N MET G 464 -65.90 -20.05 -21.18
CA MET G 464 -66.24 -19.20 -22.30
C MET G 464 -66.71 -19.97 -23.51
N GLN G 465 -66.15 -21.16 -23.74
CA GLN G 465 -66.60 -21.90 -24.90
C GLN G 465 -67.89 -22.68 -24.60
N LEU G 466 -68.03 -23.18 -23.38
CA LEU G 466 -69.21 -23.96 -23.00
C LEU G 466 -70.45 -23.08 -22.91
N ARG G 467 -70.22 -21.82 -22.58
CA ARG G 467 -71.25 -20.82 -22.54
C ARG G 467 -72.48 -21.17 -21.72
N ASP G 468 -73.63 -21.17 -22.37
CA ASP G 468 -74.90 -21.37 -21.72
C ASP G 468 -75.46 -22.80 -21.80
N ASN G 469 -74.68 -23.76 -22.31
CA ASN G 469 -75.19 -25.13 -22.38
C ASN G 469 -74.73 -25.96 -21.21
N VAL G 470 -74.10 -25.29 -20.27
CA VAL G 470 -73.58 -25.86 -19.04
C VAL G 470 -73.95 -25.06 -17.82
N LYS G 471 -73.69 -25.66 -16.69
CA LYS G 471 -73.77 -25.00 -15.41
C LYS G 471 -72.44 -25.18 -14.71
N GLU G 472 -72.01 -24.18 -13.97
CA GLU G 472 -70.83 -24.34 -13.18
C GLU G 472 -71.26 -25.02 -11.92
N LEU G 473 -70.39 -25.82 -11.33
CA LEU G 473 -70.71 -26.47 -10.08
C LEU G 473 -70.16 -25.76 -8.83
N GLY G 474 -69.20 -24.86 -9.00
CA GLY G 474 -68.63 -24.13 -7.85
C GLY G 474 -67.39 -24.77 -7.21
N ASN G 475 -66.99 -25.92 -7.70
CA ASN G 475 -65.84 -26.65 -7.18
C ASN G 475 -64.79 -26.82 -8.26
N GLY G 476 -64.80 -25.94 -9.26
CA GLY G 476 -63.85 -26.04 -10.36
C GLY G 476 -64.22 -27.08 -11.44
N CYS G 477 -65.53 -27.42 -11.59
CA CYS G 477 -66.08 -28.40 -12.51
C CYS G 477 -67.29 -27.82 -13.23
N PHE G 478 -67.57 -28.38 -14.42
CA PHE G 478 -68.76 -28.02 -15.19
C PHE G 478 -69.63 -29.23 -15.47
N GLU G 479 -70.92 -29.01 -15.55
CA GLU G 479 -71.86 -30.06 -15.91
C GLU G 479 -72.74 -29.62 -17.07
N PHE G 480 -72.99 -30.52 -18.00
CA PHE G 480 -73.75 -30.22 -19.21
C PHE G 480 -75.23 -30.39 -19.03
N TYR G 481 -76.03 -29.65 -19.82
CA TYR G 481 -77.50 -29.81 -19.77
C TYR G 481 -77.98 -30.72 -20.88
N HIS G 482 -77.05 -31.38 -21.52
CA HIS G 482 -77.30 -32.31 -22.61
C HIS G 482 -76.36 -33.47 -22.46
N LYS G 483 -76.70 -34.60 -23.05
CA LYS G 483 -75.78 -35.72 -22.97
C LYS G 483 -74.47 -35.32 -23.65
N CYS G 484 -73.32 -35.59 -22.98
CA CYS G 484 -71.97 -35.28 -23.45
C CYS G 484 -71.11 -36.54 -23.38
N ASP G 485 -70.84 -37.09 -24.55
CA ASP G 485 -70.10 -38.32 -24.80
C ASP G 485 -68.61 -38.04 -25.07
N ASP G 486 -67.84 -39.06 -25.45
CA ASP G 486 -66.42 -38.79 -25.66
C ASP G 486 -66.14 -37.76 -26.72
N GLU G 487 -66.90 -37.73 -27.81
CA GLU G 487 -66.60 -36.71 -28.82
C GLU G 487 -66.74 -35.29 -28.23
N CYS G 488 -67.81 -35.05 -27.44
CA CYS G 488 -68.10 -33.81 -26.72
C CYS G 488 -66.99 -33.45 -25.72
N MET G 489 -66.63 -34.41 -24.88
CA MET G 489 -65.63 -34.15 -23.86
C MET G 489 -64.27 -33.86 -24.48
N ASN G 490 -63.96 -34.53 -25.59
CA ASN G 490 -62.70 -34.34 -26.26
C ASN G 490 -62.67 -32.99 -26.92
N SER G 491 -63.82 -32.53 -27.42
CA SER G 491 -63.90 -31.23 -28.06
C SER G 491 -63.66 -30.13 -27.03
N VAL G 492 -64.14 -30.33 -25.80
CA VAL G 492 -63.93 -29.31 -24.79
C VAL G 492 -62.44 -29.20 -24.47
N LYS G 493 -61.79 -30.34 -24.29
CA LYS G 493 -60.33 -30.36 -24.06
C LYS G 493 -59.54 -29.72 -25.23
N ASN G 494 -59.98 -30.00 -26.49
CA ASN G 494 -59.44 -29.56 -27.77
C ASN G 494 -59.68 -28.05 -28.03
N GLY G 495 -60.79 -27.46 -27.48
CA GLY G 495 -61.18 -26.08 -27.70
C GLY G 495 -62.05 -25.95 -28.94
N THR G 496 -62.71 -27.05 -29.31
CA THR G 496 -63.55 -27.14 -30.48
C THR G 496 -65.01 -27.44 -30.14
N TYR G 497 -65.44 -27.22 -28.89
CA TYR G 497 -66.81 -27.57 -28.56
C TYR G 497 -67.77 -26.82 -29.45
N ASP G 498 -68.66 -27.58 -30.09
CA ASP G 498 -69.60 -27.00 -31.03
C ASP G 498 -70.83 -26.47 -30.35
N TYR G 499 -70.67 -25.37 -29.63
CA TYR G 499 -71.77 -24.83 -28.86
C TYR G 499 -73.14 -24.79 -29.56
N PRO G 500 -73.29 -24.27 -30.80
CA PRO G 500 -74.55 -24.12 -31.51
C PRO G 500 -75.31 -25.43 -31.76
N LYS G 501 -74.63 -26.56 -31.61
CA LYS G 501 -75.22 -27.87 -31.82
C LYS G 501 -75.99 -28.40 -30.63
N TYR G 502 -75.78 -27.80 -29.47
CA TYR G 502 -76.37 -28.36 -28.25
C TYR G 502 -77.33 -27.38 -27.59
N GLU G 503 -78.30 -27.92 -26.88
CA GLU G 503 -79.22 -27.09 -26.11
C GLU G 503 -79.75 -27.82 -24.87
N GLU G 504 -80.21 -27.04 -23.84
CA GLU G 504 -80.86 -27.52 -22.61
C GLU G 504 -82.27 -28.03 -22.93
N GLN H 1 38.83 -7.39 24.35
CA GLN H 1 39.35 -8.72 24.12
C GLN H 1 38.81 -9.72 25.17
N VAL H 2 38.16 -10.80 24.67
CA VAL H 2 37.60 -11.90 25.44
C VAL H 2 38.69 -12.87 25.90
N GLN H 3 38.59 -13.28 27.15
CA GLN H 3 39.53 -14.21 27.73
C GLN H 3 38.79 -15.34 28.44
N LEU H 4 39.40 -16.52 28.46
CA LEU H 4 38.81 -17.65 29.14
C LEU H 4 39.73 -18.12 30.24
N GLN H 5 39.27 -18.10 31.49
CA GLN H 5 40.15 -18.51 32.57
C GLN H 5 39.63 -19.68 33.37
N GLU H 6 40.35 -20.79 33.32
CA GLU H 6 39.96 -21.99 34.03
C GLU H 6 40.27 -21.90 35.53
N SER H 7 39.51 -22.66 36.32
CA SER H 7 39.73 -22.83 37.75
C SER H 7 41.01 -23.63 37.95
N GLY H 8 41.53 -23.64 39.18
CA GLY H 8 42.81 -24.28 39.43
C GLY H 8 42.84 -25.81 39.34
N PRO H 9 44.07 -26.38 39.36
CA PRO H 9 44.43 -27.78 39.24
C PRO H 9 44.13 -28.60 40.45
N GLY H 10 44.14 -29.90 40.28
CA GLY H 10 43.97 -30.77 41.43
C GLY H 10 44.01 -32.25 41.13
N LEU H 11 43.88 -33.01 42.20
CA LEU H 11 43.91 -34.45 42.20
C LEU H 11 42.61 -35.01 42.71
N VAL H 12 42.06 -35.96 41.97
CA VAL H 12 40.85 -36.62 42.39
C VAL H 12 41.10 -38.13 42.38
N LYS H 13 40.30 -38.84 43.12
CA LYS H 13 40.41 -40.27 43.17
C LYS H 13 39.51 -40.89 42.12
N PRO H 14 39.75 -42.13 41.69
CA PRO H 14 38.89 -42.86 40.81
C PRO H 14 37.50 -42.89 41.41
N SER H 15 36.52 -42.84 40.54
CA SER H 15 35.09 -42.83 40.83
C SER H 15 34.60 -41.50 41.40
N GLN H 16 35.47 -40.50 41.43
CA GLN H 16 35.10 -39.16 41.87
C GLN H 16 34.60 -38.31 40.73
N THR H 17 34.23 -37.09 41.04
CA THR H 17 33.75 -36.19 40.01
C THR H 17 34.76 -35.09 39.77
N LEU H 18 35.08 -34.88 38.51
CA LEU H 18 36.00 -33.84 38.06
C LEU H 18 35.18 -32.59 37.92
N SER H 19 35.65 -31.47 38.45
CA SER H 19 34.89 -30.25 38.28
C SER H 19 35.75 -29.05 37.99
N LEU H 20 35.60 -28.51 36.79
CA LEU H 20 36.34 -27.35 36.34
C LEU H 20 35.44 -26.24 35.88
N THR H 21 35.71 -25.04 36.35
CA THR H 21 34.89 -23.90 35.96
C THR H 21 35.72 -22.89 35.17
N CYS H 22 35.18 -22.43 34.02
CA CYS H 22 35.76 -21.44 33.11
C CYS H 22 35.04 -20.10 33.28
N THR H 23 35.80 -19.09 33.61
CA THR H 23 35.24 -17.76 33.76
C THR H 23 35.51 -17.01 32.50
N VAL H 24 34.46 -16.46 31.92
CA VAL H 24 34.60 -15.74 30.69
C VAL H 24 34.57 -14.26 31.00
N SER H 25 35.55 -13.54 30.48
CA SER H 25 35.60 -12.10 30.70
C SER H 25 35.72 -11.39 29.38
N GLY H 26 35.33 -10.11 29.34
CA GLY H 26 35.45 -9.30 28.13
C GLY H 26 34.18 -9.28 27.28
N GLY H 27 33.14 -9.96 27.74
CA GLY H 27 31.86 -10.02 27.04
C GLY H 27 30.97 -11.08 27.67
N SER H 28 29.70 -11.11 27.27
CA SER H 28 28.74 -12.06 27.80
C SER H 28 28.70 -13.37 27.05
N ILE H 29 28.51 -14.45 27.79
CA ILE H 29 28.48 -15.79 27.22
C ILE H 29 27.24 -16.04 26.37
N SER H 30 26.25 -15.17 26.52
CA SER H 30 25.01 -15.25 25.79
C SER H 30 24.97 -14.26 24.63
N SER H 31 26.09 -13.57 24.36
CA SER H 31 26.09 -12.51 23.35
C SER H 31 26.07 -12.88 21.86
N GLY H 32 27.03 -13.64 21.36
CA GLY H 32 27.08 -13.83 19.90
C GLY H 32 26.91 -15.25 19.41
N ASN H 33 27.34 -15.49 18.17
CA ASN H 33 27.23 -16.80 17.55
C ASN H 33 28.42 -17.65 17.92
N TYR H 34 28.43 -18.07 19.16
CA TYR H 34 29.53 -18.80 19.75
C TYR H 34 29.08 -20.00 20.51
N TYR H 35 30.02 -20.91 20.70
CA TYR H 35 29.81 -22.06 21.54
C TYR H 35 31.04 -22.28 22.38
N TRP H 36 30.87 -22.91 23.52
CA TRP H 36 32.00 -23.22 24.36
C TRP H 36 32.24 -24.69 24.46
N SER H 37 33.49 -25.05 24.59
CA SER H 37 33.82 -26.45 24.68
C SER H 37 34.96 -26.69 25.58
N TRP H 38 35.10 -27.94 25.96
CA TRP H 38 36.27 -28.33 26.71
C TRP H 38 37.03 -29.29 25.84
N ILE H 39 38.34 -29.08 25.79
CA ILE H 39 39.24 -29.89 25.00
C ILE H 39 40.24 -30.55 25.92
N ARG H 40 40.42 -31.83 25.77
CA ARG H 40 41.36 -32.52 26.63
C ARG H 40 42.64 -32.89 25.91
N GLN H 41 43.74 -32.80 26.61
CA GLN H 41 45.00 -33.22 26.03
C GLN H 41 45.86 -34.02 26.99
N PRO H 42 45.78 -35.35 26.96
CA PRO H 42 46.57 -36.22 27.79
C PRO H 42 47.97 -35.87 27.34
N ALA H 43 48.93 -35.86 28.23
CA ALA H 43 50.24 -35.48 27.75
C ALA H 43 50.70 -36.44 26.67
N GLY H 44 51.24 -35.89 25.59
CA GLY H 44 51.79 -36.68 24.50
C GLY H 44 50.76 -37.11 23.45
N GLU H 45 49.49 -36.77 23.66
CA GLU H 45 48.44 -37.18 22.74
C GLU H 45 47.77 -36.01 22.01
N GLU H 46 46.85 -36.37 21.12
CA GLU H 46 46.06 -35.46 20.31
C GLU H 46 45.02 -34.75 21.13
N LEU H 47 44.62 -33.59 20.67
CA LEU H 47 43.57 -32.84 21.30
C LEU H 47 42.26 -33.58 21.09
N GLU H 48 41.45 -33.69 22.13
CA GLU H 48 40.15 -34.37 22.06
C GLU H 48 38.98 -33.49 22.46
N CYS H 49 37.94 -33.46 21.66
CA CYS H 49 36.76 -32.69 22.04
C CYS H 49 35.99 -33.48 23.09
N LEU H 50 35.69 -32.89 24.23
CA LEU H 50 34.95 -33.66 25.23
C LEU H 50 33.47 -33.46 24.98
N GLY H 51 33.17 -32.26 24.54
CA GLY H 51 31.81 -31.84 24.28
C GLY H 51 31.73 -30.34 24.13
N ARG H 52 30.56 -29.90 23.67
CA ARG H 52 30.22 -28.51 23.40
C ARG H 52 28.88 -28.09 23.96
N ILE H 53 28.80 -26.83 24.33
CA ILE H 53 27.56 -26.20 24.71
C ILE H 53 27.40 -24.92 23.92
N TYR H 54 26.23 -24.74 23.37
CA TYR H 54 25.93 -23.57 22.60
C TYR H 54 25.45 -22.46 23.47
N THR H 55 25.57 -21.24 22.98
CA THR H 55 25.13 -20.04 23.69
C THR H 55 23.62 -20.10 24.01
N THR H 56 22.89 -20.90 23.24
CA THR H 56 21.45 -21.07 23.39
C THR H 56 21.08 -22.21 24.35
N GLY H 57 22.07 -22.91 24.89
CA GLY H 57 21.87 -24.02 25.83
C GLY H 57 21.88 -25.42 25.23
N SER H 58 21.92 -25.53 23.91
CA SER H 58 21.97 -26.84 23.27
C SER H 58 23.31 -27.52 23.52
N THR H 59 23.33 -28.84 23.72
CA THR H 59 24.59 -29.53 23.93
C THR H 59 24.82 -30.76 23.05
N ASN H 60 26.11 -31.07 22.89
CA ASN H 60 26.62 -32.23 22.17
C ASN H 60 27.80 -32.84 22.90
N TYR H 61 27.76 -34.14 23.17
CA TYR H 61 28.89 -34.76 23.88
C TYR H 61 29.48 -35.89 23.07
N SER H 62 30.78 -36.09 23.20
CA SER H 62 31.47 -37.16 22.49
C SER H 62 31.03 -38.55 22.99
N PRO H 63 30.87 -39.55 22.11
CA PRO H 63 30.45 -40.92 22.40
C PRO H 63 31.14 -41.66 23.54
N SER H 64 32.43 -41.43 23.77
CA SER H 64 33.13 -42.14 24.83
C SER H 64 32.94 -41.51 26.20
N LEU H 65 32.44 -40.28 26.19
CA LEU H 65 32.25 -39.44 27.35
C LEU H 65 30.82 -39.11 27.71
N LYS H 66 29.91 -39.16 26.75
CA LYS H 66 28.55 -38.67 26.96
C LYS H 66 27.79 -39.36 28.08
N SER H 67 28.13 -40.60 28.43
CA SER H 67 27.44 -41.26 29.52
C SER H 67 27.95 -40.75 30.88
N ARG H 68 29.08 -40.03 30.87
CA ARG H 68 29.75 -39.51 32.04
C ARG H 68 29.86 -37.98 32.13
N VAL H 69 29.84 -37.26 31.00
CA VAL H 69 30.15 -35.83 31.05
C VAL H 69 28.96 -34.90 30.83
N THR H 70 28.91 -33.87 31.65
CA THR H 70 27.94 -32.79 31.58
C THR H 70 28.62 -31.43 31.47
N ILE H 71 28.14 -30.61 30.56
CA ILE H 71 28.62 -29.23 30.42
C ILE H 71 27.44 -28.31 30.62
N SER H 72 27.62 -27.26 31.42
CA SER H 72 26.54 -26.32 31.67
C SER H 72 26.95 -24.86 31.56
N LEU H 73 25.92 -24.02 31.32
CA LEU H 73 26.05 -22.57 31.10
C LEU H 73 25.38 -21.74 32.20
N GLU H 74 26.14 -20.88 32.88
CA GLU H 74 25.62 -20.00 33.93
C GLU H 74 25.72 -18.53 33.51
N THR H 75 24.63 -17.97 32.98
CA THR H 75 24.71 -16.63 32.41
C THR H 75 24.98 -15.54 33.40
N SER H 76 24.47 -15.67 34.61
CA SER H 76 24.60 -14.62 35.60
C SER H 76 26.01 -14.38 36.08
N LYS H 77 26.91 -15.34 35.87
CA LYS H 77 28.28 -15.20 36.30
C LYS H 77 29.23 -15.20 35.12
N ASN H 78 28.70 -15.29 33.90
CA ASN H 78 29.53 -15.49 32.72
C ASN H 78 30.44 -16.72 32.90
N GLN H 79 29.87 -17.83 33.37
CA GLN H 79 30.68 -19.03 33.58
C GLN H 79 30.16 -20.29 32.90
N PHE H 80 31.09 -21.14 32.57
CA PHE H 80 30.80 -22.48 32.08
C PHE H 80 31.46 -23.52 32.92
N SER H 81 30.86 -24.69 33.01
CA SER H 81 31.56 -25.70 33.77
C SER H 81 31.45 -27.09 33.22
N LEU H 82 32.52 -27.83 33.48
CA LEU H 82 32.70 -29.21 33.13
C LEU H 82 32.60 -30.13 34.31
N ARG H 83 31.69 -31.08 34.23
CA ARG H 83 31.50 -32.08 35.25
C ARG H 83 31.67 -33.49 34.69
N LEU H 84 32.71 -34.19 35.11
CA LEU H 84 32.92 -35.54 34.58
C LEU H 84 32.78 -36.53 35.71
N ASN H 85 31.79 -37.38 35.58
CA ASN H 85 31.48 -38.33 36.62
C ASN H 85 32.28 -39.59 36.42
N SER H 86 32.46 -40.36 37.48
CA SER H 86 33.14 -41.64 37.40
C SER H 86 34.52 -41.58 36.74
N VAL H 87 35.37 -40.68 37.23
CA VAL H 87 36.71 -40.52 36.66
C VAL H 87 37.62 -41.73 36.90
N THR H 88 38.52 -41.95 35.95
CA THR H 88 39.50 -43.00 36.10
C THR H 88 40.91 -42.49 35.81
N ALA H 89 41.91 -43.32 36.00
CA ALA H 89 43.30 -42.89 35.80
C ALA H 89 43.57 -42.40 34.39
N ALA H 90 42.88 -42.98 33.42
CA ALA H 90 43.01 -42.65 32.01
C ALA H 90 42.56 -41.22 31.68
N ASP H 91 41.86 -40.57 32.61
CA ASP H 91 41.34 -39.24 32.39
C ASP H 91 42.36 -38.18 32.86
N THR H 92 43.55 -38.61 33.26
CA THR H 92 44.57 -37.62 33.62
C THR H 92 44.93 -36.87 32.35
N ALA H 93 44.82 -35.54 32.39
CA ALA H 93 45.06 -34.72 31.19
C ALA H 93 45.04 -33.24 31.47
N VAL H 94 45.47 -32.46 30.50
CA VAL H 94 45.24 -31.03 30.59
C VAL H 94 43.88 -30.71 30.01
N TYR H 95 43.07 -29.98 30.75
CA TYR H 95 41.74 -29.60 30.30
C TYR H 95 41.67 -28.13 29.93
N TYR H 96 41.35 -27.84 28.68
CA TYR H 96 41.30 -26.47 28.21
C TYR H 96 39.88 -25.99 28.00
N CYS H 97 39.63 -24.71 28.31
CA CYS H 97 38.37 -24.01 28.01
C CYS H 97 38.57 -23.33 26.65
N ALA H 98 37.64 -23.52 25.72
CA ALA H 98 37.79 -22.89 24.42
C ALA H 98 36.48 -22.32 23.89
N ARG H 99 36.60 -21.21 23.18
CA ARG H 99 35.47 -20.52 22.56
C ARG H 99 35.51 -20.73 21.07
N GLY H 100 34.50 -21.41 20.56
CA GLY H 100 34.41 -21.69 19.16
C GLY H 100 33.54 -20.66 18.47
N MET H 101 33.83 -20.41 17.21
CA MET H 101 33.07 -19.48 16.40
C MET H 101 32.08 -20.27 15.63
N ASP H 102 30.81 -20.01 15.82
CA ASP H 102 29.76 -20.70 15.10
C ASP H 102 29.32 -19.85 13.93
N PHE H 103 30.15 -19.65 12.92
CA PHE H 103 29.73 -18.78 11.84
C PHE H 103 29.44 -19.79 10.78
N GLY H 104 28.40 -19.64 9.99
CA GLY H 104 28.12 -20.74 9.09
C GLY H 104 29.35 -21.37 8.38
N PRO H 105 30.03 -20.67 7.48
CA PRO H 105 31.21 -21.07 6.74
C PRO H 105 32.48 -21.27 7.56
N THR H 106 32.52 -20.77 8.78
CA THR H 106 33.72 -20.90 9.60
C THR H 106 33.43 -21.51 10.95
N ASP H 107 34.12 -22.58 11.25
CA ASP H 107 33.94 -23.25 12.52
C ASP H 107 35.31 -23.59 13.07
N ALA H 108 35.71 -22.86 14.11
CA ALA H 108 37.04 -22.99 14.68
C ALA H 108 37.14 -22.53 16.11
N PHE H 109 38.16 -23.00 16.84
CA PHE H 109 38.40 -22.55 18.21
C PHE H 109 39.32 -21.36 18.23
N ASP H 110 38.70 -20.21 18.46
CA ASP H 110 39.33 -18.90 18.39
C ASP H 110 40.05 -18.54 19.66
N ILE H 111 39.40 -18.75 20.79
CA ILE H 111 40.02 -18.36 22.03
C ILE H 111 40.22 -19.55 22.92
N TRP H 112 41.43 -19.70 23.39
CA TRP H 112 41.77 -20.78 24.29
C TRP H 112 42.18 -20.21 25.63
N GLY H 113 41.88 -20.95 26.69
CA GLY H 113 42.31 -20.59 28.02
C GLY H 113 43.70 -21.16 28.19
N GLN H 114 44.19 -21.28 29.42
CA GLN H 114 45.56 -21.72 29.57
C GLN H 114 45.71 -23.22 29.74
N GLY H 115 44.67 -23.84 30.26
CA GLY H 115 44.68 -25.26 30.51
C GLY H 115 44.95 -25.61 31.96
N THR H 116 44.09 -26.43 32.53
CA THR H 116 44.23 -26.86 33.91
C THR H 116 44.51 -28.33 34.01
N MET H 117 45.54 -28.67 34.76
CA MET H 117 45.89 -30.07 34.86
C MET H 117 45.07 -30.79 35.92
N VAL H 118 44.50 -31.92 35.52
CA VAL H 118 43.76 -32.73 36.46
C VAL H 118 44.35 -34.12 36.47
N THR H 119 44.68 -34.60 37.66
CA THR H 119 45.25 -35.93 37.83
C THR H 119 44.26 -36.83 38.50
N VAL H 120 44.12 -38.05 37.99
CA VAL H 120 43.23 -38.99 38.64
C VAL H 120 44.08 -40.17 39.07
N SER H 121 44.08 -40.48 40.36
CA SER H 121 44.91 -41.60 40.85
C SER H 121 44.43 -42.12 42.21
N SER H 122 44.90 -43.31 42.61
CA SER H 122 44.58 -43.98 43.90
C SER H 122 45.19 -43.25 45.14
N ASP I 1 31.09 -40.50 10.75
CA ASP I 1 32.38 -40.04 11.27
C ASP I 1 33.49 -40.17 10.21
N ILE I 2 34.39 -39.15 10.16
CA ILE I 2 35.50 -39.04 9.21
C ILE I 2 36.83 -39.16 9.95
N GLN I 3 37.68 -40.05 9.46
CA GLN I 3 38.99 -40.31 10.04
C GLN I 3 40.03 -39.38 9.46
N MET I 4 40.84 -38.79 10.33
CA MET I 4 41.92 -37.95 9.88
C MET I 4 43.29 -38.59 9.89
N THR I 5 44.08 -38.23 8.88
CA THR I 5 45.47 -38.62 8.76
C THR I 5 46.33 -37.39 8.55
N GLN I 6 47.44 -37.31 9.26
CA GLN I 6 48.31 -36.17 9.08
C GLN I 6 49.73 -36.65 9.01
N SER I 7 50.51 -36.08 8.11
CA SER I 7 51.89 -36.47 7.97
C SER I 7 52.76 -35.37 7.36
N PRO I 8 54.08 -35.38 7.60
CA PRO I 8 54.95 -36.26 8.38
C PRO I 8 54.60 -36.21 9.85
N SER I 9 54.93 -37.23 10.64
CA SER I 9 54.65 -37.12 12.07
C SER I 9 55.56 -36.05 12.65
N SER I 10 56.73 -35.92 12.05
CA SER I 10 57.70 -34.90 12.38
C SER I 10 58.57 -34.66 11.18
N LEU I 11 59.13 -33.49 11.13
CA LEU I 11 60.09 -33.13 10.11
C LEU I 11 60.97 -32.02 10.61
N SER I 12 62.28 -32.13 10.41
CA SER I 12 63.12 -31.03 10.80
C SER I 12 63.31 -30.09 9.64
N ALA I 13 63.65 -28.86 9.95
CA ALA I 13 63.94 -27.88 8.93
C ALA I 13 64.82 -26.77 9.48
N SER I 14 65.52 -26.09 8.59
CA SER I 14 66.33 -24.97 8.98
C SER I 14 65.51 -23.70 8.97
N VAL I 15 66.00 -22.70 9.64
CA VAL I 15 65.32 -21.43 9.56
C VAL I 15 65.57 -20.92 8.15
N GLY I 16 64.48 -20.50 7.49
CA GLY I 16 64.48 -20.04 6.12
C GLY I 16 63.97 -21.09 5.12
N ASP I 17 63.85 -22.34 5.55
CA ASP I 17 63.35 -23.40 4.68
C ASP I 17 61.85 -23.37 4.42
N ARG I 18 61.47 -23.93 3.28
CA ARG I 18 60.07 -24.10 2.94
C ARG I 18 59.55 -25.36 3.62
N VAL I 19 58.44 -25.24 4.34
CA VAL I 19 57.89 -26.38 5.07
C VAL I 19 56.46 -26.70 4.71
N THR I 20 56.18 -27.94 4.33
CA THR I 20 54.79 -28.28 4.02
C THR I 20 54.31 -29.44 4.86
N ILE I 21 53.08 -29.31 5.36
CA ILE I 21 52.43 -30.34 6.16
C ILE I 21 51.14 -30.81 5.48
N THR I 22 50.99 -32.12 5.32
CA THR I 22 49.83 -32.68 4.62
C THR I 22 48.78 -33.24 5.59
N CYS I 23 47.49 -32.92 5.35
CA CYS I 23 46.35 -33.39 6.12
C CYS I 23 45.32 -34.01 5.18
N ARG I 24 44.92 -35.23 5.49
CA ARG I 24 43.99 -35.95 4.64
C ARG I 24 42.75 -36.46 5.34
N ALA I 25 41.63 -36.23 4.69
CA ALA I 25 40.36 -36.71 5.22
C ALA I 25 39.98 -38.01 4.56
N SER I 26 39.44 -38.96 5.31
CA SER I 26 38.96 -40.20 4.70
C SER I 26 37.71 -39.98 3.83
N GLN I 27 37.02 -38.88 4.06
CA GLN I 27 35.83 -38.48 3.31
C GLN I 27 35.92 -36.99 3.07
N SER I 28 35.33 -36.49 2.02
CA SER I 28 35.39 -35.05 1.81
C SER I 28 34.75 -34.26 2.93
N VAL I 29 35.42 -33.17 3.29
CA VAL I 29 34.95 -32.22 4.28
C VAL I 29 34.83 -30.83 3.67
N SER I 30 34.79 -30.78 2.34
CA SER I 30 34.70 -29.52 1.64
C SER I 30 35.85 -28.59 2.00
N SER I 31 35.52 -27.40 2.47
CA SER I 31 36.49 -26.39 2.85
C SER I 31 36.60 -26.23 4.35
N TYR I 32 35.90 -27.08 5.11
CA TYR I 32 35.84 -26.96 6.56
C TYR I 32 37.00 -27.63 7.26
N LEU I 33 38.20 -27.18 6.95
CA LEU I 33 39.36 -27.69 7.62
C LEU I 33 40.12 -26.50 8.18
N ASN I 34 40.36 -26.48 9.47
CA ASN I 34 41.11 -25.36 10.03
C ASN I 34 42.50 -25.88 10.47
N TRP I 35 43.41 -24.98 10.86
CA TRP I 35 44.75 -25.37 11.36
C TRP I 35 45.15 -24.58 12.62
N TYR I 36 45.87 -25.25 13.53
CA TYR I 36 46.38 -24.69 14.77
C TYR I 36 47.87 -24.87 14.97
N GLN I 37 48.50 -23.92 15.65
CA GLN I 37 49.91 -24.02 16.04
C GLN I 37 50.04 -24.14 17.54
N GLN I 38 50.49 -25.29 18.05
CA GLN I 38 50.64 -25.46 19.49
C GLN I 38 52.08 -25.42 19.93
N ARG I 39 52.39 -24.56 20.88
CA ARG I 39 53.77 -24.51 21.34
C ARG I 39 53.79 -25.40 22.56
N SER I 40 54.89 -26.08 22.84
CA SER I 40 54.86 -26.92 24.02
C SER I 40 54.61 -26.10 25.27
N GLY I 41 53.74 -26.61 26.13
CA GLY I 41 53.41 -25.97 27.40
C GLY I 41 52.30 -24.92 27.28
N LYS I 42 51.79 -24.68 26.08
CA LYS I 42 50.75 -23.68 25.87
C LYS I 42 49.55 -24.22 25.14
N ALA I 43 48.41 -23.54 25.29
CA ALA I 43 47.23 -23.93 24.57
C ALA I 43 47.47 -23.67 23.08
N PRO I 44 46.87 -24.45 22.15
CA PRO I 44 46.93 -24.25 20.72
C PRO I 44 46.41 -22.90 20.26
N ARG I 45 47.05 -22.33 19.25
CA ARG I 45 46.61 -21.07 18.69
C ARG I 45 46.05 -21.27 17.28
N LEU I 46 44.96 -20.62 16.94
CA LEU I 46 44.41 -20.77 15.60
C LEU I 46 45.21 -20.02 14.55
N LEU I 47 45.56 -20.73 13.46
CA LEU I 47 46.27 -20.13 12.34
C LEU I 47 45.38 -19.90 11.15
N ILE I 48 44.68 -20.96 10.77
CA ILE I 48 43.83 -20.99 9.60
C ILE I 48 42.43 -21.31 10.04
N TYR I 49 41.42 -20.54 9.65
CA TYR I 49 40.08 -20.90 10.12
C TYR I 49 39.25 -21.62 9.07
N THR I 50 39.53 -21.43 7.80
CA THR I 50 38.88 -22.24 6.75
C THR I 50 40.03 -22.52 5.82
N VAL I 51 39.94 -23.47 4.92
CA VAL I 51 41.13 -23.62 4.11
C VAL I 51 41.43 -22.31 3.39
N THR I 52 42.72 -21.93 3.42
CA THR I 52 43.37 -20.72 2.87
C THR I 52 43.18 -19.42 3.67
N ASN I 53 42.22 -19.37 4.59
CA ASN I 53 41.89 -18.15 5.33
C ASN I 53 42.57 -18.10 6.67
N PHE I 54 43.53 -17.18 6.83
CA PHE I 54 44.28 -17.11 8.09
C PHE I 54 43.75 -16.08 9.07
N GLN I 55 44.02 -16.34 10.34
CA GLN I 55 43.60 -15.50 11.43
C GLN I 55 44.40 -14.24 11.56
N SER I 56 43.75 -13.17 11.98
CA SER I 56 44.46 -11.93 12.16
C SER I 56 45.58 -12.14 13.17
N GLY I 57 46.74 -11.60 12.86
CA GLY I 57 47.91 -11.73 13.72
C GLY I 57 48.81 -12.87 13.27
N VAL I 58 48.31 -13.70 12.36
CA VAL I 58 49.06 -14.81 11.82
C VAL I 58 49.93 -14.27 10.71
N PRO I 59 51.23 -14.52 10.74
CA PRO I 59 52.16 -14.09 9.74
C PRO I 59 51.72 -14.58 8.37
N SER I 60 51.99 -13.77 7.35
CA SER I 60 51.62 -14.03 5.97
C SER I 60 52.34 -15.24 5.39
N ARG I 61 53.38 -15.70 6.08
CA ARG I 61 54.11 -16.86 5.68
C ARG I 61 53.26 -18.13 5.82
N PHE I 62 52.15 -18.08 6.58
CA PHE I 62 51.29 -19.25 6.72
C PHE I 62 50.17 -19.24 5.70
N SER I 63 50.25 -20.15 4.76
CA SER I 63 49.31 -20.19 3.67
C SER I 63 48.69 -21.55 3.47
N GLY I 64 47.39 -21.63 3.65
CA GLY I 64 46.70 -22.89 3.50
C GLY I 64 46.30 -23.09 2.04
N SER I 65 46.06 -24.34 1.66
CA SER I 65 45.56 -24.67 0.34
C SER I 65 44.89 -26.03 0.33
N GLY I 66 44.16 -26.33 -0.74
CA GLY I 66 43.56 -27.66 -0.89
C GLY I 66 42.06 -27.70 -0.79
N SER I 67 41.50 -28.90 -0.93
CA SER I 67 40.05 -29.09 -0.93
C SER I 67 39.56 -30.53 -0.79
N GLY I 68 38.43 -30.70 -0.12
CA GLY I 68 37.76 -31.98 -0.07
C GLY I 68 38.46 -32.94 0.83
N THR I 69 39.42 -33.65 0.27
CA THR I 69 40.14 -34.63 1.05
C THR I 69 41.59 -34.34 1.23
N ASP I 70 42.16 -33.48 0.42
CA ASP I 70 43.60 -33.25 0.50
C ASP I 70 43.96 -31.80 0.68
N PHE I 71 44.54 -31.53 1.86
CA PHE I 71 44.88 -30.18 2.26
C PHE I 71 46.33 -30.03 2.66
N THR I 72 46.87 -28.83 2.44
CA THR I 72 48.25 -28.53 2.83
C THR I 72 48.39 -27.23 3.62
N LEU I 73 49.26 -27.25 4.62
CA LEU I 73 49.65 -26.03 5.31
C LEU I 73 51.08 -25.71 4.92
N THR I 74 51.31 -24.56 4.32
CA THR I 74 52.65 -24.21 3.90
C THR I 74 53.23 -23.05 4.66
N ILE I 75 54.44 -23.20 5.16
CA ILE I 75 55.15 -22.12 5.80
C ILE I 75 56.15 -21.68 4.75
N SER I 76 55.98 -20.49 4.20
CA SER I 76 56.82 -20.12 3.08
C SER I 76 58.31 -20.00 3.40
N SER I 77 58.60 -19.60 4.63
CA SER I 77 59.97 -19.45 5.14
C SER I 77 59.94 -19.62 6.65
N LEU I 78 60.44 -20.76 7.12
CA LEU I 78 60.37 -21.11 8.53
C LEU I 78 61.12 -20.17 9.43
N GLN I 79 60.46 -19.72 10.50
CA GLN I 79 61.09 -18.82 11.46
C GLN I 79 61.38 -19.52 12.79
N PRO I 80 62.25 -18.98 13.67
CA PRO I 80 62.53 -19.50 15.01
C PRO I 80 61.28 -19.57 15.89
N GLU I 81 60.26 -18.82 15.49
CA GLU I 81 58.98 -18.74 16.17
C GLU I 81 58.04 -19.89 15.83
N ASP I 82 58.39 -20.68 14.83
CA ASP I 82 57.48 -21.70 14.32
C ASP I 82 57.77 -23.12 14.79
N PHE I 83 58.63 -23.29 15.76
CA PHE I 83 58.90 -24.65 16.17
C PHE I 83 57.81 -25.02 17.16
N ALA I 84 56.81 -25.66 16.56
CA ALA I 84 55.52 -26.00 17.12
C ALA I 84 54.94 -27.28 16.56
N THR I 85 53.92 -27.82 17.22
CA THR I 85 53.20 -28.97 16.69
C THR I 85 51.98 -28.44 15.98
N TYR I 86 51.82 -28.78 14.72
CA TYR I 86 50.69 -28.26 13.98
C TYR I 86 49.59 -29.26 13.88
N TYR I 87 48.36 -28.81 14.07
CA TYR I 87 47.21 -29.71 13.99
C TYR I 87 46.22 -29.18 12.99
N CYS I 88 45.52 -30.09 12.31
CA CYS I 88 44.42 -29.80 11.41
C CYS I 88 43.14 -30.30 12.09
N GLN I 89 42.00 -29.64 11.82
CA GLN I 89 40.71 -30.07 12.39
C GLN I 89 39.58 -30.01 11.39
N GLU I 90 38.81 -31.08 11.34
CA GLU I 90 37.69 -31.18 10.40
C GLU I 90 36.41 -30.87 11.08
N SER I 91 35.83 -29.74 10.74
CA SER I 91 34.65 -29.23 11.41
C SER I 91 33.37 -29.46 10.65
N TYR I 92 33.46 -30.25 9.59
CA TYR I 92 32.31 -30.59 8.78
C TYR I 92 31.33 -31.46 9.54
N THR I 93 31.84 -32.45 10.25
CA THR I 93 31.05 -33.41 11.02
C THR I 93 30.73 -32.97 12.42
N SER I 94 29.82 -33.69 13.08
CA SER I 94 29.43 -33.38 14.45
C SER I 94 30.56 -33.57 15.45
N ARG I 95 31.48 -34.48 15.16
CA ARG I 95 32.64 -34.69 16.02
C ARG I 95 33.78 -33.89 15.43
N LEU I 96 34.18 -32.84 16.11
CA LEU I 96 35.18 -31.95 15.55
C LEU I 96 36.55 -32.49 15.82
N THR I 97 36.94 -33.50 15.08
CA THR I 97 38.18 -34.18 15.40
C THR I 97 39.42 -33.50 14.85
N PHE I 98 40.53 -33.87 15.46
CA PHE I 98 41.85 -33.36 15.10
C PHE I 98 42.71 -34.44 14.50
N GLY I 99 43.67 -34.03 13.71
CA GLY I 99 44.63 -34.95 13.14
C GLY I 99 45.69 -35.28 14.19
N GLY I 100 46.66 -36.10 13.80
CA GLY I 100 47.71 -36.56 14.72
C GLY I 100 48.63 -35.49 15.25
N GLY I 101 48.92 -34.47 14.45
CA GLY I 101 49.82 -33.42 14.86
C GLY I 101 51.20 -33.61 14.23
N THR I 102 51.73 -32.57 13.61
CA THR I 102 53.05 -32.64 12.98
C THR I 102 54.05 -31.77 13.67
N LYS I 103 55.12 -32.37 14.13
CA LYS I 103 56.12 -31.58 14.84
C LYS I 103 57.19 -31.02 13.94
N VAL I 104 57.37 -29.71 14.00
CA VAL I 104 58.45 -29.13 13.21
C VAL I 104 59.64 -29.00 14.15
N GLU I 105 60.73 -29.64 13.75
CA GLU I 105 61.94 -29.71 14.57
C GLU I 105 63.05 -28.82 14.05
N ILE I 106 63.94 -28.42 14.93
CA ILE I 106 65.06 -27.58 14.50
C ILE I 106 66.18 -28.44 13.91
N LYS I 107 66.63 -28.10 12.67
CA LYS I 107 67.76 -28.75 11.97
C LYS I 107 69.06 -27.96 12.27
#